data_6H8E
# 
_entry.id   6H8E 
# 
_audit_conform.dict_name       mmcif_pdbx.dic 
_audit_conform.dict_version    5.383 
_audit_conform.dict_location   http://mmcif.pdb.org/dictionaries/ascii/mmcif_pdbx.dic 
# 
loop_
_database_2.database_id 
_database_2.database_code 
_database_2.pdbx_database_accession 
_database_2.pdbx_DOI 
PDB   6H8E         pdb_00006h8e 10.2210/pdb6h8e/pdb 
WWPDB D_1200011193 ?            ?                   
# 
loop_
_pdbx_audit_revision_history.ordinal 
_pdbx_audit_revision_history.data_content_type 
_pdbx_audit_revision_history.major_revision 
_pdbx_audit_revision_history.minor_revision 
_pdbx_audit_revision_history.revision_date 
1 'Structure model' 1 0 2018-11-21 
2 'Structure model' 1 1 2024-01-17 
# 
_pdbx_audit_revision_details.ordinal             1 
_pdbx_audit_revision_details.revision_ordinal    1 
_pdbx_audit_revision_details.data_content_type   'Structure model' 
_pdbx_audit_revision_details.provider            repository 
_pdbx_audit_revision_details.type                'Initial release' 
_pdbx_audit_revision_details.description         ? 
_pdbx_audit_revision_details.details             ? 
# 
loop_
_pdbx_audit_revision_group.ordinal 
_pdbx_audit_revision_group.revision_ordinal 
_pdbx_audit_revision_group.data_content_type 
_pdbx_audit_revision_group.group 
1 2 'Structure model' 'Data collection'        
2 2 'Structure model' 'Database references'    
3 2 'Structure model' 'Refinement description' 
# 
loop_
_pdbx_audit_revision_category.ordinal 
_pdbx_audit_revision_category.revision_ordinal 
_pdbx_audit_revision_category.data_content_type 
_pdbx_audit_revision_category.category 
1 2 'Structure model' chem_comp_atom                
2 2 'Structure model' chem_comp_bond                
3 2 'Structure model' database_2                    
4 2 'Structure model' pdbx_initial_refinement_model 
# 
loop_
_pdbx_audit_revision_item.ordinal 
_pdbx_audit_revision_item.revision_ordinal 
_pdbx_audit_revision_item.data_content_type 
_pdbx_audit_revision_item.item 
1 2 'Structure model' '_database_2.pdbx_DOI'                
2 2 'Structure model' '_database_2.pdbx_database_accession' 
# 
_pdbx_database_status.status_code                     REL 
_pdbx_database_status.status_code_sf                  REL 
_pdbx_database_status.status_code_mr                  ? 
_pdbx_database_status.entry_id                        6H8E 
_pdbx_database_status.recvd_initial_deposition_date   2018-08-02 
_pdbx_database_status.SG_entry                        N 
_pdbx_database_status.deposit_site                    PDBE 
_pdbx_database_status.process_site                    PDBE 
_pdbx_database_status.status_code_cs                  ? 
_pdbx_database_status.methods_development_category    ? 
_pdbx_database_status.pdb_format_compatible           Y 
_pdbx_database_status.status_code_nmr_data            ? 
# 
loop_
_pdbx_database_related.db_name 
_pdbx_database_related.details 
_pdbx_database_related.db_id 
_pdbx_database_related.content_type 
PDB 'Full C-terminal domain of TssA'                             6HS6 unspecified 
PDB 'N-terminal region within the same TssA protein'             6HS5 unspecified 
PDB 'Fragment of the C-terminal region of the same TssA protein' 6H8F unspecified 
# 
loop_
_audit_author.name 
_audit_author.pdbx_ordinal 
_audit_author.identifier_ORCID 
'Dix, S.R.'         1  0000-0002-6907-1435 
'Owen, H.J.'        2  ?                   
'Sun, R.'           3  ?                   
'Ahmad, A.'         4  ?                   
'Shastri, S.'       5  ?                   
'Spiewak, H.L.'     6  ?                   
'Mosby, D.J.'       7  ?                   
'Harris, M.J.'      8  ?                   
'Batters, S.L.'     9  ?                   
'Brooker, T.A.'     10 ?                   
'Tzokov, S.B.'      11 ?                   
'Sedelnikova, S.E.' 12 ?                   
'Baker, P.J.'       13 0000-0003-1995-5643 
'Bullough, P.A.'    14 ?                   
'Rice, D.W.'        15 0000-0002-7811-0539 
'Thomas, M.S.'      16 0000-0003-0701-2584 
# 
_citation.abstract                  ? 
_citation.abstract_id_CAS           ? 
_citation.book_id_ISBN              ? 
_citation.book_publisher            ? 
_citation.book_publisher_city       ? 
_citation.book_title                ? 
_citation.coordinate_linkage        ? 
_citation.country                   UK 
_citation.database_id_Medline       ? 
_citation.details                   ? 
_citation.id                        primary 
_citation.journal_abbrev            'Nat Commun' 
_citation.journal_id_ASTM           ? 
_citation.journal_id_CSD            ? 
_citation.journal_id_ISSN           2041-1723 
_citation.journal_full              ? 
_citation.journal_issue             ? 
_citation.journal_volume            9 
_citation.language                  ? 
_citation.page_first                4765 
_citation.page_last                 4765 
_citation.title                     'Structural insights into the function of type VI secretion system TssA subunits.' 
_citation.year                      2018 
_citation.database_id_CSD           ? 
_citation.pdbx_database_id_DOI      10.1038/s41467-018-07247-1 
_citation.pdbx_database_id_PubMed   30420757 
_citation.unpublished_flag          ? 
# 
loop_
_citation_author.citation_id 
_citation_author.name 
_citation_author.ordinal 
_citation_author.identifier_ORCID 
primary 'Dix, S.R.'         1  0000-0002-6907-1435 
primary 'Owen, H.J.'        2  ?                   
primary 'Sun, R.'           3  0000-0003-3192-7290 
primary 'Ahmad, A.'         4  ?                   
primary 'Shastri, S.'       5  ?                   
primary 'Spiewak, H.L.'     6  0000-0003-1039-5520 
primary 'Mosby, D.J.'       7  ?                   
primary 'Harris, M.J.'      8  ?                   
primary 'Batters, S.L.'     9  ?                   
primary 'Brooker, T.A.'     10 ?                   
primary 'Tzokov, S.B.'      11 0000-0001-7256-5279 
primary 'Sedelnikova, S.E.' 12 ?                   
primary 'Baker, P.J.'       13 0000-0003-1995-5643 
primary 'Bullough, P.A.'    14 ?                   
primary 'Rice, D.W.'        15 ?                   
primary 'Thomas, M.S.'      16 0000-0003-0701-2584 
# 
_entity.id                         1 
_entity.type                       polymer 
_entity.src_method                 man 
_entity.pdbx_description           'Type VI secretion protein ImpA' 
_entity.formula_weight             7874.806 
_entity.pdbx_number_of_molecules   2 
_entity.pdbx_ec                    ? 
_entity.pdbx_mutation              ? 
_entity.pdbx_fragment              ? 
_entity.details                    
;Purification by maltose binding protein cleaved after IEGR, followed by 6His tagRemaining tag residues ISHMSSHHHHHH-291-302Construct comprises residues 303-358 of 1-373
;
# 
_entity_name_com.entity_id   1 
_entity_name_com.name        'TssA, Type VI secretion system protein ImpA' 
# 
_entity_poly.entity_id                      1 
_entity_poly.type                           'polypeptide(L)' 
_entity_poly.nstd_linkage                   no 
_entity_poly.nstd_monomer                   no 
_entity_poly.pdbx_seq_one_letter_code       ISHMSSHHHHHHIQNRAQAVDQLRAVARYFRQTEPHSPVAYLADKAAEWADMPLHKWLESVVKDDGSL 
_entity_poly.pdbx_seq_one_letter_code_can   ISHMSSHHHHHHIQNRAQAVDQLRAVARYFRQTEPHSPVAYLADKAAEWADMPLHKWLESVVKDDGSL 
_entity_poly.pdbx_strand_id                 A,B 
_entity_poly.pdbx_target_identifier         ? 
# 
loop_
_entity_poly_seq.entity_id 
_entity_poly_seq.num 
_entity_poly_seq.mon_id 
_entity_poly_seq.hetero 
1 1  ILE n 
1 2  SER n 
1 3  HIS n 
1 4  MET n 
1 5  SER n 
1 6  SER n 
1 7  HIS n 
1 8  HIS n 
1 9  HIS n 
1 10 HIS n 
1 11 HIS n 
1 12 HIS n 
1 13 ILE n 
1 14 GLN n 
1 15 ASN n 
1 16 ARG n 
1 17 ALA n 
1 18 GLN n 
1 19 ALA n 
1 20 VAL n 
1 21 ASP n 
1 22 GLN n 
1 23 LEU n 
1 24 ARG n 
1 25 ALA n 
1 26 VAL n 
1 27 ALA n 
1 28 ARG n 
1 29 TYR n 
1 30 PHE n 
1 31 ARG n 
1 32 GLN n 
1 33 THR n 
1 34 GLU n 
1 35 PRO n 
1 36 HIS n 
1 37 SER n 
1 38 PRO n 
1 39 VAL n 
1 40 ALA n 
1 41 TYR n 
1 42 LEU n 
1 43 ALA n 
1 44 ASP n 
1 45 LYS n 
1 46 ALA n 
1 47 ALA n 
1 48 GLU n 
1 49 TRP n 
1 50 ALA n 
1 51 ASP n 
1 52 MET n 
1 53 PRO n 
1 54 LEU n 
1 55 HIS n 
1 56 LYS n 
1 57 TRP n 
1 58 LEU n 
1 59 GLU n 
1 60 SER n 
1 61 VAL n 
1 62 VAL n 
1 63 LYS n 
1 64 ASP n 
1 65 ASP n 
1 66 GLY n 
1 67 SER n 
1 68 LEU n 
# 
_entity_src_gen.entity_id                          1 
_entity_src_gen.pdbx_src_id                        1 
_entity_src_gen.pdbx_alt_source_flag               sample 
_entity_src_gen.pdbx_seq_type                      'Biological sequence' 
_entity_src_gen.pdbx_beg_seq_num                   1 
_entity_src_gen.pdbx_end_seq_num                   68 
_entity_src_gen.gene_src_common_name               ? 
_entity_src_gen.gene_src_genus                     ? 
_entity_src_gen.pdbx_gene_src_gene                 I35_RS01755 
_entity_src_gen.gene_src_species                   ? 
_entity_src_gen.gene_src_strain                    ? 
_entity_src_gen.gene_src_tissue                    ? 
_entity_src_gen.gene_src_tissue_fraction           ? 
_entity_src_gen.gene_src_details                   ? 
_entity_src_gen.pdbx_gene_src_fragment             ? 
_entity_src_gen.pdbx_gene_src_scientific_name      'Burkholderia cenocepacia H111' 
_entity_src_gen.pdbx_gene_src_ncbi_taxonomy_id     1055524 
_entity_src_gen.pdbx_gene_src_variant              ? 
_entity_src_gen.pdbx_gene_src_cell_line            ? 
_entity_src_gen.pdbx_gene_src_atcc                 ? 
_entity_src_gen.pdbx_gene_src_organ                ? 
_entity_src_gen.pdbx_gene_src_organelle            ? 
_entity_src_gen.pdbx_gene_src_cell                 ? 
_entity_src_gen.pdbx_gene_src_cellular_location    ? 
_entity_src_gen.host_org_common_name               ? 
_entity_src_gen.pdbx_host_org_scientific_name      'Escherichia coli' 
_entity_src_gen.pdbx_host_org_ncbi_taxonomy_id     562 
_entity_src_gen.host_org_genus                     ? 
_entity_src_gen.pdbx_host_org_gene                 ? 
_entity_src_gen.pdbx_host_org_organ                ? 
_entity_src_gen.host_org_species                   ? 
_entity_src_gen.pdbx_host_org_tissue               ? 
_entity_src_gen.pdbx_host_org_tissue_fraction      ? 
_entity_src_gen.pdbx_host_org_strain               ? 
_entity_src_gen.pdbx_host_org_variant              'NEB Express' 
_entity_src_gen.pdbx_host_org_cell_line            ? 
_entity_src_gen.pdbx_host_org_atcc                 ? 
_entity_src_gen.pdbx_host_org_culture_collection   ? 
_entity_src_gen.pdbx_host_org_cell                 ? 
_entity_src_gen.pdbx_host_org_organelle            ? 
_entity_src_gen.pdbx_host_org_cellular_location    ? 
_entity_src_gen.pdbx_host_org_vector_type          Plasmid 
_entity_src_gen.pdbx_host_org_vector               ? 
_entity_src_gen.host_org_details                   ? 
_entity_src_gen.expression_system_id               ? 
_entity_src_gen.plasmid_name                       pMAL-c5X 
_entity_src_gen.plasmid_details                    ? 
_entity_src_gen.pdbx_description                   ? 
# 
loop_
_chem_comp.id 
_chem_comp.type 
_chem_comp.mon_nstd_flag 
_chem_comp.name 
_chem_comp.pdbx_synonyms 
_chem_comp.formula 
_chem_comp.formula_weight 
ALA 'L-peptide linking' y ALANINE         ? 'C3 H7 N O2'     89.093  
ARG 'L-peptide linking' y ARGININE        ? 'C6 H15 N4 O2 1' 175.209 
ASN 'L-peptide linking' y ASPARAGINE      ? 'C4 H8 N2 O3'    132.118 
ASP 'L-peptide linking' y 'ASPARTIC ACID' ? 'C4 H7 N O4'     133.103 
GLN 'L-peptide linking' y GLUTAMINE       ? 'C5 H10 N2 O3'   146.144 
GLU 'L-peptide linking' y 'GLUTAMIC ACID' ? 'C5 H9 N O4'     147.129 
GLY 'peptide linking'   y GLYCINE         ? 'C2 H5 N O2'     75.067  
HIS 'L-peptide linking' y HISTIDINE       ? 'C6 H10 N3 O2 1' 156.162 
ILE 'L-peptide linking' y ISOLEUCINE      ? 'C6 H13 N O2'    131.173 
LEU 'L-peptide linking' y LEUCINE         ? 'C6 H13 N O2'    131.173 
LYS 'L-peptide linking' y LYSINE          ? 'C6 H15 N2 O2 1' 147.195 
MET 'L-peptide linking' y METHIONINE      ? 'C5 H11 N O2 S'  149.211 
PHE 'L-peptide linking' y PHENYLALANINE   ? 'C9 H11 N O2'    165.189 
PRO 'L-peptide linking' y PROLINE         ? 'C5 H9 N O2'     115.130 
SER 'L-peptide linking' y SERINE          ? 'C3 H7 N O3'     105.093 
THR 'L-peptide linking' y THREONINE       ? 'C4 H9 N O3'     119.119 
TRP 'L-peptide linking' y TRYPTOPHAN      ? 'C11 H12 N2 O2'  204.225 
TYR 'L-peptide linking' y TYROSINE        ? 'C9 H11 N O3'    181.189 
VAL 'L-peptide linking' y VALINE          ? 'C5 H11 N O2'    117.146 
# 
loop_
_pdbx_poly_seq_scheme.asym_id 
_pdbx_poly_seq_scheme.entity_id 
_pdbx_poly_seq_scheme.seq_id 
_pdbx_poly_seq_scheme.mon_id 
_pdbx_poly_seq_scheme.ndb_seq_num 
_pdbx_poly_seq_scheme.pdb_seq_num 
_pdbx_poly_seq_scheme.auth_seq_num 
_pdbx_poly_seq_scheme.pdb_mon_id 
_pdbx_poly_seq_scheme.auth_mon_id 
_pdbx_poly_seq_scheme.pdb_strand_id 
_pdbx_poly_seq_scheme.pdb_ins_code 
_pdbx_poly_seq_scheme.hetero 
A 1 1  ILE 1  291 ?   ?   ?   A . n 
A 1 2  SER 2  292 ?   ?   ?   A . n 
A 1 3  HIS 3  293 ?   ?   ?   A . n 
A 1 4  MET 4  294 ?   ?   ?   A . n 
A 1 5  SER 5  295 ?   ?   ?   A . n 
A 1 6  SER 6  296 ?   ?   ?   A . n 
A 1 7  HIS 7  297 ?   ?   ?   A . n 
A 1 8  HIS 8  298 ?   ?   ?   A . n 
A 1 9  HIS 9  299 ?   ?   ?   A . n 
A 1 10 HIS 10 300 ?   ?   ?   A . n 
A 1 11 HIS 11 301 ?   ?   ?   A . n 
A 1 12 HIS 12 302 302 HIS HIS A . n 
A 1 13 ILE 13 303 303 ILE ILE A . n 
A 1 14 GLN 14 304 304 GLN GLN A . n 
A 1 15 ASN 15 305 305 ASN ASN A . n 
A 1 16 ARG 16 306 306 ARG ARG A . n 
A 1 17 ALA 17 307 307 ALA ALA A . n 
A 1 18 GLN 18 308 308 GLN GLN A . n 
A 1 19 ALA 19 309 309 ALA ALA A . n 
A 1 20 VAL 20 310 310 VAL VAL A . n 
A 1 21 ASP 21 311 311 ASP ASP A . n 
A 1 22 GLN 22 312 312 GLN GLN A . n 
A 1 23 LEU 23 313 313 LEU LEU A . n 
A 1 24 ARG 24 314 314 ARG ARG A . n 
A 1 25 ALA 25 315 315 ALA ALA A . n 
A 1 26 VAL 26 316 316 VAL VAL A . n 
A 1 27 ALA 27 317 317 ALA ALA A . n 
A 1 28 ARG 28 318 318 ARG ARG A . n 
A 1 29 TYR 29 319 319 TYR TYR A . n 
A 1 30 PHE 30 320 320 PHE PHE A . n 
A 1 31 ARG 31 321 321 ARG ARG A . n 
A 1 32 GLN 32 322 322 GLN GLN A . n 
A 1 33 THR 33 323 323 THR THR A . n 
A 1 34 GLU 34 324 324 GLU GLU A . n 
A 1 35 PRO 35 325 325 PRO PRO A . n 
A 1 36 HIS 36 326 326 HIS HIS A . n 
A 1 37 SER 37 327 327 SER SER A . n 
A 1 38 PRO 38 328 328 PRO PRO A . n 
A 1 39 VAL 39 329 329 VAL VAL A . n 
A 1 40 ALA 40 330 330 ALA ALA A . n 
A 1 41 TYR 41 331 331 TYR TYR A . n 
A 1 42 LEU 42 332 332 LEU LEU A . n 
A 1 43 ALA 43 333 333 ALA ALA A . n 
A 1 44 ASP 44 334 334 ASP ASP A . n 
A 1 45 LYS 45 335 335 LYS LYS A . n 
A 1 46 ALA 46 336 336 ALA ALA A . n 
A 1 47 ALA 47 337 337 ALA ALA A . n 
A 1 48 GLU 48 338 338 GLU GLU A . n 
A 1 49 TRP 49 339 339 TRP TRP A . n 
A 1 50 ALA 50 340 340 ALA ALA A . n 
A 1 51 ASP 51 341 341 ASP ASP A . n 
A 1 52 MET 52 342 342 MET MET A . n 
A 1 53 PRO 53 343 343 PRO PRO A . n 
A 1 54 LEU 54 344 344 LEU LEU A . n 
A 1 55 HIS 55 345 345 HIS HIS A . n 
A 1 56 LYS 56 346 346 LYS LYS A . n 
A 1 57 TRP 57 347 347 TRP TRP A . n 
A 1 58 LEU 58 348 348 LEU LEU A . n 
A 1 59 GLU 59 349 349 GLU GLU A . n 
A 1 60 SER 60 350 350 SER SER A . n 
A 1 61 VAL 61 351 351 VAL VAL A . n 
A 1 62 VAL 62 352 352 VAL VAL A . n 
A 1 63 LYS 63 353 353 LYS LYS A . n 
A 1 64 ASP 64 354 354 ASP ASP A . n 
A 1 65 ASP 65 355 355 ASP ASP A . n 
A 1 66 GLY 66 356 356 GLY GLY A . n 
A 1 67 SER 67 357 357 SER SER A . n 
A 1 68 LEU 68 358 358 LEU LEU A . n 
B 1 1  ILE 1  291 ?   ?   ?   B . n 
B 1 2  SER 2  292 ?   ?   ?   B . n 
B 1 3  HIS 3  293 ?   ?   ?   B . n 
B 1 4  MET 4  294 ?   ?   ?   B . n 
B 1 5  SER 5  295 ?   ?   ?   B . n 
B 1 6  SER 6  296 ?   ?   ?   B . n 
B 1 7  HIS 7  297 ?   ?   ?   B . n 
B 1 8  HIS 8  298 ?   ?   ?   B . n 
B 1 9  HIS 9  299 ?   ?   ?   B . n 
B 1 10 HIS 10 300 ?   ?   ?   B . n 
B 1 11 HIS 11 301 ?   ?   ?   B . n 
B 1 12 HIS 12 302 302 HIS HIS B . n 
B 1 13 ILE 13 303 303 ILE ILE B . n 
B 1 14 GLN 14 304 304 GLN GLN B . n 
B 1 15 ASN 15 305 305 ASN ASN B . n 
B 1 16 ARG 16 306 306 ARG ARG B . n 
B 1 17 ALA 17 307 307 ALA ALA B . n 
B 1 18 GLN 18 308 308 GLN GLN B . n 
B 1 19 ALA 19 309 309 ALA ALA B . n 
B 1 20 VAL 20 310 310 VAL VAL B . n 
B 1 21 ASP 21 311 311 ASP ASP B . n 
B 1 22 GLN 22 312 312 GLN GLN B . n 
B 1 23 LEU 23 313 313 LEU LEU B . n 
B 1 24 ARG 24 314 314 ARG ARG B . n 
B 1 25 ALA 25 315 315 ALA ALA B . n 
B 1 26 VAL 26 316 316 VAL VAL B . n 
B 1 27 ALA 27 317 317 ALA ALA B . n 
B 1 28 ARG 28 318 318 ARG ARG B . n 
B 1 29 TYR 29 319 319 TYR TYR B . n 
B 1 30 PHE 30 320 320 PHE PHE B . n 
B 1 31 ARG 31 321 321 ARG ARG B . n 
B 1 32 GLN 32 322 322 GLN GLN B . n 
B 1 33 THR 33 323 323 THR THR B . n 
B 1 34 GLU 34 324 324 GLU GLU B . n 
B 1 35 PRO 35 325 325 PRO PRO B . n 
B 1 36 HIS 36 326 326 HIS HIS B . n 
B 1 37 SER 37 327 327 SER SER B . n 
B 1 38 PRO 38 328 328 PRO PRO B . n 
B 1 39 VAL 39 329 329 VAL VAL B . n 
B 1 40 ALA 40 330 330 ALA ALA B . n 
B 1 41 TYR 41 331 331 TYR TYR B . n 
B 1 42 LEU 42 332 332 LEU LEU B . n 
B 1 43 ALA 43 333 333 ALA ALA B . n 
B 1 44 ASP 44 334 334 ASP ASP B . n 
B 1 45 LYS 45 335 335 LYS LYS B . n 
B 1 46 ALA 46 336 336 ALA ALA B . n 
B 1 47 ALA 47 337 337 ALA ALA B . n 
B 1 48 GLU 48 338 338 GLU GLU B . n 
B 1 49 TRP 49 339 339 TRP TRP B . n 
B 1 50 ALA 50 340 340 ALA ALA B . n 
B 1 51 ASP 51 341 341 ASP ASP B . n 
B 1 52 MET 52 342 342 MET MET B . n 
B 1 53 PRO 53 343 343 PRO PRO B . n 
B 1 54 LEU 54 344 344 LEU LEU B . n 
B 1 55 HIS 55 345 345 HIS HIS B . n 
B 1 56 LYS 56 346 346 LYS LYS B . n 
B 1 57 TRP 57 347 347 TRP TRP B . n 
B 1 58 LEU 58 348 348 LEU LEU B . n 
B 1 59 GLU 59 349 349 GLU GLU B . n 
B 1 60 SER 60 350 350 SER SER B . n 
B 1 61 VAL 61 351 351 VAL VAL B . n 
B 1 62 VAL 62 352 352 VAL VAL B . n 
B 1 63 LYS 63 353 353 LYS LYS B . n 
B 1 64 ASP 64 354 354 ASP ASP B . n 
B 1 65 ASP 65 355 ?   ?   ?   B . n 
B 1 66 GLY 66 356 ?   ?   ?   B . n 
B 1 67 SER 67 357 ?   ?   ?   B . n 
B 1 68 LEU 68 358 ?   ?   ?   B . n 
# 
loop_
_software.citation_id 
_software.classification 
_software.compiler_name 
_software.compiler_version 
_software.contact_author 
_software.contact_author_email 
_software.date 
_software.description 
_software.dependencies 
_software.hardware 
_software.language 
_software.location 
_software.mods 
_software.name 
_software.os 
_software.os_version 
_software.type 
_software.version 
_software.pdbx_ordinal 
? refinement       ? ? ? ? ? ? ? ? ? ? ? REFMAC ? ? ? 5.8.0135 1 
? 'data reduction' ? ? ? ? ? ? ? ? ? ? ? xia2   ? ? ? .        2 
? 'data scaling'   ? ? ? ? ? ? ? ? ? ? ? xia2   ? ? ? .        3 
? phasing          ? ? ? ? ? ? ? ? ? ? ? PHASER ? ? ? .        4 
# 
_cell.angle_alpha                  90.00 
_cell.angle_alpha_esd              ? 
_cell.angle_beta                   90.00 
_cell.angle_beta_esd               ? 
_cell.angle_gamma                  120.00 
_cell.angle_gamma_esd              ? 
_cell.entry_id                     6H8E 
_cell.details                      ? 
_cell.formula_units_Z              ? 
_cell.length_a                     65.280 
_cell.length_a_esd                 ? 
_cell.length_b                     65.280 
_cell.length_b_esd                 ? 
_cell.length_c                     66.140 
_cell.length_c_esd                 ? 
_cell.volume                       ? 
_cell.volume_esd                   ? 
_cell.Z_PDB                        12 
_cell.reciprocal_angle_alpha       ? 
_cell.reciprocal_angle_beta        ? 
_cell.reciprocal_angle_gamma       ? 
_cell.reciprocal_angle_alpha_esd   ? 
_cell.reciprocal_angle_beta_esd    ? 
_cell.reciprocal_angle_gamma_esd   ? 
_cell.reciprocal_length_a          ? 
_cell.reciprocal_length_b          ? 
_cell.reciprocal_length_c          ? 
_cell.reciprocal_length_a_esd      ? 
_cell.reciprocal_length_b_esd      ? 
_cell.reciprocal_length_c_esd      ? 
_cell.pdbx_unique_axis             ? 
# 
_symmetry.entry_id                         6H8E 
_symmetry.cell_setting                     ? 
_symmetry.Int_Tables_number                171 
_symmetry.space_group_name_Hall            ? 
_symmetry.space_group_name_H-M             'P 62' 
_symmetry.pdbx_full_space_group_name_H-M   ? 
# 
_exptl.absorpt_coefficient_mu     ? 
_exptl.absorpt_correction_T_max   ? 
_exptl.absorpt_correction_T_min   ? 
_exptl.absorpt_correction_type    ? 
_exptl.absorpt_process_details    ? 
_exptl.entry_id                   6H8E 
_exptl.crystals_number            1 
_exptl.details                    ? 
_exptl.method                     'X-RAY DIFFRACTION' 
_exptl.method_details             ? 
# 
_exptl_crystal.colour                      ? 
_exptl_crystal.density_diffrn              ? 
_exptl_crystal.density_Matthews            2.58 
_exptl_crystal.density_method              ? 
_exptl_crystal.density_percent_sol         52.38 
_exptl_crystal.description                 ? 
_exptl_crystal.F_000                       ? 
_exptl_crystal.id                          1 
_exptl_crystal.preparation                 ? 
_exptl_crystal.size_max                    ? 
_exptl_crystal.size_mid                    ? 
_exptl_crystal.size_min                    ? 
_exptl_crystal.size_rad                    ? 
_exptl_crystal.colour_lustre               ? 
_exptl_crystal.colour_modifier             ? 
_exptl_crystal.colour_primary              ? 
_exptl_crystal.density_meas                ? 
_exptl_crystal.density_meas_esd            ? 
_exptl_crystal.density_meas_gt             ? 
_exptl_crystal.density_meas_lt             ? 
_exptl_crystal.density_meas_temp           ? 
_exptl_crystal.density_meas_temp_esd       ? 
_exptl_crystal.density_meas_temp_gt        ? 
_exptl_crystal.density_meas_temp_lt        ? 
_exptl_crystal.pdbx_crystal_image_url      ? 
_exptl_crystal.pdbx_crystal_image_format   ? 
_exptl_crystal.pdbx_mosaicity              ? 
_exptl_crystal.pdbx_mosaicity_esd          ? 
# 
_exptl_crystal_grow.apparatus       ? 
_exptl_crystal_grow.atmosphere      ? 
_exptl_crystal_grow.crystal_id      1 
_exptl_crystal_grow.details         ? 
_exptl_crystal_grow.method          'VAPOR DIFFUSION, SITTING DROP' 
_exptl_crystal_grow.method_ref      ? 
_exptl_crystal_grow.pH              ? 
_exptl_crystal_grow.pressure        ? 
_exptl_crystal_grow.pressure_esd    ? 
_exptl_crystal_grow.seeding         ? 
_exptl_crystal_grow.seeding_ref     ? 
_exptl_crystal_grow.temp            290 
_exptl_crystal_grow.temp_details    ? 
_exptl_crystal_grow.temp_esd        ? 
_exptl_crystal_grow.time            ? 
_exptl_crystal_grow.pdbx_details    '0.18 M tri-ammonium citrate, 20% (w/v) PEG3350' 
_exptl_crystal_grow.pdbx_pH_range   ? 
# 
_diffrn.ambient_environment              ? 
_diffrn.ambient_temp                     100 
_diffrn.ambient_temp_details             ? 
_diffrn.ambient_temp_esd                 ? 
_diffrn.crystal_id                       1 
_diffrn.crystal_support                  ? 
_diffrn.crystal_treatment                ? 
_diffrn.details                          ? 
_diffrn.id                               1 
_diffrn.ambient_pressure                 ? 
_diffrn.ambient_pressure_esd             ? 
_diffrn.ambient_pressure_gt              ? 
_diffrn.ambient_pressure_lt              ? 
_diffrn.ambient_temp_gt                  ? 
_diffrn.ambient_temp_lt                  ? 
_diffrn.pdbx_serial_crystal_experiment   ? 
# 
_diffrn_detector.details                      ? 
_diffrn_detector.detector                     PIXEL 
_diffrn_detector.diffrn_id                    1 
_diffrn_detector.type                         'DECTRIS PILATUS 6M-F' 
_diffrn_detector.area_resol_mean              ? 
_diffrn_detector.dtime                        ? 
_diffrn_detector.pdbx_frames_total            ? 
_diffrn_detector.pdbx_collection_time_total   ? 
_diffrn_detector.pdbx_collection_date         2014-12-03 
_diffrn_detector.pdbx_frequency               ? 
# 
_diffrn_radiation.collimation                      ? 
_diffrn_radiation.diffrn_id                        1 
_diffrn_radiation.filter_edge                      ? 
_diffrn_radiation.inhomogeneity                    ? 
_diffrn_radiation.monochromator                    ? 
_diffrn_radiation.polarisn_norm                    ? 
_diffrn_radiation.polarisn_ratio                   ? 
_diffrn_radiation.probe                            ? 
_diffrn_radiation.type                             ? 
_diffrn_radiation.xray_symbol                      ? 
_diffrn_radiation.wavelength_id                    1 
_diffrn_radiation.pdbx_monochromatic_or_laue_m_l   M 
_diffrn_radiation.pdbx_wavelength_list             ? 
_diffrn_radiation.pdbx_wavelength                  ? 
_diffrn_radiation.pdbx_diffrn_protocol             'SINGLE WAVELENGTH' 
_diffrn_radiation.pdbx_analyzer                    ? 
_diffrn_radiation.pdbx_scattering_type             x-ray 
# 
_diffrn_radiation_wavelength.id           1 
_diffrn_radiation_wavelength.wavelength   0.97943 
_diffrn_radiation_wavelength.wt           1.0 
# 
_diffrn_source.current                     ? 
_diffrn_source.details                     ? 
_diffrn_source.diffrn_id                   1 
_diffrn_source.power                       ? 
_diffrn_source.size                        ? 
_diffrn_source.source                      SYNCHROTRON 
_diffrn_source.target                      ? 
_diffrn_source.type                        'DIAMOND BEAMLINE I02' 
_diffrn_source.voltage                     ? 
_diffrn_source.take-off_angle              ? 
_diffrn_source.pdbx_wavelength_list        0.97943 
_diffrn_source.pdbx_wavelength             ? 
_diffrn_source.pdbx_synchrotron_beamline   I02 
_diffrn_source.pdbx_synchrotron_site       Diamond 
# 
_reflns.B_iso_Wilson_estimate            ? 
_reflns.entry_id                         6H8E 
_reflns.data_reduction_details           ? 
_reflns.data_reduction_method            ? 
_reflns.d_resolution_high                2.35 
_reflns.d_resolution_low                 42.97 
_reflns.details                          ? 
_reflns.limit_h_max                      ? 
_reflns.limit_h_min                      ? 
_reflns.limit_k_max                      ? 
_reflns.limit_k_min                      ? 
_reflns.limit_l_max                      ? 
_reflns.limit_l_min                      ? 
_reflns.number_all                       ? 
_reflns.number_obs                       6747 
_reflns.observed_criterion               ? 
_reflns.observed_criterion_F_max         ? 
_reflns.observed_criterion_F_min         ? 
_reflns.observed_criterion_I_max         ? 
_reflns.observed_criterion_I_min         ? 
_reflns.observed_criterion_sigma_F       ? 
_reflns.observed_criterion_sigma_I       ? 
_reflns.percent_possible_obs             99.9 
_reflns.R_free_details                   ? 
_reflns.Rmerge_F_all                     ? 
_reflns.Rmerge_F_obs                     ? 
_reflns.Friedel_coverage                 ? 
_reflns.number_gt                        ? 
_reflns.threshold_expression             ? 
_reflns.pdbx_redundancy                  8.5 
_reflns.pdbx_Rmerge_I_obs                0.094 
_reflns.pdbx_Rmerge_I_all                ? 
_reflns.pdbx_Rsym_value                  ? 
_reflns.pdbx_netI_over_av_sigmaI         ? 
_reflns.pdbx_netI_over_sigmaI            17.1 
_reflns.pdbx_res_netI_over_av_sigmaI_2   ? 
_reflns.pdbx_res_netI_over_sigmaI_2      ? 
_reflns.pdbx_chi_squared                 ? 
_reflns.pdbx_scaling_rejects             ? 
_reflns.pdbx_d_res_high_opt              ? 
_reflns.pdbx_d_res_low_opt               ? 
_reflns.pdbx_d_res_opt_method            ? 
_reflns.phase_calculation_details        ? 
_reflns.pdbx_Rrim_I_all                  ? 
_reflns.pdbx_Rpim_I_all                  0.037 
_reflns.pdbx_d_opt                       ? 
_reflns.pdbx_number_measured_all         ? 
_reflns.pdbx_diffrn_id                   1 
_reflns.pdbx_ordinal                     1 
_reflns.pdbx_CC_half                     ? 
_reflns.pdbx_R_split                     ? 
# 
_reflns_shell.d_res_high                  2.35 
_reflns_shell.d_res_low                   2.41 
_reflns_shell.meanI_over_sigI_all         ? 
_reflns_shell.meanI_over_sigI_obs         ? 
_reflns_shell.number_measured_all         ? 
_reflns_shell.number_measured_obs         4002 
_reflns_shell.number_possible             ? 
_reflns_shell.number_unique_all           492 
_reflns_shell.number_unique_obs           ? 
_reflns_shell.percent_possible_all        ? 
_reflns_shell.percent_possible_obs        ? 
_reflns_shell.Rmerge_F_all                ? 
_reflns_shell.Rmerge_F_obs                ? 
_reflns_shell.Rmerge_I_all                ? 
_reflns_shell.Rmerge_I_obs                0.713 
_reflns_shell.meanI_over_sigI_gt          ? 
_reflns_shell.meanI_over_uI_all           ? 
_reflns_shell.meanI_over_uI_gt            ? 
_reflns_shell.number_measured_gt          ? 
_reflns_shell.number_unique_gt            ? 
_reflns_shell.percent_possible_gt         ? 
_reflns_shell.Rmerge_F_gt                 ? 
_reflns_shell.Rmerge_I_gt                 ? 
_reflns_shell.pdbx_redundancy             ? 
_reflns_shell.pdbx_Rsym_value             ? 
_reflns_shell.pdbx_chi_squared            ? 
_reflns_shell.pdbx_netI_over_sigmaI_all   ? 
_reflns_shell.pdbx_netI_over_sigmaI_obs   ? 
_reflns_shell.pdbx_Rrim_I_all             ? 
_reflns_shell.pdbx_Rpim_I_all             0.286 
_reflns_shell.pdbx_rejects                ? 
_reflns_shell.pdbx_ordinal                1 
_reflns_shell.pdbx_diffrn_id              1 
_reflns_shell.pdbx_CC_half                ? 
_reflns_shell.pdbx_R_split                ? 
# 
_refine.aniso_B[1][1]                            1.48 
_refine.aniso_B[1][2]                            0.74 
_refine.aniso_B[1][3]                            0.00 
_refine.aniso_B[2][2]                            1.48 
_refine.aniso_B[2][3]                            0.00 
_refine.aniso_B[3][3]                            -4.80 
_refine.B_iso_max                                ? 
_refine.B_iso_mean                               45.245 
_refine.B_iso_min                                ? 
_refine.correlation_coeff_Fo_to_Fc               0.952 
_refine.correlation_coeff_Fo_to_Fc_free          0.926 
_refine.details                                  'HYDROGENS HAVE BEEN ADDED IN THE RIDING POSITIONS' 
_refine.diff_density_max                         ? 
_refine.diff_density_max_esd                     ? 
_refine.diff_density_min                         ? 
_refine.diff_density_min_esd                     ? 
_refine.diff_density_rms                         ? 
_refine.diff_density_rms_esd                     ? 
_refine.entry_id                                 6H8E 
_refine.pdbx_refine_id                           'X-RAY DIFFRACTION' 
_refine.ls_abs_structure_details                 ? 
_refine.ls_abs_structure_Flack                   ? 
_refine.ls_abs_structure_Flack_esd               ? 
_refine.ls_abs_structure_Rogers                  ? 
_refine.ls_abs_structure_Rogers_esd              ? 
_refine.ls_d_res_high                            2.35 
_refine.ls_d_res_low                             42.97 
_refine.ls_extinction_coef                       ? 
_refine.ls_extinction_coef_esd                   ? 
_refine.ls_extinction_expression                 ? 
_refine.ls_extinction_method                     ? 
_refine.ls_goodness_of_fit_all                   ? 
_refine.ls_goodness_of_fit_all_esd               ? 
_refine.ls_goodness_of_fit_obs                   ? 
_refine.ls_goodness_of_fit_obs_esd               ? 
_refine.ls_hydrogen_treatment                    ? 
_refine.ls_matrix_type                           ? 
_refine.ls_number_constraints                    ? 
_refine.ls_number_parameters                     ? 
_refine.ls_number_reflns_all                     ? 
_refine.ls_number_reflns_obs                     6372 
_refine.ls_number_reflns_R_free                  357 
_refine.ls_number_reflns_R_work                  ? 
_refine.ls_number_restraints                     ? 
_refine.ls_percent_reflns_obs                    99.85 
_refine.ls_percent_reflns_R_free                 5.3 
_refine.ls_R_factor_all                          ? 
_refine.ls_R_factor_obs                          0.19543 
_refine.ls_R_factor_R_free                       0.23694 
_refine.ls_R_factor_R_free_error                 ? 
_refine.ls_R_factor_R_free_error_details         ? 
_refine.ls_R_factor_R_work                       0.19307 
_refine.ls_R_Fsqd_factor_obs                     ? 
_refine.ls_R_I_factor_obs                        ? 
_refine.ls_redundancy_reflns_all                 ? 
_refine.ls_redundancy_reflns_obs                 ? 
_refine.ls_restrained_S_all                      ? 
_refine.ls_restrained_S_obs                      ? 
_refine.ls_shift_over_esd_max                    ? 
_refine.ls_shift_over_esd_mean                   ? 
_refine.ls_structure_factor_coef                 ? 
_refine.ls_weighting_details                     ? 
_refine.ls_weighting_scheme                      ? 
_refine.ls_wR_factor_all                         ? 
_refine.ls_wR_factor_obs                         ? 
_refine.ls_wR_factor_R_free                      ? 
_refine.ls_wR_factor_R_work                      ? 
_refine.occupancy_max                            ? 
_refine.occupancy_min                            ? 
_refine.solvent_model_details                    ? 
_refine.solvent_model_param_bsol                 ? 
_refine.solvent_model_param_ksol                 ? 
_refine.ls_R_factor_gt                           ? 
_refine.ls_goodness_of_fit_gt                    ? 
_refine.ls_goodness_of_fit_ref                   ? 
_refine.ls_shift_over_su_max                     ? 
_refine.ls_shift_over_su_max_lt                  ? 
_refine.ls_shift_over_su_mean                    ? 
_refine.ls_shift_over_su_mean_lt                 ? 
_refine.pdbx_ls_sigma_I                          ? 
_refine.pdbx_ls_sigma_F                          ? 
_refine.pdbx_ls_sigma_Fsqd                       ? 
_refine.pdbx_data_cutoff_high_absF               ? 
_refine.pdbx_data_cutoff_high_rms_absF           ? 
_refine.pdbx_data_cutoff_low_absF                ? 
_refine.pdbx_isotropic_thermal_model             ? 
_refine.pdbx_ls_cross_valid_method               THROUGHOUT 
_refine.pdbx_method_to_determine_struct          'MOLECULAR REPLACEMENT' 
_refine.pdbx_starting_model                      6H8F 
_refine.pdbx_stereochemistry_target_values       ? 
_refine.pdbx_R_Free_selection_details            RANDOM 
_refine.pdbx_stereochem_target_val_spec_case     ? 
_refine.pdbx_overall_ESU_R                       0.262 
_refine.pdbx_overall_ESU_R_Free                  0.213 
_refine.pdbx_solvent_vdw_probe_radii             1.20 
_refine.pdbx_solvent_ion_probe_radii             0.80 
_refine.pdbx_solvent_shrinkage_radii             0.80 
_refine.pdbx_real_space_R                        ? 
_refine.pdbx_density_correlation                 ? 
_refine.pdbx_pd_number_of_powder_patterns        ? 
_refine.pdbx_pd_number_of_points                 ? 
_refine.pdbx_pd_meas_number_of_points            ? 
_refine.pdbx_pd_proc_ls_prof_R_factor            ? 
_refine.pdbx_pd_proc_ls_prof_wR_factor           ? 
_refine.pdbx_pd_Marquardt_correlation_coeff      ? 
_refine.pdbx_pd_Fsqrd_R_factor                   ? 
_refine.pdbx_pd_ls_matrix_band_width             ? 
_refine.pdbx_overall_phase_error                 ? 
_refine.pdbx_overall_SU_R_free_Cruickshank_DPI   ? 
_refine.pdbx_overall_SU_R_free_Blow_DPI          ? 
_refine.pdbx_overall_SU_R_Blow_DPI               ? 
_refine.pdbx_TLS_residual_ADP_flag               ? 
_refine.pdbx_diffrn_id                           1 
_refine.overall_SU_B                             7.501 
_refine.overall_SU_ML                            0.173 
_refine.overall_SU_R_Cruickshank_DPI             ? 
_refine.overall_SU_R_free                        ? 
_refine.overall_FOM_free_R_set                   ? 
_refine.overall_FOM_work_R_set                   ? 
_refine.pdbx_average_fsc_overall                 ? 
_refine.pdbx_average_fsc_work                    ? 
_refine.pdbx_average_fsc_free                    ? 
# 
_refine_hist.pdbx_refine_id                   'X-RAY DIFFRACTION' 
_refine_hist.cycle_id                         1 
_refine_hist.pdbx_number_atoms_protein        897 
_refine_hist.pdbx_number_atoms_nucleic_acid   0 
_refine_hist.pdbx_number_atoms_ligand         0 
_refine_hist.number_atoms_solvent             0 
_refine_hist.number_atoms_total               897 
_refine_hist.d_res_high                       2.35 
_refine_hist.d_res_low                        42.97 
# 
loop_
_refine_ls_restr.pdbx_refine_id 
_refine_ls_restr.criterion 
_refine_ls_restr.dev_ideal 
_refine_ls_restr.dev_ideal_target 
_refine_ls_restr.number 
_refine_ls_restr.rejects 
_refine_ls_restr.type 
_refine_ls_restr.weight 
_refine_ls_restr.pdbx_restraint_function 
'X-RAY DIFFRACTION' ? 0.013  0.019  921  ? r_bond_refined_d             ? ? 
'X-RAY DIFFRACTION' ? 0.001  0.020  868  ? r_bond_other_d               ? ? 
'X-RAY DIFFRACTION' ? 1.432  1.919  1253 ? r_angle_refined_deg          ? ? 
'X-RAY DIFFRACTION' ? 0.972  3.000  1984 ? r_angle_other_deg            ? ? 
'X-RAY DIFFRACTION' ? 6.202  5.000  108  ? r_dihedral_angle_1_deg       ? ? 
'X-RAY DIFFRACTION' ? 33.997 23.469 49   ? r_dihedral_angle_2_deg       ? ? 
'X-RAY DIFFRACTION' ? 15.269 15.000 148  ? r_dihedral_angle_3_deg       ? ? 
'X-RAY DIFFRACTION' ? 17.084 15.000 8    ? r_dihedral_angle_4_deg       ? ? 
'X-RAY DIFFRACTION' ? 0.085  0.200  132  ? r_chiral_restr               ? ? 
'X-RAY DIFFRACTION' ? 0.006  0.021  1048 ? r_gen_planes_refined         ? ? 
'X-RAY DIFFRACTION' ? 0.001  0.020  228  ? r_gen_planes_other           ? ? 
'X-RAY DIFFRACTION' ? ?      ?      ?    ? r_nbd_refined                ? ? 
'X-RAY DIFFRACTION' ? ?      ?      ?    ? r_nbd_other                  ? ? 
'X-RAY DIFFRACTION' ? ?      ?      ?    ? r_nbtor_refined              ? ? 
'X-RAY DIFFRACTION' ? ?      ?      ?    ? r_nbtor_other                ? ? 
'X-RAY DIFFRACTION' ? ?      ?      ?    ? r_xyhbond_nbd_refined        ? ? 
'X-RAY DIFFRACTION' ? ?      ?      ?    ? r_xyhbond_nbd_other          ? ? 
'X-RAY DIFFRACTION' ? ?      ?      ?    ? r_metal_ion_refined          ? ? 
'X-RAY DIFFRACTION' ? ?      ?      ?    ? r_metal_ion_other            ? ? 
'X-RAY DIFFRACTION' ? ?      ?      ?    ? r_symmetry_vdw_refined       ? ? 
'X-RAY DIFFRACTION' ? ?      ?      ?    ? r_symmetry_vdw_other         ? ? 
'X-RAY DIFFRACTION' ? ?      ?      ?    ? r_symmetry_hbond_refined     ? ? 
'X-RAY DIFFRACTION' ? ?      ?      ?    ? r_symmetry_hbond_other       ? ? 
'X-RAY DIFFRACTION' ? ?      ?      ?    ? r_symmetry_metal_ion_refined ? ? 
'X-RAY DIFFRACTION' ? ?      ?      ?    ? r_symmetry_metal_ion_other   ? ? 
'X-RAY DIFFRACTION' ? 3.109  4.056  438  ? r_mcbond_it                  ? ? 
'X-RAY DIFFRACTION' ? 3.109  4.047  437  ? r_mcbond_other               ? ? 
'X-RAY DIFFRACTION' ? 4.916  6.051  544  ? r_mcangle_it                 ? ? 
'X-RAY DIFFRACTION' ? 4.911  6.063  545  ? r_mcangle_other              ? ? 
'X-RAY DIFFRACTION' ? 4.261  4.813  482  ? r_scbond_it                  ? ? 
'X-RAY DIFFRACTION' ? 4.243  4.795  480  ? r_scbond_other               ? ? 
'X-RAY DIFFRACTION' ? ?      ?      ?    ? r_scangle_it                 ? ? 
'X-RAY DIFFRACTION' ? 6.796  6.940  709  ? r_scangle_other              ? ? 
'X-RAY DIFFRACTION' ? 8.730  32.557 1034 ? r_long_range_B_refined       ? ? 
'X-RAY DIFFRACTION' ? 8.728  32.556 1034 ? r_long_range_B_other         ? ? 
'X-RAY DIFFRACTION' ? ?      ?      ?    ? r_rigid_bond_restr           ? ? 
'X-RAY DIFFRACTION' ? ?      ?      ?    ? r_sphericity_free            ? ? 
'X-RAY DIFFRACTION' ? ?      ?      ?    ? r_sphericity_bonded          ? ? 
# 
_refine_ls_shell.pdbx_refine_id                   'X-RAY DIFFRACTION' 
_refine_ls_shell.d_res_high                       2.350 
_refine_ls_shell.d_res_low                        2.411 
_refine_ls_shell.number_reflns_all                ? 
_refine_ls_shell.number_reflns_obs                ? 
_refine_ls_shell.number_reflns_R_free             18 
_refine_ls_shell.number_reflns_R_work             468 
_refine_ls_shell.percent_reflns_obs               99.39 
_refine_ls_shell.percent_reflns_R_free            ? 
_refine_ls_shell.R_factor_all                     ? 
_refine_ls_shell.R_factor_obs                     ? 
_refine_ls_shell.R_factor_R_free                  0.329 
_refine_ls_shell.R_factor_R_free_error            ? 
_refine_ls_shell.R_factor_R_work                  0.272 
_refine_ls_shell.redundancy_reflns_all            ? 
_refine_ls_shell.redundancy_reflns_obs            ? 
_refine_ls_shell.wR_factor_all                    ? 
_refine_ls_shell.wR_factor_obs                    ? 
_refine_ls_shell.wR_factor_R_free                 ? 
_refine_ls_shell.wR_factor_R_work                 ? 
_refine_ls_shell.pdbx_total_number_of_bins_used   20 
_refine_ls_shell.pdbx_phase_error                 ? 
_refine_ls_shell.pdbx_fsc_work                    ? 
_refine_ls_shell.pdbx_fsc_free                    ? 
# 
_struct.entry_id                     6H8E 
_struct.title                        
'Truncated derivative of the C-terminal domain of the TssA component of the type VI secretion system from Burkholderia cenocepacia' 
_struct.pdbx_model_details           ? 
_struct.pdbx_formula_weight          ? 
_struct.pdbx_formula_weight_method   ? 
_struct.pdbx_model_type_details      ? 
_struct.pdbx_CASP_flag               N 
# 
_struct_keywords.entry_id        6H8E 
_struct_keywords.text            'alpha-helical protein, type VI secretion system component, TssA, transport protein' 
_struct_keywords.pdbx_keywords   'TRANSPORT PROTEIN' 
# 
loop_
_struct_asym.id 
_struct_asym.pdbx_blank_PDB_chainid_flag 
_struct_asym.pdbx_modified 
_struct_asym.entity_id 
_struct_asym.details 
A N N 1 ? 
B N N 1 ? 
# 
_struct_ref.id                         1 
_struct_ref.db_name                    UNP 
_struct_ref.db_code                    A0A1V2W6E8_9BURK 
_struct_ref.pdbx_db_accession          A0A1V2W6E8 
_struct_ref.pdbx_db_isoform            ? 
_struct_ref.entity_id                  1 
_struct_ref.pdbx_seq_one_letter_code   IQNRAQAVDQLRAVARYFRQTEPHSPVAYLADKAAEWADMPLHKWLESVVKDDGSL 
_struct_ref.pdbx_align_begin           303 
# 
loop_
_struct_ref_seq.align_id 
_struct_ref_seq.ref_id 
_struct_ref_seq.pdbx_PDB_id_code 
_struct_ref_seq.pdbx_strand_id 
_struct_ref_seq.seq_align_beg 
_struct_ref_seq.pdbx_seq_align_beg_ins_code 
_struct_ref_seq.seq_align_end 
_struct_ref_seq.pdbx_seq_align_end_ins_code 
_struct_ref_seq.pdbx_db_accession 
_struct_ref_seq.db_align_beg 
_struct_ref_seq.pdbx_db_align_beg_ins_code 
_struct_ref_seq.db_align_end 
_struct_ref_seq.pdbx_db_align_end_ins_code 
_struct_ref_seq.pdbx_auth_seq_align_beg 
_struct_ref_seq.pdbx_auth_seq_align_end 
1 1 6H8E A 13 ? 68 ? A0A1V2W6E8 303 ? 358 ? 303 358 
2 1 6H8E B 13 ? 68 ? A0A1V2W6E8 303 ? 358 ? 303 358 
# 
loop_
_struct_ref_seq_dif.align_id 
_struct_ref_seq_dif.pdbx_pdb_id_code 
_struct_ref_seq_dif.mon_id 
_struct_ref_seq_dif.pdbx_pdb_strand_id 
_struct_ref_seq_dif.seq_num 
_struct_ref_seq_dif.pdbx_pdb_ins_code 
_struct_ref_seq_dif.pdbx_seq_db_name 
_struct_ref_seq_dif.pdbx_seq_db_accession_code 
_struct_ref_seq_dif.db_mon_id 
_struct_ref_seq_dif.pdbx_seq_db_seq_num 
_struct_ref_seq_dif.details 
_struct_ref_seq_dif.pdbx_auth_seq_num 
_struct_ref_seq_dif.pdbx_ordinal 
1 6H8E ILE A 1  ? UNP A0A1V2W6E8 ? ? 'expression tag' 291 1  
1 6H8E SER A 2  ? UNP A0A1V2W6E8 ? ? 'expression tag' 292 2  
1 6H8E HIS A 3  ? UNP A0A1V2W6E8 ? ? 'expression tag' 293 3  
1 6H8E MET A 4  ? UNP A0A1V2W6E8 ? ? 'expression tag' 294 4  
1 6H8E SER A 5  ? UNP A0A1V2W6E8 ? ? 'expression tag' 295 5  
1 6H8E SER A 6  ? UNP A0A1V2W6E8 ? ? 'expression tag' 296 6  
1 6H8E HIS A 7  ? UNP A0A1V2W6E8 ? ? 'expression tag' 297 7  
1 6H8E HIS A 8  ? UNP A0A1V2W6E8 ? ? 'expression tag' 298 8  
1 6H8E HIS A 9  ? UNP A0A1V2W6E8 ? ? 'expression tag' 299 9  
1 6H8E HIS A 10 ? UNP A0A1V2W6E8 ? ? 'expression tag' 300 10 
1 6H8E HIS A 11 ? UNP A0A1V2W6E8 ? ? 'expression tag' 301 11 
1 6H8E HIS A 12 ? UNP A0A1V2W6E8 ? ? 'expression tag' 302 12 
2 6H8E ILE B 1  ? UNP A0A1V2W6E8 ? ? 'expression tag' 291 13 
2 6H8E SER B 2  ? UNP A0A1V2W6E8 ? ? 'expression tag' 292 14 
2 6H8E HIS B 3  ? UNP A0A1V2W6E8 ? ? 'expression tag' 293 15 
2 6H8E MET B 4  ? UNP A0A1V2W6E8 ? ? 'expression tag' 294 16 
2 6H8E SER B 5  ? UNP A0A1V2W6E8 ? ? 'expression tag' 295 17 
2 6H8E SER B 6  ? UNP A0A1V2W6E8 ? ? 'expression tag' 296 18 
2 6H8E HIS B 7  ? UNP A0A1V2W6E8 ? ? 'expression tag' 297 19 
2 6H8E HIS B 8  ? UNP A0A1V2W6E8 ? ? 'expression tag' 298 20 
2 6H8E HIS B 9  ? UNP A0A1V2W6E8 ? ? 'expression tag' 299 21 
2 6H8E HIS B 10 ? UNP A0A1V2W6E8 ? ? 'expression tag' 300 22 
2 6H8E HIS B 11 ? UNP A0A1V2W6E8 ? ? 'expression tag' 301 23 
2 6H8E HIS B 12 ? UNP A0A1V2W6E8 ? ? 'expression tag' 302 24 
# 
_pdbx_struct_assembly.id                   1 
_pdbx_struct_assembly.details              author_and_software_defined_assembly 
_pdbx_struct_assembly.method_details       PISA 
_pdbx_struct_assembly.oligomeric_details   dimeric 
_pdbx_struct_assembly.oligomeric_count     2 
# 
loop_
_pdbx_struct_assembly_prop.biol_id 
_pdbx_struct_assembly_prop.type 
_pdbx_struct_assembly_prop.value 
_pdbx_struct_assembly_prop.details 
1 'ABSA (A^2)' 1860 ? 
1 MORE         -19  ? 
1 'SSA (A^2)'  7810 ? 
# 
_pdbx_struct_assembly_gen.assembly_id       1 
_pdbx_struct_assembly_gen.oper_expression   1 
_pdbx_struct_assembly_gen.asym_id_list      A,B 
# 
_pdbx_struct_assembly_auth_evidence.id                     1 
_pdbx_struct_assembly_auth_evidence.assembly_id            1 
_pdbx_struct_assembly_auth_evidence.experimental_support   none 
_pdbx_struct_assembly_auth_evidence.details                ? 
# 
_pdbx_struct_oper_list.id                   1 
_pdbx_struct_oper_list.type                 'identity operation' 
_pdbx_struct_oper_list.name                 1_555 
_pdbx_struct_oper_list.symmetry_operation   x,y,z 
_pdbx_struct_oper_list.matrix[1][1]         1.0000000000 
_pdbx_struct_oper_list.matrix[1][2]         0.0000000000 
_pdbx_struct_oper_list.matrix[1][3]         0.0000000000 
_pdbx_struct_oper_list.vector[1]            0.0000000000 
_pdbx_struct_oper_list.matrix[2][1]         0.0000000000 
_pdbx_struct_oper_list.matrix[2][2]         1.0000000000 
_pdbx_struct_oper_list.matrix[2][3]         0.0000000000 
_pdbx_struct_oper_list.vector[2]            0.0000000000 
_pdbx_struct_oper_list.matrix[3][1]         0.0000000000 
_pdbx_struct_oper_list.matrix[3][2]         0.0000000000 
_pdbx_struct_oper_list.matrix[3][3]         1.0000000000 
_pdbx_struct_oper_list.vector[3]            0.0000000000 
# 
loop_
_struct_conf.conf_type_id 
_struct_conf.id 
_struct_conf.pdbx_PDB_helix_id 
_struct_conf.beg_label_comp_id 
_struct_conf.beg_label_asym_id 
_struct_conf.beg_label_seq_id 
_struct_conf.pdbx_beg_PDB_ins_code 
_struct_conf.end_label_comp_id 
_struct_conf.end_label_asym_id 
_struct_conf.end_label_seq_id 
_struct_conf.pdbx_end_PDB_ins_code 
_struct_conf.beg_auth_comp_id 
_struct_conf.beg_auth_asym_id 
_struct_conf.beg_auth_seq_id 
_struct_conf.end_auth_comp_id 
_struct_conf.end_auth_asym_id 
_struct_conf.end_auth_seq_id 
_struct_conf.pdbx_PDB_helix_class 
_struct_conf.details 
_struct_conf.pdbx_PDB_helix_length 
HELX_P HELX_P1 AA1 ASN A 15 ? GLU A 34 ? ASN A 305 GLU A 324 1 ? 20 
HELX_P HELX_P2 AA2 SER A 37 ? ALA A 50 ? SER A 327 ALA A 340 1 ? 14 
HELX_P HELX_P3 AA3 MET A 52 ? GLY A 66 ? MET A 342 GLY A 356 1 ? 15 
HELX_P HELX_P4 AA4 ASN B 15 ? GLU B 34 ? ASN B 305 GLU B 324 1 ? 20 
HELX_P HELX_P5 AA5 SER B 37 ? ALA B 50 ? SER B 327 ALA B 340 1 ? 14 
HELX_P HELX_P6 AA6 PRO B 53 ? VAL B 61 ? PRO B 343 VAL B 351 1 ? 9  
# 
_struct_conf_type.id          HELX_P 
_struct_conf_type.criteria    ? 
_struct_conf_type.reference   ? 
# 
_pdbx_validate_rmsd_angle.id                         1 
_pdbx_validate_rmsd_angle.PDB_model_num              1 
_pdbx_validate_rmsd_angle.auth_atom_id_1             CB 
_pdbx_validate_rmsd_angle.auth_asym_id_1             B 
_pdbx_validate_rmsd_angle.auth_comp_id_1             ASP 
_pdbx_validate_rmsd_angle.auth_seq_id_1              341 
_pdbx_validate_rmsd_angle.PDB_ins_code_1             ? 
_pdbx_validate_rmsd_angle.label_alt_id_1             ? 
_pdbx_validate_rmsd_angle.auth_atom_id_2             CG 
_pdbx_validate_rmsd_angle.auth_asym_id_2             B 
_pdbx_validate_rmsd_angle.auth_comp_id_2             ASP 
_pdbx_validate_rmsd_angle.auth_seq_id_2              341 
_pdbx_validate_rmsd_angle.PDB_ins_code_2             ? 
_pdbx_validate_rmsd_angle.label_alt_id_2             ? 
_pdbx_validate_rmsd_angle.auth_atom_id_3             OD1 
_pdbx_validate_rmsd_angle.auth_asym_id_3             B 
_pdbx_validate_rmsd_angle.auth_comp_id_3             ASP 
_pdbx_validate_rmsd_angle.auth_seq_id_3              341 
_pdbx_validate_rmsd_angle.PDB_ins_code_3             ? 
_pdbx_validate_rmsd_angle.label_alt_id_3             ? 
_pdbx_validate_rmsd_angle.angle_value                123.87 
_pdbx_validate_rmsd_angle.angle_target_value         118.30 
_pdbx_validate_rmsd_angle.angle_deviation            5.57 
_pdbx_validate_rmsd_angle.angle_standard_deviation   0.90 
_pdbx_validate_rmsd_angle.linker_flag                N 
# 
loop_
_pdbx_unobs_or_zero_occ_residues.id 
_pdbx_unobs_or_zero_occ_residues.PDB_model_num 
_pdbx_unobs_or_zero_occ_residues.polymer_flag 
_pdbx_unobs_or_zero_occ_residues.occupancy_flag 
_pdbx_unobs_or_zero_occ_residues.auth_asym_id 
_pdbx_unobs_or_zero_occ_residues.auth_comp_id 
_pdbx_unobs_or_zero_occ_residues.auth_seq_id 
_pdbx_unobs_or_zero_occ_residues.PDB_ins_code 
_pdbx_unobs_or_zero_occ_residues.label_asym_id 
_pdbx_unobs_or_zero_occ_residues.label_comp_id 
_pdbx_unobs_or_zero_occ_residues.label_seq_id 
1  1 Y 1 A ILE 291 ? A ILE 1  
2  1 Y 1 A SER 292 ? A SER 2  
3  1 Y 1 A HIS 293 ? A HIS 3  
4  1 Y 1 A MET 294 ? A MET 4  
5  1 Y 1 A SER 295 ? A SER 5  
6  1 Y 1 A SER 296 ? A SER 6  
7  1 Y 1 A HIS 297 ? A HIS 7  
8  1 Y 1 A HIS 298 ? A HIS 8  
9  1 Y 1 A HIS 299 ? A HIS 9  
10 1 Y 1 A HIS 300 ? A HIS 10 
11 1 Y 1 A HIS 301 ? A HIS 11 
12 1 Y 1 B ILE 291 ? B ILE 1  
13 1 Y 1 B SER 292 ? B SER 2  
14 1 Y 1 B HIS 293 ? B HIS 3  
15 1 Y 1 B MET 294 ? B MET 4  
16 1 Y 1 B SER 295 ? B SER 5  
17 1 Y 1 B SER 296 ? B SER 6  
18 1 Y 1 B HIS 297 ? B HIS 7  
19 1 Y 1 B HIS 298 ? B HIS 8  
20 1 Y 1 B HIS 299 ? B HIS 9  
21 1 Y 1 B HIS 300 ? B HIS 10 
22 1 Y 1 B HIS 301 ? B HIS 11 
23 1 Y 1 B ASP 355 ? B ASP 65 
24 1 Y 1 B GLY 356 ? B GLY 66 
25 1 Y 1 B SER 357 ? B SER 67 
26 1 Y 1 B LEU 358 ? B LEU 68 
# 
loop_
_chem_comp_atom.comp_id 
_chem_comp_atom.atom_id 
_chem_comp_atom.type_symbol 
_chem_comp_atom.pdbx_aromatic_flag 
_chem_comp_atom.pdbx_stereo_config 
_chem_comp_atom.pdbx_ordinal 
ALA N    N N N 1   
ALA CA   C N S 2   
ALA C    C N N 3   
ALA O    O N N 4   
ALA CB   C N N 5   
ALA OXT  O N N 6   
ALA H    H N N 7   
ALA H2   H N N 8   
ALA HA   H N N 9   
ALA HB1  H N N 10  
ALA HB2  H N N 11  
ALA HB3  H N N 12  
ALA HXT  H N N 13  
ARG N    N N N 14  
ARG CA   C N S 15  
ARG C    C N N 16  
ARG O    O N N 17  
ARG CB   C N N 18  
ARG CG   C N N 19  
ARG CD   C N N 20  
ARG NE   N N N 21  
ARG CZ   C N N 22  
ARG NH1  N N N 23  
ARG NH2  N N N 24  
ARG OXT  O N N 25  
ARG H    H N N 26  
ARG H2   H N N 27  
ARG HA   H N N 28  
ARG HB2  H N N 29  
ARG HB3  H N N 30  
ARG HG2  H N N 31  
ARG HG3  H N N 32  
ARG HD2  H N N 33  
ARG HD3  H N N 34  
ARG HE   H N N 35  
ARG HH11 H N N 36  
ARG HH12 H N N 37  
ARG HH21 H N N 38  
ARG HH22 H N N 39  
ARG HXT  H N N 40  
ASN N    N N N 41  
ASN CA   C N S 42  
ASN C    C N N 43  
ASN O    O N N 44  
ASN CB   C N N 45  
ASN CG   C N N 46  
ASN OD1  O N N 47  
ASN ND2  N N N 48  
ASN OXT  O N N 49  
ASN H    H N N 50  
ASN H2   H N N 51  
ASN HA   H N N 52  
ASN HB2  H N N 53  
ASN HB3  H N N 54  
ASN HD21 H N N 55  
ASN HD22 H N N 56  
ASN HXT  H N N 57  
ASP N    N N N 58  
ASP CA   C N S 59  
ASP C    C N N 60  
ASP O    O N N 61  
ASP CB   C N N 62  
ASP CG   C N N 63  
ASP OD1  O N N 64  
ASP OD2  O N N 65  
ASP OXT  O N N 66  
ASP H    H N N 67  
ASP H2   H N N 68  
ASP HA   H N N 69  
ASP HB2  H N N 70  
ASP HB3  H N N 71  
ASP HD2  H N N 72  
ASP HXT  H N N 73  
GLN N    N N N 74  
GLN CA   C N S 75  
GLN C    C N N 76  
GLN O    O N N 77  
GLN CB   C N N 78  
GLN CG   C N N 79  
GLN CD   C N N 80  
GLN OE1  O N N 81  
GLN NE2  N N N 82  
GLN OXT  O N N 83  
GLN H    H N N 84  
GLN H2   H N N 85  
GLN HA   H N N 86  
GLN HB2  H N N 87  
GLN HB3  H N N 88  
GLN HG2  H N N 89  
GLN HG3  H N N 90  
GLN HE21 H N N 91  
GLN HE22 H N N 92  
GLN HXT  H N N 93  
GLU N    N N N 94  
GLU CA   C N S 95  
GLU C    C N N 96  
GLU O    O N N 97  
GLU CB   C N N 98  
GLU CG   C N N 99  
GLU CD   C N N 100 
GLU OE1  O N N 101 
GLU OE2  O N N 102 
GLU OXT  O N N 103 
GLU H    H N N 104 
GLU H2   H N N 105 
GLU HA   H N N 106 
GLU HB2  H N N 107 
GLU HB3  H N N 108 
GLU HG2  H N N 109 
GLU HG3  H N N 110 
GLU HE2  H N N 111 
GLU HXT  H N N 112 
GLY N    N N N 113 
GLY CA   C N N 114 
GLY C    C N N 115 
GLY O    O N N 116 
GLY OXT  O N N 117 
GLY H    H N N 118 
GLY H2   H N N 119 
GLY HA2  H N N 120 
GLY HA3  H N N 121 
GLY HXT  H N N 122 
HIS N    N N N 123 
HIS CA   C N S 124 
HIS C    C N N 125 
HIS O    O N N 126 
HIS CB   C N N 127 
HIS CG   C Y N 128 
HIS ND1  N Y N 129 
HIS CD2  C Y N 130 
HIS CE1  C Y N 131 
HIS NE2  N Y N 132 
HIS OXT  O N N 133 
HIS H    H N N 134 
HIS H2   H N N 135 
HIS HA   H N N 136 
HIS HB2  H N N 137 
HIS HB3  H N N 138 
HIS HD1  H N N 139 
HIS HD2  H N N 140 
HIS HE1  H N N 141 
HIS HE2  H N N 142 
HIS HXT  H N N 143 
ILE N    N N N 144 
ILE CA   C N S 145 
ILE C    C N N 146 
ILE O    O N N 147 
ILE CB   C N S 148 
ILE CG1  C N N 149 
ILE CG2  C N N 150 
ILE CD1  C N N 151 
ILE OXT  O N N 152 
ILE H    H N N 153 
ILE H2   H N N 154 
ILE HA   H N N 155 
ILE HB   H N N 156 
ILE HG12 H N N 157 
ILE HG13 H N N 158 
ILE HG21 H N N 159 
ILE HG22 H N N 160 
ILE HG23 H N N 161 
ILE HD11 H N N 162 
ILE HD12 H N N 163 
ILE HD13 H N N 164 
ILE HXT  H N N 165 
LEU N    N N N 166 
LEU CA   C N S 167 
LEU C    C N N 168 
LEU O    O N N 169 
LEU CB   C N N 170 
LEU CG   C N N 171 
LEU CD1  C N N 172 
LEU CD2  C N N 173 
LEU OXT  O N N 174 
LEU H    H N N 175 
LEU H2   H N N 176 
LEU HA   H N N 177 
LEU HB2  H N N 178 
LEU HB3  H N N 179 
LEU HG   H N N 180 
LEU HD11 H N N 181 
LEU HD12 H N N 182 
LEU HD13 H N N 183 
LEU HD21 H N N 184 
LEU HD22 H N N 185 
LEU HD23 H N N 186 
LEU HXT  H N N 187 
LYS N    N N N 188 
LYS CA   C N S 189 
LYS C    C N N 190 
LYS O    O N N 191 
LYS CB   C N N 192 
LYS CG   C N N 193 
LYS CD   C N N 194 
LYS CE   C N N 195 
LYS NZ   N N N 196 
LYS OXT  O N N 197 
LYS H    H N N 198 
LYS H2   H N N 199 
LYS HA   H N N 200 
LYS HB2  H N N 201 
LYS HB3  H N N 202 
LYS HG2  H N N 203 
LYS HG3  H N N 204 
LYS HD2  H N N 205 
LYS HD3  H N N 206 
LYS HE2  H N N 207 
LYS HE3  H N N 208 
LYS HZ1  H N N 209 
LYS HZ2  H N N 210 
LYS HZ3  H N N 211 
LYS HXT  H N N 212 
MET N    N N N 213 
MET CA   C N S 214 
MET C    C N N 215 
MET O    O N N 216 
MET CB   C N N 217 
MET CG   C N N 218 
MET SD   S N N 219 
MET CE   C N N 220 
MET OXT  O N N 221 
MET H    H N N 222 
MET H2   H N N 223 
MET HA   H N N 224 
MET HB2  H N N 225 
MET HB3  H N N 226 
MET HG2  H N N 227 
MET HG3  H N N 228 
MET HE1  H N N 229 
MET HE2  H N N 230 
MET HE3  H N N 231 
MET HXT  H N N 232 
PHE N    N N N 233 
PHE CA   C N S 234 
PHE C    C N N 235 
PHE O    O N N 236 
PHE CB   C N N 237 
PHE CG   C Y N 238 
PHE CD1  C Y N 239 
PHE CD2  C Y N 240 
PHE CE1  C Y N 241 
PHE CE2  C Y N 242 
PHE CZ   C Y N 243 
PHE OXT  O N N 244 
PHE H    H N N 245 
PHE H2   H N N 246 
PHE HA   H N N 247 
PHE HB2  H N N 248 
PHE HB3  H N N 249 
PHE HD1  H N N 250 
PHE HD2  H N N 251 
PHE HE1  H N N 252 
PHE HE2  H N N 253 
PHE HZ   H N N 254 
PHE HXT  H N N 255 
PRO N    N N N 256 
PRO CA   C N S 257 
PRO C    C N N 258 
PRO O    O N N 259 
PRO CB   C N N 260 
PRO CG   C N N 261 
PRO CD   C N N 262 
PRO OXT  O N N 263 
PRO H    H N N 264 
PRO HA   H N N 265 
PRO HB2  H N N 266 
PRO HB3  H N N 267 
PRO HG2  H N N 268 
PRO HG3  H N N 269 
PRO HD2  H N N 270 
PRO HD3  H N N 271 
PRO HXT  H N N 272 
SER N    N N N 273 
SER CA   C N S 274 
SER C    C N N 275 
SER O    O N N 276 
SER CB   C N N 277 
SER OG   O N N 278 
SER OXT  O N N 279 
SER H    H N N 280 
SER H2   H N N 281 
SER HA   H N N 282 
SER HB2  H N N 283 
SER HB3  H N N 284 
SER HG   H N N 285 
SER HXT  H N N 286 
THR N    N N N 287 
THR CA   C N S 288 
THR C    C N N 289 
THR O    O N N 290 
THR CB   C N R 291 
THR OG1  O N N 292 
THR CG2  C N N 293 
THR OXT  O N N 294 
THR H    H N N 295 
THR H2   H N N 296 
THR HA   H N N 297 
THR HB   H N N 298 
THR HG1  H N N 299 
THR HG21 H N N 300 
THR HG22 H N N 301 
THR HG23 H N N 302 
THR HXT  H N N 303 
TRP N    N N N 304 
TRP CA   C N S 305 
TRP C    C N N 306 
TRP O    O N N 307 
TRP CB   C N N 308 
TRP CG   C Y N 309 
TRP CD1  C Y N 310 
TRP CD2  C Y N 311 
TRP NE1  N Y N 312 
TRP CE2  C Y N 313 
TRP CE3  C Y N 314 
TRP CZ2  C Y N 315 
TRP CZ3  C Y N 316 
TRP CH2  C Y N 317 
TRP OXT  O N N 318 
TRP H    H N N 319 
TRP H2   H N N 320 
TRP HA   H N N 321 
TRP HB2  H N N 322 
TRP HB3  H N N 323 
TRP HD1  H N N 324 
TRP HE1  H N N 325 
TRP HE3  H N N 326 
TRP HZ2  H N N 327 
TRP HZ3  H N N 328 
TRP HH2  H N N 329 
TRP HXT  H N N 330 
TYR N    N N N 331 
TYR CA   C N S 332 
TYR C    C N N 333 
TYR O    O N N 334 
TYR CB   C N N 335 
TYR CG   C Y N 336 
TYR CD1  C Y N 337 
TYR CD2  C Y N 338 
TYR CE1  C Y N 339 
TYR CE2  C Y N 340 
TYR CZ   C Y N 341 
TYR OH   O N N 342 
TYR OXT  O N N 343 
TYR H    H N N 344 
TYR H2   H N N 345 
TYR HA   H N N 346 
TYR HB2  H N N 347 
TYR HB3  H N N 348 
TYR HD1  H N N 349 
TYR HD2  H N N 350 
TYR HE1  H N N 351 
TYR HE2  H N N 352 
TYR HH   H N N 353 
TYR HXT  H N N 354 
VAL N    N N N 355 
VAL CA   C N S 356 
VAL C    C N N 357 
VAL O    O N N 358 
VAL CB   C N N 359 
VAL CG1  C N N 360 
VAL CG2  C N N 361 
VAL OXT  O N N 362 
VAL H    H N N 363 
VAL H2   H N N 364 
VAL HA   H N N 365 
VAL HB   H N N 366 
VAL HG11 H N N 367 
VAL HG12 H N N 368 
VAL HG13 H N N 369 
VAL HG21 H N N 370 
VAL HG22 H N N 371 
VAL HG23 H N N 372 
VAL HXT  H N N 373 
# 
loop_
_chem_comp_bond.comp_id 
_chem_comp_bond.atom_id_1 
_chem_comp_bond.atom_id_2 
_chem_comp_bond.value_order 
_chem_comp_bond.pdbx_aromatic_flag 
_chem_comp_bond.pdbx_stereo_config 
_chem_comp_bond.pdbx_ordinal 
ALA N   CA   sing N N 1   
ALA N   H    sing N N 2   
ALA N   H2   sing N N 3   
ALA CA  C    sing N N 4   
ALA CA  CB   sing N N 5   
ALA CA  HA   sing N N 6   
ALA C   O    doub N N 7   
ALA C   OXT  sing N N 8   
ALA CB  HB1  sing N N 9   
ALA CB  HB2  sing N N 10  
ALA CB  HB3  sing N N 11  
ALA OXT HXT  sing N N 12  
ARG N   CA   sing N N 13  
ARG N   H    sing N N 14  
ARG N   H2   sing N N 15  
ARG CA  C    sing N N 16  
ARG CA  CB   sing N N 17  
ARG CA  HA   sing N N 18  
ARG C   O    doub N N 19  
ARG C   OXT  sing N N 20  
ARG CB  CG   sing N N 21  
ARG CB  HB2  sing N N 22  
ARG CB  HB3  sing N N 23  
ARG CG  CD   sing N N 24  
ARG CG  HG2  sing N N 25  
ARG CG  HG3  sing N N 26  
ARG CD  NE   sing N N 27  
ARG CD  HD2  sing N N 28  
ARG CD  HD3  sing N N 29  
ARG NE  CZ   sing N N 30  
ARG NE  HE   sing N N 31  
ARG CZ  NH1  sing N N 32  
ARG CZ  NH2  doub N N 33  
ARG NH1 HH11 sing N N 34  
ARG NH1 HH12 sing N N 35  
ARG NH2 HH21 sing N N 36  
ARG NH2 HH22 sing N N 37  
ARG OXT HXT  sing N N 38  
ASN N   CA   sing N N 39  
ASN N   H    sing N N 40  
ASN N   H2   sing N N 41  
ASN CA  C    sing N N 42  
ASN CA  CB   sing N N 43  
ASN CA  HA   sing N N 44  
ASN C   O    doub N N 45  
ASN C   OXT  sing N N 46  
ASN CB  CG   sing N N 47  
ASN CB  HB2  sing N N 48  
ASN CB  HB3  sing N N 49  
ASN CG  OD1  doub N N 50  
ASN CG  ND2  sing N N 51  
ASN ND2 HD21 sing N N 52  
ASN ND2 HD22 sing N N 53  
ASN OXT HXT  sing N N 54  
ASP N   CA   sing N N 55  
ASP N   H    sing N N 56  
ASP N   H2   sing N N 57  
ASP CA  C    sing N N 58  
ASP CA  CB   sing N N 59  
ASP CA  HA   sing N N 60  
ASP C   O    doub N N 61  
ASP C   OXT  sing N N 62  
ASP CB  CG   sing N N 63  
ASP CB  HB2  sing N N 64  
ASP CB  HB3  sing N N 65  
ASP CG  OD1  doub N N 66  
ASP CG  OD2  sing N N 67  
ASP OD2 HD2  sing N N 68  
ASP OXT HXT  sing N N 69  
GLN N   CA   sing N N 70  
GLN N   H    sing N N 71  
GLN N   H2   sing N N 72  
GLN CA  C    sing N N 73  
GLN CA  CB   sing N N 74  
GLN CA  HA   sing N N 75  
GLN C   O    doub N N 76  
GLN C   OXT  sing N N 77  
GLN CB  CG   sing N N 78  
GLN CB  HB2  sing N N 79  
GLN CB  HB3  sing N N 80  
GLN CG  CD   sing N N 81  
GLN CG  HG2  sing N N 82  
GLN CG  HG3  sing N N 83  
GLN CD  OE1  doub N N 84  
GLN CD  NE2  sing N N 85  
GLN NE2 HE21 sing N N 86  
GLN NE2 HE22 sing N N 87  
GLN OXT HXT  sing N N 88  
GLU N   CA   sing N N 89  
GLU N   H    sing N N 90  
GLU N   H2   sing N N 91  
GLU CA  C    sing N N 92  
GLU CA  CB   sing N N 93  
GLU CA  HA   sing N N 94  
GLU C   O    doub N N 95  
GLU C   OXT  sing N N 96  
GLU CB  CG   sing N N 97  
GLU CB  HB2  sing N N 98  
GLU CB  HB3  sing N N 99  
GLU CG  CD   sing N N 100 
GLU CG  HG2  sing N N 101 
GLU CG  HG3  sing N N 102 
GLU CD  OE1  doub N N 103 
GLU CD  OE2  sing N N 104 
GLU OE2 HE2  sing N N 105 
GLU OXT HXT  sing N N 106 
GLY N   CA   sing N N 107 
GLY N   H    sing N N 108 
GLY N   H2   sing N N 109 
GLY CA  C    sing N N 110 
GLY CA  HA2  sing N N 111 
GLY CA  HA3  sing N N 112 
GLY C   O    doub N N 113 
GLY C   OXT  sing N N 114 
GLY OXT HXT  sing N N 115 
HIS N   CA   sing N N 116 
HIS N   H    sing N N 117 
HIS N   H2   sing N N 118 
HIS CA  C    sing N N 119 
HIS CA  CB   sing N N 120 
HIS CA  HA   sing N N 121 
HIS C   O    doub N N 122 
HIS C   OXT  sing N N 123 
HIS CB  CG   sing N N 124 
HIS CB  HB2  sing N N 125 
HIS CB  HB3  sing N N 126 
HIS CG  ND1  sing Y N 127 
HIS CG  CD2  doub Y N 128 
HIS ND1 CE1  doub Y N 129 
HIS ND1 HD1  sing N N 130 
HIS CD2 NE2  sing Y N 131 
HIS CD2 HD2  sing N N 132 
HIS CE1 NE2  sing Y N 133 
HIS CE1 HE1  sing N N 134 
HIS NE2 HE2  sing N N 135 
HIS OXT HXT  sing N N 136 
ILE N   CA   sing N N 137 
ILE N   H    sing N N 138 
ILE N   H2   sing N N 139 
ILE CA  C    sing N N 140 
ILE CA  CB   sing N N 141 
ILE CA  HA   sing N N 142 
ILE C   O    doub N N 143 
ILE C   OXT  sing N N 144 
ILE CB  CG1  sing N N 145 
ILE CB  CG2  sing N N 146 
ILE CB  HB   sing N N 147 
ILE CG1 CD1  sing N N 148 
ILE CG1 HG12 sing N N 149 
ILE CG1 HG13 sing N N 150 
ILE CG2 HG21 sing N N 151 
ILE CG2 HG22 sing N N 152 
ILE CG2 HG23 sing N N 153 
ILE CD1 HD11 sing N N 154 
ILE CD1 HD12 sing N N 155 
ILE CD1 HD13 sing N N 156 
ILE OXT HXT  sing N N 157 
LEU N   CA   sing N N 158 
LEU N   H    sing N N 159 
LEU N   H2   sing N N 160 
LEU CA  C    sing N N 161 
LEU CA  CB   sing N N 162 
LEU CA  HA   sing N N 163 
LEU C   O    doub N N 164 
LEU C   OXT  sing N N 165 
LEU CB  CG   sing N N 166 
LEU CB  HB2  sing N N 167 
LEU CB  HB3  sing N N 168 
LEU CG  CD1  sing N N 169 
LEU CG  CD2  sing N N 170 
LEU CG  HG   sing N N 171 
LEU CD1 HD11 sing N N 172 
LEU CD1 HD12 sing N N 173 
LEU CD1 HD13 sing N N 174 
LEU CD2 HD21 sing N N 175 
LEU CD2 HD22 sing N N 176 
LEU CD2 HD23 sing N N 177 
LEU OXT HXT  sing N N 178 
LYS N   CA   sing N N 179 
LYS N   H    sing N N 180 
LYS N   H2   sing N N 181 
LYS CA  C    sing N N 182 
LYS CA  CB   sing N N 183 
LYS CA  HA   sing N N 184 
LYS C   O    doub N N 185 
LYS C   OXT  sing N N 186 
LYS CB  CG   sing N N 187 
LYS CB  HB2  sing N N 188 
LYS CB  HB3  sing N N 189 
LYS CG  CD   sing N N 190 
LYS CG  HG2  sing N N 191 
LYS CG  HG3  sing N N 192 
LYS CD  CE   sing N N 193 
LYS CD  HD2  sing N N 194 
LYS CD  HD3  sing N N 195 
LYS CE  NZ   sing N N 196 
LYS CE  HE2  sing N N 197 
LYS CE  HE3  sing N N 198 
LYS NZ  HZ1  sing N N 199 
LYS NZ  HZ2  sing N N 200 
LYS NZ  HZ3  sing N N 201 
LYS OXT HXT  sing N N 202 
MET N   CA   sing N N 203 
MET N   H    sing N N 204 
MET N   H2   sing N N 205 
MET CA  C    sing N N 206 
MET CA  CB   sing N N 207 
MET CA  HA   sing N N 208 
MET C   O    doub N N 209 
MET C   OXT  sing N N 210 
MET CB  CG   sing N N 211 
MET CB  HB2  sing N N 212 
MET CB  HB3  sing N N 213 
MET CG  SD   sing N N 214 
MET CG  HG2  sing N N 215 
MET CG  HG3  sing N N 216 
MET SD  CE   sing N N 217 
MET CE  HE1  sing N N 218 
MET CE  HE2  sing N N 219 
MET CE  HE3  sing N N 220 
MET OXT HXT  sing N N 221 
PHE N   CA   sing N N 222 
PHE N   H    sing N N 223 
PHE N   H2   sing N N 224 
PHE CA  C    sing N N 225 
PHE CA  CB   sing N N 226 
PHE CA  HA   sing N N 227 
PHE C   O    doub N N 228 
PHE C   OXT  sing N N 229 
PHE CB  CG   sing N N 230 
PHE CB  HB2  sing N N 231 
PHE CB  HB3  sing N N 232 
PHE CG  CD1  doub Y N 233 
PHE CG  CD2  sing Y N 234 
PHE CD1 CE1  sing Y N 235 
PHE CD1 HD1  sing N N 236 
PHE CD2 CE2  doub Y N 237 
PHE CD2 HD2  sing N N 238 
PHE CE1 CZ   doub Y N 239 
PHE CE1 HE1  sing N N 240 
PHE CE2 CZ   sing Y N 241 
PHE CE2 HE2  sing N N 242 
PHE CZ  HZ   sing N N 243 
PHE OXT HXT  sing N N 244 
PRO N   CA   sing N N 245 
PRO N   CD   sing N N 246 
PRO N   H    sing N N 247 
PRO CA  C    sing N N 248 
PRO CA  CB   sing N N 249 
PRO CA  HA   sing N N 250 
PRO C   O    doub N N 251 
PRO C   OXT  sing N N 252 
PRO CB  CG   sing N N 253 
PRO CB  HB2  sing N N 254 
PRO CB  HB3  sing N N 255 
PRO CG  CD   sing N N 256 
PRO CG  HG2  sing N N 257 
PRO CG  HG3  sing N N 258 
PRO CD  HD2  sing N N 259 
PRO CD  HD3  sing N N 260 
PRO OXT HXT  sing N N 261 
SER N   CA   sing N N 262 
SER N   H    sing N N 263 
SER N   H2   sing N N 264 
SER CA  C    sing N N 265 
SER CA  CB   sing N N 266 
SER CA  HA   sing N N 267 
SER C   O    doub N N 268 
SER C   OXT  sing N N 269 
SER CB  OG   sing N N 270 
SER CB  HB2  sing N N 271 
SER CB  HB3  sing N N 272 
SER OG  HG   sing N N 273 
SER OXT HXT  sing N N 274 
THR N   CA   sing N N 275 
THR N   H    sing N N 276 
THR N   H2   sing N N 277 
THR CA  C    sing N N 278 
THR CA  CB   sing N N 279 
THR CA  HA   sing N N 280 
THR C   O    doub N N 281 
THR C   OXT  sing N N 282 
THR CB  OG1  sing N N 283 
THR CB  CG2  sing N N 284 
THR CB  HB   sing N N 285 
THR OG1 HG1  sing N N 286 
THR CG2 HG21 sing N N 287 
THR CG2 HG22 sing N N 288 
THR CG2 HG23 sing N N 289 
THR OXT HXT  sing N N 290 
TRP N   CA   sing N N 291 
TRP N   H    sing N N 292 
TRP N   H2   sing N N 293 
TRP CA  C    sing N N 294 
TRP CA  CB   sing N N 295 
TRP CA  HA   sing N N 296 
TRP C   O    doub N N 297 
TRP C   OXT  sing N N 298 
TRP CB  CG   sing N N 299 
TRP CB  HB2  sing N N 300 
TRP CB  HB3  sing N N 301 
TRP CG  CD1  doub Y N 302 
TRP CG  CD2  sing Y N 303 
TRP CD1 NE1  sing Y N 304 
TRP CD1 HD1  sing N N 305 
TRP CD2 CE2  doub Y N 306 
TRP CD2 CE3  sing Y N 307 
TRP NE1 CE2  sing Y N 308 
TRP NE1 HE1  sing N N 309 
TRP CE2 CZ2  sing Y N 310 
TRP CE3 CZ3  doub Y N 311 
TRP CE3 HE3  sing N N 312 
TRP CZ2 CH2  doub Y N 313 
TRP CZ2 HZ2  sing N N 314 
TRP CZ3 CH2  sing Y N 315 
TRP CZ3 HZ3  sing N N 316 
TRP CH2 HH2  sing N N 317 
TRP OXT HXT  sing N N 318 
TYR N   CA   sing N N 319 
TYR N   H    sing N N 320 
TYR N   H2   sing N N 321 
TYR CA  C    sing N N 322 
TYR CA  CB   sing N N 323 
TYR CA  HA   sing N N 324 
TYR C   O    doub N N 325 
TYR C   OXT  sing N N 326 
TYR CB  CG   sing N N 327 
TYR CB  HB2  sing N N 328 
TYR CB  HB3  sing N N 329 
TYR CG  CD1  doub Y N 330 
TYR CG  CD2  sing Y N 331 
TYR CD1 CE1  sing Y N 332 
TYR CD1 HD1  sing N N 333 
TYR CD2 CE2  doub Y N 334 
TYR CD2 HD2  sing N N 335 
TYR CE1 CZ   doub Y N 336 
TYR CE1 HE1  sing N N 337 
TYR CE2 CZ   sing Y N 338 
TYR CE2 HE2  sing N N 339 
TYR CZ  OH   sing N N 340 
TYR OH  HH   sing N N 341 
TYR OXT HXT  sing N N 342 
VAL N   CA   sing N N 343 
VAL N   H    sing N N 344 
VAL N   H2   sing N N 345 
VAL CA  C    sing N N 346 
VAL CA  CB   sing N N 347 
VAL CA  HA   sing N N 348 
VAL C   O    doub N N 349 
VAL C   OXT  sing N N 350 
VAL CB  CG1  sing N N 351 
VAL CB  CG2  sing N N 352 
VAL CB  HB   sing N N 353 
VAL CG1 HG11 sing N N 354 
VAL CG1 HG12 sing N N 355 
VAL CG1 HG13 sing N N 356 
VAL CG2 HG21 sing N N 357 
VAL CG2 HG22 sing N N 358 
VAL CG2 HG23 sing N N 359 
VAL OXT HXT  sing N N 360 
# 
loop_
_pdbx_audit_support.funding_organization 
_pdbx_audit_support.country 
_pdbx_audit_support.grant_number 
_pdbx_audit_support.ordinal 
'Biotechnology and Biological Sciences Research Council' 'United Kingdom' BB/J014443/1 1 
'Biotechnology and Biological Sciences Research Council' 'United Kingdom' BB/F016840/1 2 
'Higher Education Funding Council for England'           'United Kingdom' R/151699     3 
# 
_pdbx_initial_refinement_model.id               1 
_pdbx_initial_refinement_model.entity_id_list   ? 
_pdbx_initial_refinement_model.type             'experimental model' 
_pdbx_initial_refinement_model.source_name      PDB 
_pdbx_initial_refinement_model.accession_code   6H8F 
_pdbx_initial_refinement_model.details          ? 
# 
_atom_sites.entry_id                    6H8E 
_atom_sites.fract_transf_matrix[1][1]   0.00243433 
_atom_sites.fract_transf_matrix[1][2]   0.01557036 
_atom_sites.fract_transf_matrix[1][3]   0.00803280 
_atom_sites.fract_transf_matrix[2][1]   0.01210738 
_atom_sites.fract_transf_matrix[2][2]   0.01133015 
_atom_sites.fract_transf_matrix[2][3]   -0.00615667 
_atom_sites.fract_transf_matrix[3][1]   -0.01042710 
_atom_sites.fract_transf_matrix[3][2]   0.00626290 
_atom_sites.fract_transf_matrix[3][3]   -0.00897975 
_atom_sites.fract_transf_vector[1]      0.251766 
_atom_sites.fract_transf_vector[2]      -0.226638 
_atom_sites.fract_transf_vector[3]      0.143106 
# 
loop_
_atom_type.symbol 
C 
N 
O 
S 
# 
loop_
_atom_site.group_PDB 
_atom_site.id 
_atom_site.type_symbol 
_atom_site.label_atom_id 
_atom_site.label_alt_id 
_atom_site.label_comp_id 
_atom_site.label_asym_id 
_atom_site.label_entity_id 
_atom_site.label_seq_id 
_atom_site.pdbx_PDB_ins_code 
_atom_site.Cartn_x 
_atom_site.Cartn_y 
_atom_site.Cartn_z 
_atom_site.occupancy 
_atom_site.B_iso_or_equiv 
_atom_site.pdbx_formal_charge 
_atom_site.auth_seq_id 
_atom_site.auth_comp_id 
_atom_site.auth_asym_id 
_atom_site.auth_atom_id 
_atom_site.pdbx_PDB_model_num 
ATOM 1   N N   . HIS A 1 12 ? 9.092   -9.595  -12.280 1.00 89.93  ? 302 HIS A N   1 
ATOM 2   C CA  . HIS A 1 12 ? 10.321  -10.272 -11.770 1.00 91.24  ? 302 HIS A CA  1 
ATOM 3   C C   . HIS A 1 12 ? 10.973  -9.447  -10.646 1.00 82.58  ? 302 HIS A C   1 
ATOM 4   O O   . HIS A 1 12 ? 12.015  -8.823  -10.851 1.00 80.49  ? 302 HIS A O   1 
ATOM 5   C CB  . HIS A 1 12 ? 11.310  -10.584 -12.920 1.00 101.43 ? 302 HIS A CB  1 
ATOM 6   C CG  . HIS A 1 12 ? 11.467  -9.476  -13.923 1.00 113.99 ? 302 HIS A CG  1 
ATOM 7   N ND1 . HIS A 1 12 ? 12.217  -8.344  -13.676 1.00 117.18 ? 302 HIS A ND1 1 
ATOM 8   C CD2 . HIS A 1 12 ? 10.972  -9.331  -15.177 1.00 116.47 ? 302 HIS A CD2 1 
ATOM 9   C CE1 . HIS A 1 12 ? 12.177  -7.550  -14.732 1.00 115.87 ? 302 HIS A CE1 1 
ATOM 10  N NE2 . HIS A 1 12 ? 11.428  -8.125  -15.656 1.00 117.62 ? 302 HIS A NE2 1 
ATOM 11  N N   . ILE A 1 13 ? 10.325  -9.442  -9.471  1.00 72.14  ? 303 ILE A N   1 
ATOM 12  C CA  . ILE A 1 13 ? 10.866  -8.860  -8.224  1.00 63.79  ? 303 ILE A CA  1 
ATOM 13  C C   . ILE A 1 13 ? 11.557  -9.959  -7.415  1.00 61.85  ? 303 ILE A C   1 
ATOM 14  O O   . ILE A 1 13 ? 10.931  -10.965 -7.078  1.00 63.23  ? 303 ILE A O   1 
ATOM 15  C CB  . ILE A 1 13 ? 9.757   -8.245  -7.333  1.00 61.02  ? 303 ILE A CB  1 
ATOM 16  C CG1 . ILE A 1 13 ? 9.088   -7.062  -8.031  1.00 58.84  ? 303 ILE A CG1 1 
ATOM 17  C CG2 . ILE A 1 13 ? 10.321  -7.795  -5.977  1.00 63.05  ? 303 ILE A CG2 1 
ATOM 18  C CD1 . ILE A 1 13 ? 7.865   -6.539  -7.310  1.00 56.34  ? 303 ILE A CD1 1 
ATOM 19  N N   . GLN A 1 14 ? 12.821  -9.744  -7.055  1.00 58.73  ? 304 GLN A N   1 
ATOM 20  C CA  . GLN A 1 14 ? 13.662  -10.810 -6.509  1.00 56.95  ? 304 GLN A CA  1 
ATOM 21  C C   . GLN A 1 14 ? 13.587  -10.964 -5.002  1.00 52.57  ? 304 GLN A C   1 
ATOM 22  O O   . GLN A 1 14 ? 13.708  -12.088 -4.487  1.00 52.85  ? 304 GLN A O   1 
ATOM 23  C CB  . GLN A 1 14 ? 15.141  -10.635 -6.941  1.00 65.87  ? 304 GLN A CB  1 
ATOM 24  C CG  . GLN A 1 14 ? 15.381  -10.573 -8.457  1.00 73.26  ? 304 GLN A CG  1 
ATOM 25  C CD  . GLN A 1 14 ? 14.685  -11.692 -9.247  1.00 82.18  ? 304 GLN A CD  1 
ATOM 26  O OE1 . GLN A 1 14 ? 15.078  -12.860 -9.158  1.00 81.13  ? 304 GLN A OE1 1 
ATOM 27  N NE2 . GLN A 1 14 ? 13.650  -11.335 -10.030 1.00 83.59  ? 304 GLN A NE2 1 
ATOM 28  N N   . ASN A 1 15 ? 13.425  -9.867  -4.275  1.00 46.99  ? 305 ASN A N   1 
ATOM 29  C CA  . ASN A 1 15 ? 13.458  -9.952  -2.815  1.00 43.54  ? 305 ASN A CA  1 
ATOM 30  C C   . ASN A 1 15 ? 12.569  -8.961  -2.118  1.00 38.44  ? 305 ASN A C   1 
ATOM 31  O O   . ASN A 1 15 ? 11.929  -8.121  -2.725  1.00 40.89  ? 305 ASN A O   1 
ATOM 32  C CB  . ASN A 1 15 ? 14.903  -9.858  -2.289  1.00 45.31  ? 305 ASN A CB  1 
ATOM 33  C CG  . ASN A 1 15 ? 15.551  -8.507  -2.565  1.00 46.76  ? 305 ASN A CG  1 
ATOM 34  O OD1 . ASN A 1 15 ? 15.123  -7.463  -2.083  1.00 51.11  ? 305 ASN A OD1 1 
ATOM 35  N ND2 . ASN A 1 15 ? 16.586  -8.534  -3.346  1.00 44.83  ? 305 ASN A ND2 1 
ATOM 36  N N   . ARG A 1 16 ? 12.540  -9.090  -0.817  1.00 35.52  ? 306 ARG A N   1 
ATOM 37  C CA  . ARG A 1 16 ? 11.611  -8.361  -0.038  1.00 36.11  ? 306 ARG A CA  1 
ATOM 38  C C   . ARG A 1 16 ? 12.034  -6.907  0.027   1.00 36.72  ? 306 ARG A C   1 
ATOM 39  O O   . ARG A 1 16 ? 11.193  -6.025  -0.132  1.00 39.64  ? 306 ARG A O   1 
ATOM 40  C CB  . ARG A 1 16 ? 11.484  -8.962  1.353   1.00 33.38  ? 306 ARG A CB  1 
ATOM 41  C CG  . ARG A 1 16 ? 10.144  -8.642  1.972   1.00 36.10  ? 306 ARG A CG  1 
ATOM 42  C CD  . ARG A 1 16 ? 10.079  -8.940  3.446   1.00 33.36  ? 306 ARG A CD  1 
ATOM 43  N NE  . ARG A 1 16 ? 8.725   -8.706  3.958   1.00 34.65  ? 306 ARG A NE  1 
ATOM 44  C CZ  . ARG A 1 16 ? 8.255   -7.603  4.547   1.00 33.15  ? 306 ARG A CZ  1 
ATOM 45  N NH1 . ARG A 1 16 ? 8.994   -6.526  4.712   1.00 32.22  ? 306 ARG A NH1 1 
ATOM 46  N NH2 . ARG A 1 16 ? 6.986   -7.570  4.961   1.00 37.31  ? 306 ARG A NH2 1 
ATOM 47  N N   . ALA A 1 17 ? 13.324  -6.660  0.231   1.00 36.81  ? 307 ALA A N   1 
ATOM 48  C CA  . ALA A 1 17 ? 13.845  -5.291  0.312   1.00 36.45  ? 307 ALA A CA  1 
ATOM 49  C C   . ALA A 1 17 ? 13.461  -4.494  -0.933  1.00 37.82  ? 307 ALA A C   1 
ATOM 50  O O   . ALA A 1 17 ? 13.056  -3.337  -0.844  1.00 42.83  ? 307 ALA A O   1 
ATOM 51  C CB  . ALA A 1 17 ? 15.354  -5.278  0.525   1.00 33.00  ? 307 ALA A CB  1 
ATOM 52  N N   . GLN A 1 18 ? 13.549  -5.134  -2.079  1.00 35.65  ? 308 GLN A N   1 
ATOM 53  C CA  . GLN A 1 18 ? 13.276  -4.480  -3.336  1.00 38.71  ? 308 GLN A CA  1 
ATOM 54  C C   . GLN A 1 18 ? 11.752  -4.283  -3.550  1.00 41.69  ? 308 GLN A C   1 
ATOM 55  O O   . GLN A 1 18 ? 11.309  -3.231  -4.034  1.00 41.65  ? 308 GLN A O   1 
ATOM 56  C CB  . GLN A 1 18 ? 13.977  -5.261  -4.436  1.00 41.69  ? 308 GLN A CB  1 
ATOM 57  C CG  . GLN A 1 18 ? 13.391  -5.207  -5.822  1.00 48.96  ? 308 GLN A CG  1 
ATOM 58  C CD  . GLN A 1 18 ? 14.107  -6.170  -6.763  1.00 54.58  ? 308 GLN A CD  1 
ATOM 59  O OE1 . GLN A 1 18 ? 15.110  -6.786  -6.392  1.00 60.19  ? 308 GLN A OE1 1 
ATOM 60  N NE2 . GLN A 1 18 ? 13.601  -6.298  -7.979  1.00 56.84  ? 308 GLN A NE2 1 
ATOM 61  N N   . ALA A 1 19 ? 10.961  -5.279  -3.167  1.00 37.25  ? 309 ALA A N   1 
ATOM 62  C CA  . ALA A 1 19 ? 9.504   -5.161  -3.110  1.00 36.96  ? 309 ALA A CA  1 
ATOM 63  C C   . ALA A 1 19 ? 9.049   -3.973  -2.235  1.00 37.64  ? 309 ALA A C   1 
ATOM 64  O O   . ALA A 1 19 ? 8.161   -3.247  -2.611  1.00 34.85  ? 309 ALA A O   1 
ATOM 65  C CB  . ALA A 1 19 ? 8.888   -6.469  -2.572  1.00 38.86  ? 309 ALA A CB  1 
ATOM 66  N N   . VAL A 1 20 ? 9.677   -3.766  -1.088  1.00 37.50  ? 310 VAL A N   1 
ATOM 67  C CA  . VAL A 1 20 ? 9.298   -2.659  -0.204  1.00 40.02  ? 310 VAL A CA  1 
ATOM 68  C C   . VAL A 1 20 ? 9.641   -1.307  -0.817  1.00 41.68  ? 310 VAL A C   1 
ATOM 69  O O   . VAL A 1 20 ? 8.845   -0.357  -0.719  1.00 39.91  ? 310 VAL A O   1 
ATOM 70  C CB  . VAL A 1 20 ? 9.980   -2.771  1.179   1.00 38.04  ? 310 VAL A CB  1 
ATOM 71  C CG1 . VAL A 1 20 ? 9.805   -1.503  2.012   1.00 35.23  ? 310 VAL A CG1 1 
ATOM 72  C CG2 . VAL A 1 20 ? 9.433   -3.986  1.926   1.00 39.79  ? 310 VAL A CG2 1 
ATOM 73  N N   . ASP A 1 21 ? 10.831  -1.217  -1.404  1.00 42.08  ? 311 ASP A N   1 
ATOM 74  C CA  . ASP A 1 21 ? 11.277  0.022   -2.076  1.00 43.45  ? 311 ASP A CA  1 
ATOM 75  C C   . ASP A 1 21 ? 10.301  0.403   -3.159  1.00 38.55  ? 311 ASP A C   1 
ATOM 76  O O   . ASP A 1 21 ? 9.903   1.550   -3.281  1.00 38.64  ? 311 ASP A O   1 
ATOM 77  C CB  . ASP A 1 21 ? 12.669  -0.137  -2.711  1.00 45.26  ? 311 ASP A CB  1 
ATOM 78  C CG  . ASP A 1 21 ? 13.768  -0.253  -1.687  1.00 48.87  ? 311 ASP A CG  1 
ATOM 79  O OD1 . ASP A 1 21 ? 13.581  0.221   -0.548  1.00 46.71  ? 311 ASP A OD1 1 
ATOM 80  O OD2 . ASP A 1 21 ? 14.818  -0.844  -2.025  1.00 50.76  ? 311 ASP A OD2 1 
ATOM 81  N N   . GLN A 1 22 ? 9.938   -0.590  -3.946  1.00 36.84  ? 312 GLN A N   1 
ATOM 82  C CA  . GLN A 1 22 ? 9.026   -0.399  -5.041  1.00 35.84  ? 312 GLN A CA  1 
ATOM 83  C C   . GLN A 1 22 ? 7.589   -0.038  -4.550  1.00 37.15  ? 312 GLN A C   1 
ATOM 84  O O   . GLN A 1 22 ? 6.897   0.750   -5.161  1.00 35.68  ? 312 GLN A O   1 
ATOM 85  C CB  . GLN A 1 22 ? 9.052   -1.671  -5.864  1.00 37.19  ? 312 GLN A CB  1 
ATOM 86  C CG  . GLN A 1 22 ? 8.391   -1.562  -7.213  1.00 43.01  ? 312 GLN A CG  1 
ATOM 87  C CD  . GLN A 1 22 ? 8.916   -2.563  -8.239  1.00 47.15  ? 312 GLN A CD  1 
ATOM 88  O OE1 . GLN A 1 22 ? 10.118  -2.869  -8.284  1.00 51.44  ? 312 GLN A OE1 1 
ATOM 89  N NE2 . GLN A 1 22 ? 8.015   -3.051  -9.092  1.00 49.18  ? 312 GLN A NE2 1 
ATOM 90  N N   . LEU A 1 23 ? 7.152   -0.636  -3.442  1.00 37.16  ? 313 LEU A N   1 
ATOM 91  C CA  . LEU A 1 23 ? 5.870   -0.315  -2.841  1.00 35.99  ? 313 LEU A CA  1 
ATOM 92  C C   . LEU A 1 23 ? 5.912   1.124   -2.378  1.00 34.80  ? 313 LEU A C   1 
ATOM 93  O O   . LEU A 1 23 ? 4.936   1.832   -2.556  1.00 34.72  ? 313 LEU A O   1 
ATOM 94  C CB  . LEU A 1 23 ? 5.536   -1.223  -1.630  1.00 35.34  ? 313 LEU A CB  1 
ATOM 95  C CG  . LEU A 1 23 ? 4.240   -0.909  -0.883  1.00 36.47  ? 313 LEU A CG  1 
ATOM 96  C CD1 . LEU A 1 23 ? 3.084   -0.750  -1.862  1.00 37.56  ? 313 LEU A CD1 1 
ATOM 97  C CD2 . LEU A 1 23 ? 3.913   -1.967  0.168   1.00 39.34  ? 313 LEU A CD2 1 
ATOM 98  N N   . ARG A 1 24 ? 7.022   1.540   -1.774  1.00 35.78  ? 314 ARG A N   1 
ATOM 99  C CA  . ARG A 1 24 ? 7.158   2.924   -1.309  1.00 37.34  ? 314 ARG A CA  1 
ATOM 100 C C   . ARG A 1 24 ? 7.179   3.915   -2.470  1.00 35.95  ? 314 ARG A C   1 
ATOM 101 O O   . ARG A 1 24 ? 6.557   4.959   -2.394  1.00 34.03  ? 314 ARG A O   1 
ATOM 102 C CB  . ARG A 1 24 ? 8.396   3.112   -0.443  1.00 38.94  ? 314 ARG A CB  1 
ATOM 103 C CG  . ARG A 1 24 ? 8.234   2.606   0.981   1.00 44.02  ? 314 ARG A CG  1 
ATOM 104 C CD  . ARG A 1 24 ? 9.571   2.680   1.726   1.00 48.47  ? 314 ARG A CD  1 
ATOM 105 N NE  . ARG A 1 24 ? 9.503   2.043   3.042   1.00 56.64  ? 314 ARG A NE  1 
ATOM 106 C CZ  . ARG A 1 24 ? 10.528  1.487   3.712   1.00 61.47  ? 314 ARG A CZ  1 
ATOM 107 N NH1 . ARG A 1 24 ? 10.307  0.951   4.916   1.00 64.24  ? 314 ARG A NH1 1 
ATOM 108 N NH2 . ARG A 1 24 ? 11.768  1.449   3.215   1.00 60.93  ? 314 ARG A NH2 1 
ATOM 109 N N   . ALA A 1 25 ? 7.840   3.569   -3.564  1.00 35.19  ? 315 ALA A N   1 
ATOM 110 C CA  . ALA A 1 25 ? 7.854   4.453   -4.729  1.00 36.33  ? 315 ALA A CA  1 
ATOM 111 C C   . ALA A 1 25 ? 6.446   4.647   -5.319  1.00 36.36  ? 315 ALA A C   1 
ATOM 112 O O   . ALA A 1 25 ? 6.055   5.748   -5.658  1.00 34.78  ? 315 ALA A O   1 
ATOM 113 C CB  . ALA A 1 25 ? 8.784   3.904   -5.794  1.00 35.16  ? 315 ALA A CB  1 
ATOM 114 N N   . VAL A 1 26 ? 5.709   3.555   -5.465  1.00 34.72  ? 316 VAL A N   1 
ATOM 115 C CA  . VAL A 1 26 ? 4.325   3.620   -5.903  1.00 35.88  ? 316 VAL A CA  1 
ATOM 116 C C   . VAL A 1 26 ? 3.416   4.463   -4.978  1.00 37.56  ? 316 VAL A C   1 
ATOM 117 O O   . VAL A 1 26 ? 2.559   5.202   -5.475  1.00 37.73  ? 316 VAL A O   1 
ATOM 118 C CB  . VAL A 1 26 ? 3.759   2.213   -6.045  1.00 37.25  ? 316 VAL A CB  1 
ATOM 119 C CG1 . VAL A 1 26 ? 2.253   2.241   -6.139  1.00 42.97  ? 316 VAL A CG1 1 
ATOM 120 C CG2 . VAL A 1 26 ? 4.352   1.556   -7.274  1.00 40.67  ? 316 VAL A CG2 1 
ATOM 121 N N   . ALA A 1 27 ? 3.602   4.353   -3.658  1.00 35.77  ? 317 ALA A N   1 
ATOM 122 C CA  . ALA A 1 27 ? 2.833   5.154   -2.685  1.00 35.38  ? 317 ALA A CA  1 
ATOM 123 C C   . ALA A 1 27 ? 3.137   6.636   -2.847  1.00 37.82  ? 317 ALA A C   1 
ATOM 124 O O   . ALA A 1 27 ? 2.213   7.476   -2.798  1.00 38.49  ? 317 ALA A O   1 
ATOM 125 C CB  . ALA A 1 27 ? 3.134   4.715   -1.258  1.00 33.53  ? 317 ALA A CB  1 
ATOM 126 N N   . ARG A 1 28 ? 4.422   6.936   -3.036  1.00 35.86  ? 318 ARG A N   1 
ATOM 127 C CA  . ARG A 1 28 ? 4.896   8.306   -3.296  1.00 42.95  ? 318 ARG A CA  1 
ATOM 128 C C   . ARG A 1 28 ? 4.262   8.887   -4.571  1.00 40.27  ? 318 ARG A C   1 
ATOM 129 O O   . ARG A 1 28 ? 3.671   9.964   -4.530  1.00 35.09  ? 318 ARG A O   1 
ATOM 130 C CB  . ARG A 1 28 ? 6.431   8.336   -3.375  1.00 50.12  ? 318 ARG A CB  1 
ATOM 131 C CG  . ARG A 1 28 ? 7.088   9.716   -3.306  1.00 60.60  ? 318 ARG A CG  1 
ATOM 132 C CD  . ARG A 1 28 ? 8.615   9.583   -3.298  1.00 67.56  ? 318 ARG A CD  1 
ATOM 133 N NE  . ARG A 1 28 ? 9.340   10.862  -3.429  1.00 76.00  ? 318 ARG A NE  1 
ATOM 134 C CZ  . ARG A 1 28 ? 9.673   11.477  -4.578  1.00 82.60  ? 318 ARG A CZ  1 
ATOM 135 N NH1 . ARG A 1 28 ? 9.341   10.984  -5.778  1.00 76.85  ? 318 ARG A NH1 1 
ATOM 136 N NH2 . ARG A 1 28 ? 10.334  12.631  -4.529  1.00 84.38  ? 318 ARG A NH2 1 
ATOM 137 N N   . TYR A 1 29 ? 4.333   8.142   -5.675  1.00 37.88  ? 319 TYR A N   1 
ATOM 138 C CA  . TYR A 1 29 ? 3.728   8.575   -6.918  1.00 39.37  ? 319 TYR A CA  1 
ATOM 139 C C   . TYR A 1 29 ? 2.267   8.934   -6.741  1.00 43.23  ? 319 TYR A C   1 
ATOM 140 O O   . TYR A 1 29 ? 1.834   10.015  -7.150  1.00 43.85  ? 319 TYR A O   1 
ATOM 141 C CB  . TYR A 1 29 ? 3.829   7.516   -8.011  1.00 40.92  ? 319 TYR A CB  1 
ATOM 142 C CG  . TYR A 1 29 ? 3.198   7.978   -9.307  1.00 42.52  ? 319 TYR A CG  1 
ATOM 143 C CD1 . TYR A 1 29 ? 3.879   8.856   -10.175 1.00 44.81  ? 319 TYR A CD1 1 
ATOM 144 C CD2 . TYR A 1 29 ? 1.912   7.581   -9.653  1.00 41.93  ? 319 TYR A CD2 1 
ATOM 145 C CE1 . TYR A 1 29 ? 3.286   9.303   -11.363 1.00 46.36  ? 319 TYR A CE1 1 
ATOM 146 C CE2 . TYR A 1 29 ? 1.313   8.027   -10.822 1.00 44.25  ? 319 TYR A CE2 1 
ATOM 147 C CZ  . TYR A 1 29 ? 1.994   8.886   -11.677 1.00 47.17  ? 319 TYR A CZ  1 
ATOM 148 O OH  . TYR A 1 29 ? 1.365   9.305   -12.825 1.00 49.31  ? 319 TYR A OH  1 
ATOM 149 N N   . PHE A 1 30 ? 1.497   8.024   -6.144  1.00 43.84  ? 320 PHE A N   1 
ATOM 150 C CA  . PHE A 1 30 ? 0.065   8.261   -5.996  1.00 38.16  ? 320 PHE A CA  1 
ATOM 151 C C   . PHE A 1 30 ? -0.262  9.360   -5.000  1.00 35.14  ? 320 PHE A C   1 
ATOM 152 O O   . PHE A 1 30 ? -1.214  10.087  -5.205  1.00 38.38  ? 320 PHE A O   1 
ATOM 153 C CB  . PHE A 1 30 ? -0.663  6.993   -5.640  1.00 40.41  ? 320 PHE A CB  1 
ATOM 154 C CG  . PHE A 1 30 ? -0.936  6.135   -6.814  1.00 40.36  ? 320 PHE A CG  1 
ATOM 155 C CD1 . PHE A 1 30 ? -1.759  6.597   -7.832  1.00 41.81  ? 320 PHE A CD1 1 
ATOM 156 C CD2 . PHE A 1 30 ? -0.403  4.877   -6.904  1.00 36.68  ? 320 PHE A CD2 1 
ATOM 157 C CE1 . PHE A 1 30 ? -2.027  5.814   -8.940  1.00 42.11  ? 320 PHE A CE1 1 
ATOM 158 C CE2 . PHE A 1 30 ? -0.649  4.079   -8.008  1.00 39.42  ? 320 PHE A CE2 1 
ATOM 159 C CZ  . PHE A 1 30 ? -1.466  4.544   -9.037  1.00 43.20  ? 320 PHE A CZ  1 
ATOM 160 N N   . ARG A 1 31 ? 0.516   9.486   -3.941  1.00 34.20  ? 321 ARG A N   1 
ATOM 161 C CA  . ARG A 1 31 ? 0.406   10.614  -3.046  1.00 37.97  ? 321 ARG A CA  1 
ATOM 162 C C   . ARG A 1 31 ? 0.601   11.928  -3.805  1.00 43.21  ? 321 ARG A C   1 
ATOM 163 O O   . ARG A 1 31 ? -0.118  12.894  -3.573  1.00 45.07  ? 321 ARG A O   1 
ATOM 164 C CB  . ARG A 1 31 ? 1.446   10.514  -1.958  1.00 43.13  ? 321 ARG A CB  1 
ATOM 165 C CG  . ARG A 1 31 ? 1.340   11.545  -0.843  1.00 51.17  ? 321 ARG A CG  1 
ATOM 166 C CD  . ARG A 1 31 ? 2.527   11.427  0.112   1.00 62.07  ? 321 ARG A CD  1 
ATOM 167 N NE  . ARG A 1 31 ? 2.114   11.392  1.532   1.00 82.44  ? 321 ARG A NE  1 
ATOM 168 C CZ  . ARG A 1 31 ? 1.957   10.298  2.306   1.00 91.62  ? 321 ARG A CZ  1 
ATOM 169 N NH1 . ARG A 1 31 ? 2.168   9.054   1.836   1.00 92.20  ? 321 ARG A NH1 1 
ATOM 170 N NH2 . ARG A 1 31 ? 1.576   10.449  3.585   1.00 85.11  ? 321 ARG A NH2 1 
ATOM 171 N N   . GLN A 1 32 ? 1.578   11.961  -4.707  1.00 48.35  ? 322 GLN A N   1 
ATOM 172 C CA  . GLN A 1 32 ? 1.924   13.189  -5.444  1.00 48.78  ? 322 GLN A CA  1 
ATOM 173 C C   . GLN A 1 32 ? 0.911   13.559  -6.496  1.00 42.87  ? 322 GLN A C   1 
ATOM 174 O O   . GLN A 1 32 ? 0.618   14.728  -6.645  1.00 43.79  ? 322 GLN A O   1 
ATOM 175 C CB  . GLN A 1 32 ? 3.314   13.093  -6.083  1.00 52.62  ? 322 GLN A CB  1 
ATOM 176 C CG  . GLN A 1 32 ? 4.424   13.231  -5.050  1.00 58.21  ? 322 GLN A CG  1 
ATOM 177 C CD  . GLN A 1 32 ? 5.815   12.970  -5.606  1.00 64.32  ? 322 GLN A CD  1 
ATOM 178 O OE1 . GLN A 1 32 ? 6.014   12.198  -6.559  1.00 61.04  ? 322 GLN A OE1 1 
ATOM 179 N NE2 . GLN A 1 32 ? 6.803   13.603  -4.981  1.00 71.51  ? 322 GLN A NE2 1 
ATOM 180 N N   . THR A 1 33 ? 0.372   12.569  -7.197  1.00 38.44  ? 323 THR A N   1 
ATOM 181 C CA  . THR A 1 33 ? -0.540  12.801  -8.297  1.00 39.69  ? 323 THR A CA  1 
ATOM 182 C C   . THR A 1 33 ? -2.036  12.631  -7.972  1.00 43.93  ? 323 THR A C   1 
ATOM 183 O O   . THR A 1 33 ? -2.879  13.190  -8.664  1.00 47.24  ? 323 THR A O   1 
ATOM 184 C CB  . THR A 1 33 ? -0.209  11.841  -9.456  1.00 38.91  ? 323 THR A CB  1 
ATOM 185 O OG1 . THR A 1 33 ? -0.514  10.492  -9.078  1.00 39.99  ? 323 THR A OG1 1 
ATOM 186 C CG2 . THR A 1 33 ? 1.260   11.949  -9.821  1.00 37.41  ? 323 THR A CG2 1 
ATOM 187 N N   . GLU A 1 34 ? -2.373  11.796  -6.986  1.00 45.01  ? 324 GLU A N   1 
ATOM 188 C CA  . GLU A 1 34 ? -3.758  11.592  -6.574  1.00 39.90  ? 324 GLU A CA  1 
ATOM 189 C C   . GLU A 1 34 ? -3.815  11.509  -5.053  1.00 35.54  ? 324 GLU A C   1 
ATOM 190 O O   . GLU A 1 34 ? -4.158  10.489  -4.515  1.00 35.02  ? 324 GLU A O   1 
ATOM 191 C CB  . GLU A 1 34 ? -4.311  10.314  -7.192  1.00 43.82  ? 324 GLU A CB  1 
ATOM 192 C CG  . GLU A 1 34 ? -4.322  10.257  -8.707  1.00 48.79  ? 324 GLU A CG  1 
ATOM 193 C CD  . GLU A 1 34 ? -4.875  8.930   -9.240  1.00 53.96  ? 324 GLU A CD  1 
ATOM 194 O OE1 . GLU A 1 34 ? -5.581  8.189   -8.532  1.00 56.32  ? 324 GLU A OE1 1 
ATOM 195 O OE2 . GLU A 1 34 ? -4.611  8.607   -10.397 1.00 58.67  ? 324 GLU A OE2 1 
ATOM 196 N N   . PRO A 1 35 ? -3.484  12.588  -4.346  1.00 36.08  ? 325 PRO A N   1 
ATOM 197 C CA  . PRO A 1 35 ? -3.291  12.500  -2.867  1.00 38.26  ? 325 PRO A CA  1 
ATOM 198 C C   . PRO A 1 35 ? -4.432  11.920  -2.033  1.00 38.46  ? 325 PRO A C   1 
ATOM 199 O O   . PRO A 1 35 ? -4.189  11.306  -0.985  1.00 39.72  ? 325 PRO A O   1 
ATOM 200 C CB  . PRO A 1 35 ? -3.037  13.960  -2.424  1.00 37.67  ? 325 PRO A CB  1 
ATOM 201 C CG  . PRO A 1 35 ? -3.268  14.806  -3.652  1.00 39.99  ? 325 PRO A CG  1 
ATOM 202 C CD  . PRO A 1 35 ? -3.215  13.935  -4.878  1.00 36.48  ? 325 PRO A CD  1 
ATOM 203 N N   . HIS A 1 36 ? -5.648  12.127  -2.502  1.00 37.23  ? 326 HIS A N   1 
ATOM 204 C CA  . HIS A 1 36 ? -6.871  11.873  -1.752  1.00 37.09  ? 326 HIS A CA  1 
ATOM 205 C C   . HIS A 1 36 ? -7.639  10.684  -2.256  1.00 35.15  ? 326 HIS A C   1 
ATOM 206 O O   . HIS A 1 36 ? -8.700  10.384  -1.729  1.00 36.83  ? 326 HIS A O   1 
ATOM 207 C CB  . HIS A 1 36 ? -7.752  13.140  -1.833  1.00 39.68  ? 326 HIS A CB  1 
ATOM 208 C CG  . HIS A 1 36 ? -7.100  14.342  -1.221  1.00 38.28  ? 326 HIS A CG  1 
ATOM 209 N ND1 . HIS A 1 36 ? -6.891  14.448  0.136   1.00 40.12  ? 326 HIS A ND1 1 
ATOM 210 C CD2 . HIS A 1 36 ? -6.543  15.445  -1.780  1.00 39.39  ? 326 HIS A CD2 1 
ATOM 211 C CE1 . HIS A 1 36 ? -6.289  15.599  0.394   1.00 44.54  ? 326 HIS A CE1 1 
ATOM 212 N NE2 . HIS A 1 36 ? -6.060  16.217  -0.753  1.00 41.80  ? 326 HIS A NE2 1 
ATOM 213 N N   . SER A 1 37 ? -7.072  9.964   -3.226  1.00 35.00  ? 327 SER A N   1 
ATOM 214 C CA  . SER A 1 37 ? -7.670  8.744   -3.735  1.00 37.31  ? 327 SER A CA  1 
ATOM 215 C C   . SER A 1 37 ? -7.607  7.530   -2.766  1.00 37.47  ? 327 SER A C   1 
ATOM 216 O O   . SER A 1 37 ? -6.727  7.438   -1.896  1.00 35.99  ? 327 SER A O   1 
ATOM 217 C CB  . SER A 1 37 ? -7.005  8.351   -5.060  1.00 40.62  ? 327 SER A CB  1 
ATOM 218 O OG  . SER A 1 37 ? -5.591  8.363   -4.927  1.00 42.16  ? 327 SER A OG  1 
ATOM 219 N N   . PRO A 1 38 ? -8.530  6.578   -2.954  1.00 35.26  ? 328 PRO A N   1 
ATOM 220 C CA  . PRO A 1 38 ? -8.417  5.267   -2.390  1.00 35.88  ? 328 PRO A CA  1 
ATOM 221 C C   . PRO A 1 38 ? -7.048  4.591   -2.660  1.00 35.70  ? 328 PRO A C   1 
ATOM 222 O O   . PRO A 1 38 ? -6.486  3.959   -1.764  1.00 33.87  ? 328 PRO A O   1 
ATOM 223 C CB  . PRO A 1 38 ? -9.533  4.493   -3.121  1.00 33.62  ? 328 PRO A CB  1 
ATOM 224 C CG  . PRO A 1 38 ? -10.546 5.498   -3.430  1.00 32.91  ? 328 PRO A CG  1 
ATOM 225 C CD  . PRO A 1 38 ? -9.725  6.680   -3.822  1.00 36.98  ? 328 PRO A CD  1 
ATOM 226 N N   . VAL A 1 39 ? -6.569  4.683   -3.898  1.00 35.18  ? 329 VAL A N   1 
ATOM 227 C CA  . VAL A 1 39 ? -5.340  4.010   -4.294  1.00 37.30  ? 329 VAL A CA  1 
ATOM 228 C C   . VAL A 1 39 ? -4.164  4.604   -3.549  1.00 37.34  ? 329 VAL A C   1 
ATOM 229 O O   . VAL A 1 39 ? -3.311  3.845   -3.096  1.00 40.67  ? 329 VAL A O   1 
ATOM 230 C CB  . VAL A 1 39 ? -5.083  3.991   -5.827  1.00 41.80  ? 329 VAL A CB  1 
ATOM 231 C CG1 . VAL A 1 39 ? -4.920  5.390   -6.414  1.00 42.60  ? 329 VAL A CG1 1 
ATOM 232 C CG2 . VAL A 1 39 ? -3.841  3.161   -6.146  1.00 42.91  ? 329 VAL A CG2 1 
ATOM 233 N N   . ALA A 1 40 ? -4.128  5.926   -3.386  1.00 31.67  ? 330 ALA A N   1 
ATOM 234 C CA  . ALA A 1 40 ? -3.120  6.526   -2.524  1.00 35.45  ? 330 ALA A CA  1 
ATOM 235 C C   . ALA A 1 40 ? -3.224  6.053   -1.077  1.00 34.25  ? 330 ALA A C   1 
ATOM 236 O O   . ALA A 1 40 ? -2.228  5.746   -0.455  1.00 33.34  ? 330 ALA A O   1 
ATOM 237 C CB  . ALA A 1 40 ? -3.196  8.048   -2.558  1.00 36.67  ? 330 ALA A CB  1 
ATOM 238 N N   . TYR A 1 41 ? -4.435  6.033   -0.540  1.00 34.68  ? 331 TYR A N   1 
ATOM 239 C CA  . TYR A 1 41 ? -4.627  5.700   0.871   1.00 33.19  ? 331 TYR A CA  1 
ATOM 240 C C   . TYR A 1 41 ? -4.149  4.248   1.113   1.00 30.04  ? 331 TYR A C   1 
ATOM 241 O O   . TYR A 1 41 ? -3.322  4.009   1.983   1.00 30.89  ? 331 TYR A O   1 
ATOM 242 C CB  . TYR A 1 41 ? -6.101  5.913   1.259   1.00 31.29  ? 331 TYR A CB  1 
ATOM 243 C CG  . TYR A 1 41 ? -6.421  5.721   2.722   1.00 31.48  ? 331 TYR A CG  1 
ATOM 244 C CD1 . TYR A 1 41 ? -6.198  6.739   3.649   1.00 31.89  ? 331 TYR A CD1 1 
ATOM 245 C CD2 . TYR A 1 41 ? -7.032  4.553   3.176   1.00 32.43  ? 331 TYR A CD2 1 
ATOM 246 C CE1 . TYR A 1 41 ? -6.516  6.572   4.993   1.00 33.46  ? 331 TYR A CE1 1 
ATOM 247 C CE2 . TYR A 1 41 ? -7.360  4.373   4.534   1.00 31.79  ? 331 TYR A CE2 1 
ATOM 248 C CZ  . TYR A 1 41 ? -7.097  5.363   5.424   1.00 31.90  ? 331 TYR A CZ  1 
ATOM 249 O OH  . TYR A 1 41 ? -7.452  5.181   6.725   1.00 34.25  ? 331 TYR A OH  1 
ATOM 250 N N   . LEU A 1 42 ? -4.589  3.328   0.263   1.00 27.87  ? 332 LEU A N   1 
ATOM 251 C CA  . LEU A 1 42 ? -4.324  1.896   0.414   1.00 28.63  ? 332 LEU A CA  1 
ATOM 252 C C   . LEU A 1 42 ? -2.858  1.539   0.216   1.00 29.21  ? 332 LEU A C   1 
ATOM 253 O O   . LEU A 1 42 ? -2.298  0.710   0.961   1.00 28.19  ? 332 LEU A O   1 
ATOM 254 C CB  . LEU A 1 42 ? -5.176  1.077   -0.578  1.00 30.62  ? 332 LEU A CB  1 
ATOM 255 C CG  . LEU A 1 42 ? -6.679  1.122   -0.312  1.00 32.32  ? 332 LEU A CG  1 
ATOM 256 C CD1 . LEU A 1 42 ? -7.476  0.637   -1.524  1.00 34.07  ? 332 LEU A CD1 1 
ATOM 257 C CD2 . LEU A 1 42 ? -7.020  0.302   0.926   1.00 35.17  ? 332 LEU A CD2 1 
ATOM 258 N N   . ALA A 1 43 ? -2.240  2.163   -0.783  1.00 28.44  ? 333 ALA A N   1 
ATOM 259 C CA  . ALA A 1 43 ? -0.824  1.984   -1.032  1.00 30.53  ? 333 ALA A CA  1 
ATOM 260 C C   . ALA A 1 43 ? -0.020  2.451   0.174   1.00 32.49  ? 333 ALA A C   1 
ATOM 261 O O   . ALA A 1 43 ? 0.923   1.799   0.559   1.00 31.98  ? 333 ALA A O   1 
ATOM 262 C CB  . ALA A 1 43 ? -0.381  2.731   -2.288  1.00 32.22  ? 333 ALA A CB  1 
ATOM 263 N N   . ASP A 1 44 ? -0.412  3.568   0.769   1.00 32.33  ? 334 ASP A N   1 
ATOM 264 C CA  . ASP A 1 44 ? 0.270   4.078   1.945   1.00 33.92  ? 334 ASP A CA  1 
ATOM 265 C C   . ASP A 1 44 ? 0.135   3.092   3.110   1.00 32.34  ? 334 ASP A C   1 
ATOM 266 O O   . ASP A 1 44 ? 1.121   2.754   3.743   1.00 32.14  ? 334 ASP A O   1 
ATOM 267 C CB  . ASP A 1 44 ? -0.308  5.458   2.340   1.00 37.29  ? 334 ASP A CB  1 
ATOM 268 C CG  . ASP A 1 44 ? 0.349   6.037   3.561   1.00 41.97  ? 334 ASP A CG  1 
ATOM 269 O OD1 . ASP A 1 44 ? 1.516   6.457   3.471   1.00 48.18  ? 334 ASP A OD1 1 
ATOM 270 O OD2 . ASP A 1 44 ? -0.297  6.056   4.622   1.00 51.42  ? 334 ASP A OD2 1 
ATOM 271 N N   . LYS A 1 45 ? -1.078  2.633   3.373   1.00 30.02  ? 335 LYS A N   1 
ATOM 272 C CA  . LYS A 1 45 ? -1.303  1.651   4.441   1.00 29.52  ? 335 LYS A CA  1 
ATOM 273 C C   . LYS A 1 45 ? -0.582  0.357   4.172   1.00 27.03  ? 335 LYS A C   1 
ATOM 274 O O   . LYS A 1 45 ? -0.034  -0.212  5.106   1.00 28.45  ? 335 LYS A O   1 
ATOM 275 C CB  . LYS A 1 45 ? -2.785  1.352   4.664   1.00 31.48  ? 335 LYS A CB  1 
ATOM 276 C CG  . LYS A 1 45 ? -3.588  2.550   5.143   1.00 34.87  ? 335 LYS A CG  1 
ATOM 277 C CD  . LYS A 1 45 ? -3.254  2.993   6.540   1.00 35.41  ? 335 LYS A CD  1 
ATOM 278 C CE  . LYS A 1 45 ? -3.889  4.335   6.860   1.00 39.33  ? 335 LYS A CE  1 
ATOM 279 N NZ  . LYS A 1 45 ? -3.183  4.883   8.041   1.00 42.35  ? 335 LYS A NZ  1 
ATOM 280 N N   . ALA A 1 46 ? -0.563  -0.110  2.917   1.00 26.39  ? 336 ALA A N   1 
ATOM 281 C CA  . ALA A 1 46 ? 0.241   -1.276  2.565   1.00 24.73  ? 336 ALA A CA  1 
ATOM 282 C C   . ALA A 1 46 ? 1.724   -1.031  2.925   1.00 28.04  ? 336 ALA A C   1 
ATOM 283 O O   . ALA A 1 46 ? 2.369   -1.874  3.593   1.00 29.88  ? 336 ALA A O   1 
ATOM 284 C CB  . ALA A 1 46 ? 0.095   -1.596  1.117   1.00 24.95  ? 336 ALA A CB  1 
ATOM 285 N N   . ALA A 1 47 ? 2.236   0.146   2.591   1.00 27.19  ? 337 ALA A N   1 
ATOM 286 C CA  . ALA A 1 47 ? 3.621   0.465   2.911   1.00 30.07  ? 337 ALA A CA  1 
ATOM 287 C C   . ALA A 1 47 ? 3.841   0.464   4.423   1.00 29.04  ? 337 ALA A C   1 
ATOM 288 O O   . ALA A 1 47 ? 4.870   -0.013  4.881   1.00 30.64  ? 337 ALA A O   1 
ATOM 289 C CB  . ALA A 1 47 ? 4.063   1.792   2.282   1.00 27.80  ? 337 ALA A CB  1 
ATOM 290 N N   . GLU A 1 48 ? 2.907   0.948   5.210   1.00 26.87  ? 338 GLU A N   1 
ATOM 291 C CA  . GLU A 1 48 ? 3.140   0.941   6.655   1.00 31.24  ? 338 GLU A CA  1 
ATOM 292 C C   . GLU A 1 48 ? 3.141   -0.524  7.173   1.00 33.15  ? 338 GLU A C   1 
ATOM 293 O O   . GLU A 1 48 ? 3.936   -0.871  8.038   1.00 35.42  ? 338 GLU A O   1 
ATOM 294 C CB  . GLU A 1 48 ? 2.121   1.762   7.425   1.00 35.57  ? 338 GLU A CB  1 
ATOM 295 C CG  . GLU A 1 48 ? 2.035   3.232   7.045   1.00 43.85  ? 338 GLU A CG  1 
ATOM 296 C CD  . GLU A 1 48 ? 3.126   4.122   7.651   1.00 51.04  ? 338 GLU A CD  1 
ATOM 297 O OE1 . GLU A 1 48 ? 4.113   3.599   8.226   1.00 55.76  ? 338 GLU A OE1 1 
ATOM 298 O OE2 . GLU A 1 48 ? 2.973   5.373   7.563   1.00 59.87  ? 338 GLU A OE2 1 
ATOM 299 N N   . TRP A 1 49 ? 2.288   -1.383  6.601   1.00 31.62  ? 339 TRP A N   1 
ATOM 300 C CA  . TRP A 1 49 ? 2.257   -2.800  6.956   1.00 30.55  ? 339 TRP A CA  1 
ATOM 301 C C   . TRP A 1 49 ? 3.458   -3.604  6.470   1.00 29.16  ? 339 TRP A C   1 
ATOM 302 O O   . TRP A 1 49 ? 3.693   -4.679  6.964   1.00 28.21  ? 339 TRP A O   1 
ATOM 303 C CB  . TRP A 1 49 ? 0.924   -3.446  6.504   1.00 32.07  ? 339 TRP A CB  1 
ATOM 304 C CG  . TRP A 1 49 ? -0.137  -3.248  7.517   1.00 30.01  ? 339 TRP A CG  1 
ATOM 305 C CD1 . TRP A 1 49 ? -1.175  -2.366  7.488   1.00 30.68  ? 339 TRP A CD1 1 
ATOM 306 C CD2 . TRP A 1 49 ? -0.212  -3.924  8.760   1.00 34.08  ? 339 TRP A CD2 1 
ATOM 307 N NE1 . TRP A 1 49 ? -1.922  -2.470  8.655   1.00 32.36  ? 339 TRP A NE1 1 
ATOM 308 C CE2 . TRP A 1 49 ? -1.333  -3.418  9.453   1.00 33.07  ? 339 TRP A CE2 1 
ATOM 309 C CE3 . TRP A 1 49 ? 0.569   -4.929  9.365   1.00 35.92  ? 339 TRP A CE3 1 
ATOM 310 C CZ2 . TRP A 1 49 ? -1.682  -3.868  10.719  1.00 35.80  ? 339 TRP A CZ2 1 
ATOM 311 C CZ3 . TRP A 1 49 ? 0.209   -5.381  10.616  1.00 36.47  ? 339 TRP A CZ3 1 
ATOM 312 C CH2 . TRP A 1 49 ? -0.909  -4.854  11.278  1.00 36.32  ? 339 TRP A CH2 1 
ATOM 313 N N   . ALA A 1 50 ? 4.214   -3.079  5.508   1.00 33.38  ? 340 ALA A N   1 
ATOM 314 C CA  . ALA A 1 50 ? 5.440   -3.701  5.019   1.00 33.89  ? 340 ALA A CA  1 
ATOM 315 C C   . ALA A 1 50 ? 6.664   -3.510  5.915   1.00 38.04  ? 340 ALA A C   1 
ATOM 316 O O   . ALA A 1 50 ? 7.665   -4.172  5.663   1.00 38.88  ? 340 ALA A O   1 
ATOM 317 C CB  . ALA A 1 50 ? 5.753   -3.214  3.616   1.00 34.75  ? 340 ALA A CB  1 
ATOM 318 N N   . ASP A 1 51 ? 6.571   -2.694  6.971   1.00 43.59  ? 341 ASP A N   1 
ATOM 319 C CA  . ASP A 1 51 ? 7.735   -2.188  7.691   1.00 49.13  ? 341 ASP A CA  1 
ATOM 320 C C   . ASP A 1 51 ? 7.656   -2.444  9.213   1.00 50.04  ? 341 ASP A C   1 
ATOM 321 O O   . ASP A 1 51 ? 7.521   -1.508  9.998   1.00 52.49  ? 341 ASP A O   1 
ATOM 322 C CB  . ASP A 1 51 ? 7.884   -0.689  7.353   1.00 53.30  ? 341 ASP A CB  1 
ATOM 323 C CG  . ASP A 1 51 ? 9.084   -0.004  8.056   1.00 59.40  ? 341 ASP A CG  1 
ATOM 324 O OD1 . ASP A 1 51 ? 9.021   1.239   8.225   1.00 64.21  ? 341 ASP A OD1 1 
ATOM 325 O OD2 . ASP A 1 51 ? 10.062  -0.687  8.447   1.00 54.76  ? 341 ASP A OD2 1 
ATOM 326 N N   . MET A 1 52 ? 7.751   -3.718  9.611   1.00 61.60  ? 342 MET A N   1 
ATOM 327 C CA  . MET A 1 52 ? 7.871   -4.148  11.036  1.00 64.92  ? 342 MET A CA  1 
ATOM 328 C C   . MET A 1 52 ? 6.892   -3.427  11.989  1.00 53.50  ? 342 MET A C   1 
ATOM 329 O O   . MET A 1 52 ? 7.276   -2.897  13.061  1.00 58.50  ? 342 MET A O   1 
ATOM 330 C CB  . MET A 1 52 ? 9.349   -4.047  11.527  1.00 72.98  ? 342 MET A CB  1 
ATOM 331 C CG  . MET A 1 52 ? 9.960   -2.642  11.630  1.00 83.56  ? 342 MET A CG  1 
ATOM 332 S SD  . MET A 1 52 ? 11.491  -2.564  12.602  1.00 96.24  ? 342 MET A SD  1 
ATOM 333 C CE  . MET A 1 52 ? 11.385  -0.964  13.430  1.00 86.90  ? 342 MET A CE  1 
ATOM 334 N N   . PRO A 1 53 ? 5.621   -3.368  11.583  1.00 44.86  ? 343 PRO A N   1 
ATOM 335 C CA  . PRO A 1 53 ? 4.714   -2.444  12.250  1.00 40.43  ? 343 PRO A CA  1 
ATOM 336 C C   . PRO A 1 53 ? 4.222   -2.905  13.631  1.00 36.73  ? 343 PRO A C   1 
ATOM 337 O O   . PRO A 1 53 ? 3.909   -2.057  14.469  1.00 39.16  ? 343 PRO A O   1 
ATOM 338 C CB  . PRO A 1 53 ? 3.578   -2.325  11.248  1.00 41.76  ? 343 PRO A CB  1 
ATOM 339 C CG  . PRO A 1 53 ? 3.518   -3.676  10.624  1.00 39.99  ? 343 PRO A CG  1 
ATOM 340 C CD  . PRO A 1 53 ? 4.941   -4.125  10.518  1.00 43.32  ? 343 PRO A CD  1 
ATOM 341 N N   . LEU A 1 54 ? 4.149   -4.214  13.876  1.00 33.53  ? 344 LEU A N   1 
ATOM 342 C CA  . LEU A 1 54 ? 3.790   -4.738  15.217  1.00 33.81  ? 344 LEU A CA  1 
ATOM 343 C C   . LEU A 1 54 ? 4.806   -4.435  16.326  1.00 33.29  ? 344 LEU A C   1 
ATOM 344 O O   . LEU A 1 54 ? 4.426   -4.213  17.493  1.00 29.95  ? 344 LEU A O   1 
ATOM 345 C CB  . LEU A 1 54 ? 3.512   -6.239  15.157  1.00 32.71  ? 344 LEU A CB  1 
ATOM 346 C CG  . LEU A 1 54 ? 2.249   -6.539  14.347  1.00 33.51  ? 344 LEU A CG  1 
ATOM 347 C CD1 . LEU A 1 54 ? 2.135   -8.012  14.032  1.00 33.51  ? 344 LEU A CD1 1 
ATOM 348 C CD2 . LEU A 1 54 ? 1.019   -6.101  15.082  1.00 34.32  ? 344 LEU A CD2 1 
ATOM 349 N N   . HIS A 1 55 ? 6.085   -4.385  15.950  1.00 39.06  ? 345 HIS A N   1 
ATOM 350 C CA  . HIS A 1 55 ? 7.154   -4.012  16.869  1.00 42.73  ? 345 HIS A CA  1 
ATOM 351 C C   . HIS A 1 55 ? 6.885   -2.603  17.397  1.00 39.09  ? 345 HIS A C   1 
ATOM 352 O O   . HIS A 1 55 ? 6.761   -2.421  18.601  1.00 36.81  ? 345 HIS A O   1 
ATOM 353 C CB  . HIS A 1 55 ? 8.563   -4.145  16.237  1.00 49.24  ? 345 HIS A CB  1 
ATOM 354 C CG  . HIS A 1 55 ? 9.668   -3.586  17.105  1.00 62.70  ? 345 HIS A CG  1 
ATOM 355 N ND1 . HIS A 1 55 ? 10.551  -2.612  16.671  1.00 69.27  ? 345 HIS A ND1 1 
ATOM 356 C CD2 . HIS A 1 55 ? 9.989   -3.827  18.401  1.00 64.25  ? 345 HIS A CD2 1 
ATOM 357 C CE1 . HIS A 1 55 ? 11.386  -2.305  17.650  1.00 69.13  ? 345 HIS A CE1 1 
ATOM 358 N NE2 . HIS A 1 55 ? 11.063  -3.023  18.711  1.00 69.17  ? 345 HIS A NE2 1 
ATOM 359 N N   . LYS A 1 56 ? 6.768   -1.645  16.484  1.00 40.81  ? 346 LYS A N   1 
ATOM 360 C CA  . LYS A 1 56 ? 6.569   -0.217  16.803  1.00 43.44  ? 346 LYS A CA  1 
ATOM 361 C C   . LYS A 1 56 ? 5.311   0.029   17.621  1.00 38.71  ? 346 LYS A C   1 
ATOM 362 O O   . LYS A 1 56 ? 5.315   0.760   18.594  1.00 36.96  ? 346 LYS A O   1 
ATOM 363 C CB  . LYS A 1 56 ? 6.476   0.587   15.496  1.00 50.56  ? 346 LYS A CB  1 
ATOM 364 C CG  . LYS A 1 56 ? 7.814   0.693   14.763  1.00 64.15  ? 346 LYS A CG  1 
ATOM 365 C CD  . LYS A 1 56 ? 7.731   0.424   13.249  1.00 71.26  ? 346 LYS A CD  1 
ATOM 366 C CE  . LYS A 1 56 ? 7.483   1.670   12.406  1.00 67.08  ? 346 LYS A CE  1 
ATOM 367 N NZ  . LYS A 1 56 ? 7.961   1.415   11.016  1.00 65.72  ? 346 LYS A NZ  1 
ATOM 368 N N   . TRP A 1 57 ? 4.224   -0.598  17.192  1.00 38.03  ? 347 TRP A N   1 
ATOM 369 C CA  . TRP A 1 57 ? 2.934   -0.538  17.887  1.00 35.75  ? 347 TRP A CA  1 
ATOM 370 C C   . TRP A 1 57 ? 3.041   -1.027  19.340  1.00 34.98  ? 347 TRP A C   1 
ATOM 371 O O   . TRP A 1 57 ? 2.588   -0.331  20.253  1.00 39.06  ? 347 TRP A O   1 
ATOM 372 C CB  . TRP A 1 57 ? 1.879   -1.332  17.100  1.00 34.53  ? 347 TRP A CB  1 
ATOM 373 C CG  . TRP A 1 57 ? 0.670   -1.670  17.872  1.00 35.91  ? 347 TRP A CG  1 
ATOM 374 C CD1 . TRP A 1 57 ? -0.365  -0.862  18.130  1.00 36.62  ? 347 TRP A CD1 1 
ATOM 375 C CD2 . TRP A 1 57 ? 0.362   -2.920  18.497  1.00 34.85  ? 347 TRP A CD2 1 
ATOM 376 N NE1 . TRP A 1 57 ? -1.290  -1.503  18.899  1.00 35.09  ? 347 TRP A NE1 1 
ATOM 377 C CE2 . TRP A 1 57 ? -0.870  -2.773  19.126  1.00 32.84  ? 347 TRP A CE2 1 
ATOM 378 C CE3 . TRP A 1 57 ? 1.014   -4.143  18.583  1.00 34.87  ? 347 TRP A CE3 1 
ATOM 379 C CZ2 . TRP A 1 57 ? -1.473  -3.794  19.831  1.00 37.62  ? 347 TRP A CZ2 1 
ATOM 380 C CZ3 . TRP A 1 57 ? 0.426   -5.154  19.308  1.00 35.55  ? 347 TRP A CZ3 1 
ATOM 381 C CH2 . TRP A 1 57 ? -0.805  -4.977  19.918  1.00 36.65  ? 347 TRP A CH2 1 
ATOM 382 N N   . LEU A 1 58 ? 3.667   -2.184  19.555  1.00 33.63  ? 348 LEU A N   1 
ATOM 383 C CA  . LEU A 1 58 ? 3.813   -2.727  20.916  1.00 32.88  ? 348 LEU A CA  1 
ATOM 384 C C   . LEU A 1 58 ? 4.608   -1.782  21.822  1.00 33.45  ? 348 LEU A C   1 
ATOM 385 O O   . LEU A 1 58 ? 4.229   -1.476  22.967  1.00 34.37  ? 348 LEU A O   1 
ATOM 386 C CB  . LEU A 1 58 ? 4.513   -4.103  20.904  1.00 32.97  ? 348 LEU A CB  1 
ATOM 387 C CG  . LEU A 1 58 ? 4.716   -4.752  22.296  1.00 30.84  ? 348 LEU A CG  1 
ATOM 388 C CD1 . LEU A 1 58 ? 3.375   -4.851  23.035  1.00 29.76  ? 348 LEU A CD1 1 
ATOM 389 C CD2 . LEU A 1 58 ? 5.325   -6.131  22.183  1.00 32.18  ? 348 LEU A CD2 1 
ATOM 390 N N   . GLU A 1 59 ? 5.721   -1.337  21.292  1.00 33.81  ? 349 GLU A N   1 
ATOM 391 C CA  . GLU A 1 59 ? 6.529   -0.322  21.923  1.00 40.82  ? 349 GLU A CA  1 
ATOM 392 C C   . GLU A 1 59 ? 5.642   0.863   22.374  1.00 40.66  ? 349 GLU A C   1 
ATOM 393 O O   . GLU A 1 59 ? 5.700   1.270   23.538  1.00 40.31  ? 349 GLU A O   1 
ATOM 394 C CB  . GLU A 1 59 ? 7.608   0.120   20.939  1.00 43.51  ? 349 GLU A CB  1 
ATOM 395 C CG  . GLU A 1 59 ? 8.843   0.647   21.587  1.00 49.53  ? 349 GLU A CG  1 
ATOM 396 C CD  . GLU A 1 59 ? 9.855   1.077   20.552  1.00 52.90  ? 349 GLU A CD  1 
ATOM 397 O OE1 . GLU A 1 59 ? 10.254  0.236   19.708  1.00 58.72  ? 349 GLU A OE1 1 
ATOM 398 O OE2 . GLU A 1 59 ? 10.238  2.253   20.598  1.00 53.59  ? 349 GLU A OE2 1 
ATOM 399 N N   . SER A 1 60 ? 4.780   1.353   21.483  1.00 38.34  ? 350 SER A N   1 
ATOM 400 C CA  . SER A 1 60 ? 3.913   2.495   21.819  1.00 37.80  ? 350 SER A CA  1 
ATOM 401 C C   . SER A 1 60 ? 2.857   2.124   22.854  1.00 35.73  ? 350 SER A C   1 
ATOM 402 O O   . SER A 1 60 ? 2.574   2.903   23.761  1.00 33.61  ? 350 SER A O   1 
ATOM 403 C CB  . SER A 1 60 ? 3.295   3.127   20.557  1.00 37.23  ? 350 SER A CB  1 
ATOM 404 O OG  . SER A 1 60 ? 2.227   2.376   20.059  1.00 40.26  ? 350 SER A OG  1 
ATOM 405 N N   . VAL A 1 61 ? 2.315   0.914   22.765  1.00 37.43  ? 351 VAL A N   1 
ATOM 406 C CA  . VAL A 1 61 ? 1.370   0.434   23.787  1.00 37.20  ? 351 VAL A CA  1 
ATOM 407 C C   . VAL A 1 61 ? 2.006   0.359   25.187  1.00 36.70  ? 351 VAL A C   1 
ATOM 408 O O   . VAL A 1 61 ? 1.403   0.742   26.174  1.00 37.32  ? 351 VAL A O   1 
ATOM 409 C CB  . VAL A 1 61 ? 0.791   -0.924  23.385  1.00 38.10  ? 351 VAL A CB  1 
ATOM 410 C CG1 . VAL A 1 61 ? -0.048  -1.535  24.499  1.00 35.79  ? 351 VAL A CG1 1 
ATOM 411 C CG2 . VAL A 1 61 ? -0.075  -0.737  22.157  1.00 40.94  ? 351 VAL A CG2 1 
ATOM 412 N N   . VAL A 1 62 ? 3.246   -0.097  25.247  1.00 39.75  ? 352 VAL A N   1 
ATOM 413 C CA  . VAL A 1 62 ? 3.980   -0.243  26.513  1.00 41.30  ? 352 VAL A CA  1 
ATOM 414 C C   . VAL A 1 62 ? 4.344   1.111   27.126  1.00 41.90  ? 352 VAL A C   1 
ATOM 415 O O   . VAL A 1 62 ? 4.159   1.328   28.323  1.00 40.78  ? 352 VAL A O   1 
ATOM 416 C CB  . VAL A 1 62 ? 5.268   -1.055  26.297  1.00 41.25  ? 352 VAL A CB  1 
ATOM 417 C CG1 . VAL A 1 62 ? 6.122   -1.099  27.565  1.00 42.01  ? 352 VAL A CG1 1 
ATOM 418 C CG2 . VAL A 1 62 ? 4.933   -2.464  25.810  1.00 42.39  ? 352 VAL A CG2 1 
ATOM 419 N N   . LYS A 1 63 ? 4.883   1.986   26.286  1.00 45.05  ? 353 LYS A N   1 
ATOM 420 C CA  . LYS A 1 63 ? 5.169   3.402   26.630  1.00 48.14  ? 353 LYS A CA  1 
ATOM 421 C C   . LYS A 1 63 ? 3.931   4.035   27.287  1.00 46.77  ? 353 LYS A C   1 
ATOM 422 O O   . LYS A 1 63 ? 4.039   4.661   28.322  1.00 44.87  ? 353 LYS A O   1 
ATOM 423 C CB  . LYS A 1 63 ? 5.600   4.181   25.377  1.00 45.50  ? 353 LYS A CB  1 
ATOM 424 C CG  . LYS A 1 63 ? 6.683   5.208   25.599  1.00 51.85  ? 353 LYS A CG  1 
ATOM 425 C CD  . LYS A 1 63 ? 7.212   5.836   24.294  1.00 58.64  ? 353 LYS A CD  1 
ATOM 426 C CE  . LYS A 1 63 ? 7.567   4.793   23.218  1.00 65.72  ? 353 LYS A CE  1 
ATOM 427 N NZ  . LYS A 1 63 ? 8.515   5.224   22.140  1.00 65.22  ? 353 LYS A NZ  1 
ATOM 428 N N   . ASP A 1 64 ? 2.766   3.778   26.706  1.00 44.87  ? 354 ASP A N   1 
ATOM 429 C CA  . ASP A 1 64 ? 1.508   4.282   27.191  1.00 47.47  ? 354 ASP A CA  1 
ATOM 430 C C   . ASP A 1 64 ? 1.061   3.682   28.551  1.00 49.07  ? 354 ASP A C   1 
ATOM 431 O O   . ASP A 1 64 ? 0.648   4.423   29.427  1.00 55.03  ? 354 ASP A O   1 
ATOM 432 C CB  . ASP A 1 64 ? 0.436   4.050   26.120  1.00 56.19  ? 354 ASP A CB  1 
ATOM 433 C CG  . ASP A 1 64 ? -0.742  4.974   26.265  1.00 64.33  ? 354 ASP A CG  1 
ATOM 434 O OD1 . ASP A 1 64 ? -0.585  6.164   25.934  1.00 80.06  ? 354 ASP A OD1 1 
ATOM 435 O OD2 . ASP A 1 64 ? -1.826  4.527   26.691  1.00 65.81  ? 354 ASP A OD2 1 
ATOM 436 N N   . ASP A 1 65 ? 1.087   2.357   28.726  1.00 46.62  ? 355 ASP A N   1 
ATOM 437 C CA  . ASP A 1 65 ? 0.817   1.742   30.041  1.00 43.65  ? 355 ASP A CA  1 
ATOM 438 C C   . ASP A 1 65 ? 1.822   2.250   31.121  1.00 41.61  ? 355 ASP A C   1 
ATOM 439 O O   . ASP A 1 65 ? 1.453   2.436   32.260  1.00 36.91  ? 355 ASP A O   1 
ATOM 440 C CB  . ASP A 1 65 ? 0.900   0.203   29.977  1.00 46.44  ? 355 ASP A CB  1 
ATOM 441 C CG  . ASP A 1 65 ? -0.307  -0.448  29.284  1.00 50.19  ? 355 ASP A CG  1 
ATOM 442 O OD1 . ASP A 1 65 ? -0.104  -1.376  28.461  1.00 43.01  ? 355 ASP A OD1 1 
ATOM 443 O OD2 . ASP A 1 65 ? -1.460  -0.060  29.574  1.00 54.30  ? 355 ASP A OD2 1 
ATOM 444 N N   . GLY A 1 66 ? 3.089   2.436   30.754  1.00 38.80  ? 356 GLY A N   1 
ATOM 445 C CA  . GLY A 1 66 ? 4.112   2.900   31.672  1.00 39.51  ? 356 GLY A CA  1 
ATOM 446 C C   . GLY A 1 66 ? 4.699   1.796   32.538  1.00 42.70  ? 356 GLY A C   1 
ATOM 447 O O   . GLY A 1 66 ? 5.820   1.893   32.976  1.00 48.12  ? 356 GLY A O   1 
ATOM 448 N N   . SER A 1 67 ? 3.963   0.727   32.798  1.00 44.56  ? 357 SER A N   1 
ATOM 449 C CA  . SER A 1 67 ? 4.493   -0.342  33.606  1.00 45.10  ? 357 SER A CA  1 
ATOM 450 C C   . SER A 1 67 ? 3.817   -1.682  33.290  1.00 46.39  ? 357 SER A C   1 
ATOM 451 O O   . SER A 1 67 ? 2.802   -1.747  32.593  1.00 45.45  ? 357 SER A O   1 
ATOM 452 C CB  . SER A 1 67 ? 4.200   -0.023  35.056  1.00 46.19  ? 357 SER A CB  1 
ATOM 453 O OG  . SER A 1 67 ? 2.919   -0.557  35.378  1.00 48.35  ? 357 SER A OG  1 
ATOM 454 N N   . LEU A 1 68 ? 4.363   -2.735  33.879  1.00 45.20  ? 358 LEU A N   1 
ATOM 455 C CA  . LEU A 1 68 ? 3.806   -4.068  33.767  1.00 45.38  ? 358 LEU A CA  1 
ATOM 456 C C   . LEU A 1 68 ? 2.722   -4.314  34.806  1.00 51.01  ? 358 LEU A C   1 
ATOM 457 O O   . LEU A 1 68 ? 2.570   -3.547  35.771  1.00 56.57  ? 358 LEU A O   1 
ATOM 458 C CB  . LEU A 1 68 ? 4.911   -5.103  33.952  1.00 46.24  ? 358 LEU A CB  1 
ATOM 459 C CG  . LEU A 1 68 ? 6.121   -5.030  33.027  1.00 42.44  ? 358 LEU A CG  1 
ATOM 460 C CD1 . LEU A 1 68 ? 7.245   -5.895  33.589  1.00 43.70  ? 358 LEU A CD1 1 
ATOM 461 C CD2 . LEU A 1 68 ? 5.745   -5.484  31.636  1.00 43.23  ? 358 LEU A CD2 1 
ATOM 462 O OXT . LEU A 1 68 ? 1.979   -5.312  34.700  1.00 52.11  ? 358 LEU A OXT 1 
ATOM 463 N N   . HIS B 1 12 ? 12.166  7.314   -11.293 1.00 79.19  ? 302 HIS B N   1 
ATOM 464 C CA  . HIS B 1 12 ? 11.965  6.336   -12.404 1.00 82.81  ? 302 HIS B CA  1 
ATOM 465 C C   . HIS B 1 12 ? 10.497  5.971   -12.699 1.00 74.21  ? 302 HIS B C   1 
ATOM 466 O O   . HIS B 1 12 ? 10.266  5.315   -13.718 1.00 74.67  ? 302 HIS B O   1 
ATOM 467 C CB  . HIS B 1 12 ? 12.836  5.059   -12.211 1.00 90.18  ? 302 HIS B CB  1 
ATOM 468 C CG  . HIS B 1 12 ? 14.221  5.171   -12.801 1.00 107.20 ? 302 HIS B CG  1 
ATOM 469 N ND1 . HIS B 1 12 ? 14.447  5.356   -14.152 1.00 110.44 ? 302 HIS B ND1 1 
ATOM 470 C CD2 . HIS B 1 12 ? 15.447  5.133   -12.221 1.00 108.67 ? 302 HIS B CD2 1 
ATOM 471 C CE1 . HIS B 1 12 ? 15.747  5.429   -14.377 1.00 111.18 ? 302 HIS B CE1 1 
ATOM 472 N NE2 . HIS B 1 12 ? 16.377  5.296   -13.221 1.00 110.50 ? 302 HIS B NE2 1 
ATOM 473 N N   . ILE B 1 13 ? 9.516   6.372   -11.864 1.00 61.54  ? 303 ILE B N   1 
ATOM 474 C CA  . ILE B 1 13 ? 8.080   6.213   -12.245 1.00 57.05  ? 303 ILE B CA  1 
ATOM 475 C C   . ILE B 1 13 ? 7.574   7.434   -13.041 1.00 53.35  ? 303 ILE B C   1 
ATOM 476 O O   . ILE B 1 13 ? 7.435   8.519   -12.485 1.00 50.74  ? 303 ILE B O   1 
ATOM 477 C CB  . ILE B 1 13 ? 7.135   5.901   -11.056 1.00 54.52  ? 303 ILE B CB  1 
ATOM 478 C CG1 . ILE B 1 13 ? 7.480   4.537   -10.455 1.00 55.35  ? 303 ILE B CG1 1 
ATOM 479 C CG2 . ILE B 1 13 ? 5.677   5.865   -11.517 1.00 51.37  ? 303 ILE B CG2 1 
ATOM 480 C CD1 . ILE B 1 13 ? 6.764   4.214   -9.159  1.00 55.66  ? 303 ILE B CD1 1 
ATOM 481 N N   . GLN B 1 14 ? 7.244   7.192   -14.321 1.00 54.14  ? 304 GLN B N   1 
ATOM 482 C CA  . GLN B 1 14 ? 7.085   8.211   -15.384 1.00 53.39  ? 304 GLN B CA  1 
ATOM 483 C C   . GLN B 1 14 ? 5.672   8.383   -15.987 1.00 53.59  ? 304 GLN B C   1 
ATOM 484 O O   . GLN B 1 14 ? 5.415   9.328   -16.734 1.00 53.87  ? 304 GLN B O   1 
ATOM 485 C CB  . GLN B 1 14 ? 8.047   7.865   -16.517 1.00 54.12  ? 304 GLN B CB  1 
ATOM 486 C CG  . GLN B 1 14 ? 9.509   8.081   -16.146 1.00 55.30  ? 304 GLN B CG  1 
ATOM 487 C CD  . GLN B 1 14 ? 9.891   9.546   -16.059 1.00 54.25  ? 304 GLN B CD  1 
ATOM 488 O OE1 . GLN B 1 14 ? 9.229   10.422  -16.634 1.00 50.75  ? 304 GLN B OE1 1 
ATOM 489 N NE2 . GLN B 1 14 ? 10.988  9.818   -15.373 1.00 53.92  ? 304 GLN B NE2 1 
ATOM 490 N N   . ASN B 1 15 ? 4.774   7.467   -15.683 1.00 50.52  ? 305 ASN B N   1 
ATOM 491 C CA  . ASN B 1 15 ? 3.384   7.632   -16.029 1.00 50.51  ? 305 ASN B CA  1 
ATOM 492 C C   . ASN B 1 15 ? 2.537   6.781   -15.106 1.00 43.94  ? 305 ASN B C   1 
ATOM 493 O O   . ASN B 1 15 ? 3.049   5.961   -14.376 1.00 44.84  ? 305 ASN B O   1 
ATOM 494 C CB  . ASN B 1 15 ? 3.140   7.247   -17.499 1.00 51.78  ? 305 ASN B CB  1 
ATOM 495 C CG  . ASN B 1 15 ? 3.491   5.795   -17.800 1.00 52.24  ? 305 ASN B CG  1 
ATOM 496 O OD1 . ASN B 1 15 ? 2.735   4.875   -17.472 1.00 52.01  ? 305 ASN B OD1 1 
ATOM 497 N ND2 . ASN B 1 15 ? 4.634   5.584   -18.433 1.00 54.17  ? 305 ASN B ND2 1 
ATOM 498 N N   . ARG B 1 16 ? 1.237   6.971   -15.173 1.00 44.37  ? 306 ARG B N   1 
ATOM 499 C CA  . ARG B 1 16 ? 0.336   6.244   -14.318 1.00 47.36  ? 306 ARG B CA  1 
ATOM 500 C C   . ARG B 1 16 ? 0.292   4.749   -14.622 1.00 48.32  ? 306 ARG B C   1 
ATOM 501 O O   . ARG B 1 16 ? 0.296   3.941   -13.686 1.00 48.62  ? 306 ARG B O   1 
ATOM 502 C CB  . ARG B 1 16 ? -1.054  6.811   -14.427 1.00 46.72  ? 306 ARG B CB  1 
ATOM 503 C CG  . ARG B 1 16 ? -1.993  6.256   -13.391 1.00 47.30  ? 306 ARG B CG  1 
ATOM 504 C CD  . ARG B 1 16 ? -3.292  7.005   -13.429 1.00 44.73  ? 306 ARG B CD  1 
ATOM 505 N NE  . ARG B 1 16 ? -4.053  6.809   -12.215 1.00 42.37  ? 306 ARG B NE  1 
ATOM 506 C CZ  . ARG B 1 16 ? -4.792  5.734   -11.934 1.00 41.96  ? 306 ARG B CZ  1 
ATOM 507 N NH1 . ARG B 1 16 ? -4.842  4.688   -12.755 1.00 40.50  ? 306 ARG B NH1 1 
ATOM 508 N NH2 . ARG B 1 16 ? -5.490  5.710   -10.806 1.00 38.61  ? 306 ARG B NH2 1 
ATOM 509 N N   . ALA B 1 17 ? 0.200   4.393   -15.907 1.00 43.55  ? 307 ALA B N   1 
ATOM 510 C CA  . ALA B 1 17 ? 0.135   2.986   -16.338 1.00 48.50  ? 307 ALA B CA  1 
ATOM 511 C C   . ALA B 1 17 ? 1.290   2.160   -15.716 1.00 47.86  ? 307 ALA B C   1 
ATOM 512 O O   . ALA B 1 17 ? 1.104   1.011   -15.310 1.00 46.38  ? 307 ALA B O   1 
ATOM 513 C CB  . ALA B 1 17 ? 0.147   2.869   -17.875 1.00 44.04  ? 307 ALA B CB  1 
ATOM 514 N N   . GLN B 1 18 ? 2.449   2.802   -15.623 1.00 45.13  ? 308 GLN B N   1 
ATOM 515 C CA  . GLN B 1 18 ? 3.657   2.216   -15.099 1.00 51.09  ? 308 GLN B CA  1 
ATOM 516 C C   . GLN B 1 18 ? 3.606   2.059   -13.549 1.00 51.74  ? 308 GLN B C   1 
ATOM 517 O O   . GLN B 1 18 ? 4.087   1.048   -12.996 1.00 45.27  ? 308 GLN B O   1 
ATOM 518 C CB  . GLN B 1 18 ? 4.838   3.092   -15.553 1.00 51.71  ? 308 GLN B CB  1 
ATOM 519 C CG  . GLN B 1 18 ? 6.225   2.537   -15.306 1.00 56.05  ? 308 GLN B CG  1 
ATOM 520 C CD  . GLN B 1 18 ? 7.285   3.620   -15.376 1.00 63.63  ? 308 GLN B CD  1 
ATOM 521 O OE1 . GLN B 1 18 ? 7.111   4.630   -16.065 1.00 73.77  ? 308 GLN B OE1 1 
ATOM 522 N NE2 . GLN B 1 18 ? 8.388   3.425   -14.657 1.00 66.75  ? 308 GLN B NE2 1 
ATOM 523 N N   . ALA B 1 19 ? 3.037   3.060   -12.865 1.00 45.36  ? 309 ALA B N   1 
ATOM 524 C CA  . ALA B 1 19 ? 2.781   2.967   -11.417 1.00 42.65  ? 309 ALA B CA  1 
ATOM 525 C C   . ALA B 1 19 ? 1.822   1.811   -11.086 1.00 37.74  ? 309 ALA B C   1 
ATOM 526 O O   . ALA B 1 19 ? 2.053   1.074   -10.140 1.00 39.05  ? 309 ALA B O   1 
ATOM 527 C CB  . ALA B 1 19 ? 2.227   4.290   -10.872 1.00 39.43  ? 309 ALA B CB  1 
ATOM 528 N N   . VAL B 1 20 ? 0.760   1.676   -11.871 1.00 36.50  ? 310 VAL B N   1 
ATOM 529 C CA  . VAL B 1 20 ? -0.217  0.602   -11.731 1.00 38.36  ? 310 VAL B CA  1 
ATOM 530 C C   . VAL B 1 20 ? 0.445   -0.752  -11.970 1.00 38.53  ? 310 VAL B C   1 
ATOM 531 O O   . VAL B 1 20 ? 0.094   -1.697  -11.284 1.00 37.42  ? 310 VAL B O   1 
ATOM 532 C CB  . VAL B 1 20 ? -1.421  0.774   -12.710 1.00 40.06  ? 310 VAL B CB  1 
ATOM 533 C CG1 . VAL B 1 20 ? -2.362  -0.436  -12.722 1.00 40.31  ? 310 VAL B CG1 1 
ATOM 534 C CG2 . VAL B 1 20 ? -2.223  2.011   -12.376 1.00 41.46  ? 310 VAL B CG2 1 
ATOM 535 N N   . ASP B 1 21 ? 1.377   -0.841  -12.932 1.00 42.74  ? 311 ASP B N   1 
ATOM 536 C CA  . ASP B 1 21 ? 2.091   -2.120  -13.236 1.00 45.22  ? 311 ASP B CA  1 
ATOM 537 C C   . ASP B 1 21 ? 3.006   -2.522  -12.121 1.00 41.66  ? 311 ASP B C   1 
ATOM 538 O O   . ASP B 1 21 ? 3.062   -3.695  -11.773 1.00 43.92  ? 311 ASP B O   1 
ATOM 539 C CB  . ASP B 1 21 ? 2.957   -2.042  -14.514 1.00 49.56  ? 311 ASP B CB  1 
ATOM 540 C CG  . ASP B 1 21 ? 2.148   -2.197  -15.796 1.00 52.12  ? 311 ASP B CG  1 
ATOM 541 O OD1 . ASP B 1 21 ? 1.027   -2.745  -15.768 1.00 60.86  ? 311 ASP B OD1 1 
ATOM 542 O OD2 . ASP B 1 21 ? 2.657   -1.770  -16.849 1.00 58.94  ? 311 ASP B OD2 1 
ATOM 543 N N   . GLN B 1 22 ? 3.764   -1.549  -11.619 1.00 39.89  ? 312 GLN B N   1 
ATOM 544 C CA  . GLN B 1 22 ? 4.606   -1.734  -10.438 1.00 41.52  ? 312 GLN B CA  1 
ATOM 545 C C   . GLN B 1 22 ? 3.799   -2.137  -9.219  1.00 37.81  ? 312 GLN B C   1 
ATOM 546 O O   . GLN B 1 22 ? 4.174   -3.042  -8.526  1.00 38.71  ? 312 GLN B O   1 
ATOM 547 C CB  . GLN B 1 22 ? 5.414   -0.474  -10.098 1.00 44.48  ? 312 GLN B CB  1 
ATOM 548 C CG  . GLN B 1 22 ? 6.629   -0.282  -10.996 1.00 49.37  ? 312 GLN B CG  1 
ATOM 549 C CD  . GLN B 1 22 ? 7.701   0.670   -10.438 1.00 48.84  ? 312 GLN B CD  1 
ATOM 550 O OE1 . GLN B 1 22 ? 7.837   0.865   -9.221  1.00 48.78  ? 312 GLN B OE1 1 
ATOM 551 N NE2 . GLN B 1 22 ? 8.477   1.261   -11.352 1.00 49.11  ? 312 GLN B NE2 1 
ATOM 552 N N   . LEU B 1 23 ? 2.702   -1.446  -8.979  1.00 35.83  ? 313 LEU B N   1 
ATOM 553 C CA  . LEU B 1 23 ? 1.789   -1.798  -7.918  1.00 37.98  ? 313 LEU B CA  1 
ATOM 554 C C   . LEU B 1 23 ? 1.291   -3.237  -8.042  1.00 37.42  ? 313 LEU B C   1 
ATOM 555 O O   . LEU B 1 23 ? 1.315   -3.946  -7.065  1.00 33.69  ? 313 LEU B O   1 
ATOM 556 C CB  . LEU B 1 23 ? 0.599   -0.820  -7.872  1.00 36.52  ? 313 LEU B CB  1 
ATOM 557 C CG  . LEU B 1 23 ? -0.506  -1.101  -6.839  1.00 38.93  ? 313 LEU B CG  1 
ATOM 558 C CD1 . LEU B 1 23 ? 0.044   -1.238  -5.427  1.00 38.01  ? 313 LEU B CD1 1 
ATOM 559 C CD2 . LEU B 1 23 ? -1.582  -0.017  -6.859  1.00 41.10  ? 313 LEU B CD2 1 
ATOM 560 N N   . ARG B 1 24 ? 0.862   -3.650  -9.237  1.00 41.48  ? 314 ARG B N   1 
ATOM 561 C CA  . ARG B 1 24 ? 0.413   -5.034  -9.499  1.00 44.31  ? 314 ARG B CA  1 
ATOM 562 C C   . ARG B 1 24 ? 1.479   -6.122  -9.269  1.00 40.27  ? 314 ARG B C   1 
ATOM 563 O O   . ARG B 1 24 ? 1.200   -7.213  -8.755  1.00 36.57  ? 314 ARG B O   1 
ATOM 564 C CB  . ARG B 1 24 ? -0.082  -5.153  -10.920 1.00 47.78  ? 314 ARG B CB  1 
ATOM 565 C CG  . ARG B 1 24 ? -1.456  -4.581  -11.145 1.00 54.36  ? 314 ARG B CG  1 
ATOM 566 C CD  . ARG B 1 24 ? -1.709  -4.509  -12.642 1.00 61.96  ? 314 ARG B CD  1 
ATOM 567 N NE  . ARG B 1 24 ? -3.039  -4.004  -12.972 1.00 72.34  ? 314 ARG B NE  1 
ATOM 568 C CZ  . ARG B 1 24 ? -4.175  -4.699  -12.872 1.00 86.31  ? 314 ARG B CZ  1 
ATOM 569 N NH1 . ARG B 1 24 ? -4.185  -5.965  -12.435 1.00 89.57  ? 314 ARG B NH1 1 
ATOM 570 N NH2 . ARG B 1 24 ? -5.324  -4.115  -13.212 1.00 90.52  ? 314 ARG B NH2 1 
ATOM 571 N N   . ALA B 1 25 ? 2.698   -5.799  -9.654  1.00 38.44  ? 315 ALA B N   1 
ATOM 572 C CA  . ALA B 1 25 ? 3.830   -6.691  -9.457  1.00 40.68  ? 315 ALA B CA  1 
ATOM 573 C C   . ALA B 1 25 ? 4.174   -6.828  -7.974  1.00 38.53  ? 315 ALA B C   1 
ATOM 574 O O   . ALA B 1 25 ? 4.528   -7.906  -7.518  1.00 46.73  ? 315 ALA B O   1 
ATOM 575 C CB  . ALA B 1 25 ? 5.042   -6.188  -10.267 1.00 38.39  ? 315 ALA B CB  1 
ATOM 576 N N   . VAL B 1 26 ? 4.087   -5.734  -7.227  1.00 37.92  ? 316 VAL B N   1 
ATOM 577 C CA  . VAL B 1 26 ? 4.250   -5.763  -5.773  1.00 36.50  ? 316 VAL B CA  1 
ATOM 578 C C   . VAL B 1 26 ? 3.183   -6.643  -5.094  1.00 35.53  ? 316 VAL B C   1 
ATOM 579 O O   . VAL B 1 26 ? 3.512   -7.489  -4.252  1.00 35.33  ? 316 VAL B O   1 
ATOM 580 C CB  . VAL B 1 26 ? 4.258   -4.330  -5.192  1.00 40.56  ? 316 VAL B CB  1 
ATOM 581 C CG1 . VAL B 1 26 ? 4.087   -4.318  -3.686  1.00 42.40  ? 316 VAL B CG1 1 
ATOM 582 C CG2 . VAL B 1 26 ? 5.570   -3.634  -5.528  1.00 44.97  ? 316 VAL B CG2 1 
ATOM 583 N N   . ALA B 1 27 ? 1.921   -6.432  -5.459  1.00 35.44  ? 317 ALA B N   1 
ATOM 584 C CA  . ALA B 1 27 ? 0.818   -7.285  -5.037  1.00 37.22  ? 317 ALA B CA  1 
ATOM 585 C C   . ALA B 1 27 ? 1.123   -8.740  -5.341  1.00 36.10  ? 317 ALA B C   1 
ATOM 586 O O   . ALA B 1 27 ? 0.946   -9.575  -4.475  1.00 35.81  ? 317 ALA B O   1 
ATOM 587 C CB  . ALA B 1 27 ? -0.510  -6.879  -5.698  1.00 37.08  ? 317 ALA B CB  1 
ATOM 588 N N   . ARG B 1 28 ? 1.598   -9.045  -6.544  1.00 39.81  ? 318 ARG B N   1 
ATOM 589 C CA  . ARG B 1 28 ? 1.897   -10.441 -6.893  1.00 39.97  ? 318 ARG B CA  1 
ATOM 590 C C   . ARG B 1 28 ? 3.008   -10.974 -6.004  1.00 41.51  ? 318 ARG B C   1 
ATOM 591 O O   . ARG B 1 28 ? 2.889   -12.089 -5.512  1.00 39.50  ? 318 ARG B O   1 
ATOM 592 C CB  . ARG B 1 28 ? 2.236   -10.644 -8.376  1.00 45.85  ? 318 ARG B CB  1 
ATOM 593 C CG  . ARG B 1 28 ? 1.009   -10.664 -9.301  1.00 55.19  ? 318 ARG B CG  1 
ATOM 594 C CD  . ARG B 1 28 ? 1.355   -10.980 -10.757 1.00 57.89  ? 318 ARG B CD  1 
ATOM 595 N NE  . ARG B 1 28 ? 2.377   -10.049 -11.231 1.00 61.33  ? 318 ARG B NE  1 
ATOM 596 C CZ  . ARG B 1 28 ? 2.149   -8.930  -11.927 1.00 63.89  ? 318 ARG B CZ  1 
ATOM 597 N NH1 . ARG B 1 28 ? 0.918   -8.579  -12.311 1.00 60.85  ? 318 ARG B NH1 1 
ATOM 598 N NH2 . ARG B 1 28 ? 3.176   -8.157  -12.259 1.00 58.56  ? 318 ARG B NH2 1 
ATOM 599 N N   . TYR B 1 29 ? 4.054   -10.177 -5.751  1.00 38.97  ? 319 TYR B N   1 
ATOM 600 C CA  . TYR B 1 29 ? 5.145   -10.625 -4.905  1.00 36.84  ? 319 TYR B CA  1 
ATOM 601 C C   . TYR B 1 29 ? 4.673   -10.944 -3.485  1.00 37.04  ? 319 TYR B C   1 
ATOM 602 O O   . TYR B 1 29 ? 5.086   -11.948 -2.906  1.00 40.13  ? 319 TYR B O   1 
ATOM 603 C CB  . TYR B 1 29 ? 6.329   -9.632  -4.868  1.00 36.22  ? 319 TYR B CB  1 
ATOM 604 C CG  . TYR B 1 29 ? 7.453   -10.062 -3.913  1.00 34.98  ? 319 TYR B CG  1 
ATOM 605 C CD1 . TYR B 1 29 ? 8.504   -10.862 -4.348  1.00 36.17  ? 319 TYR B CD1 1 
ATOM 606 C CD2 . TYR B 1 29 ? 7.443   -9.703  -2.578  1.00 36.17  ? 319 TYR B CD2 1 
ATOM 607 C CE1 . TYR B 1 29 ? 9.526   -11.260 -3.493  1.00 31.82  ? 319 TYR B CE1 1 
ATOM 608 C CE2 . TYR B 1 29 ? 8.457   -10.117 -1.699  1.00 35.77  ? 319 TYR B CE2 1 
ATOM 609 C CZ  . TYR B 1 29 ? 9.497   -10.904 -2.159  1.00 36.37  ? 319 TYR B CZ  1 
ATOM 610 O OH  . TYR B 1 29 ? 10.500  -11.356 -1.267  1.00 38.11  ? 319 TYR B OH  1 
ATOM 611 N N   . PHE B 1 30 ? 3.856   -10.086 -2.897  1.00 37.46  ? 320 PHE B N   1 
ATOM 612 C CA  . PHE B 1 30 ? 3.498   -10.285 -1.477  1.00 35.32  ? 320 PHE B CA  1 
ATOM 613 C C   . PHE B 1 30 ? 2.431   -11.384 -1.335  1.00 34.84  ? 320 PHE B C   1 
ATOM 614 O O   . PHE B 1 30 ? 2.420   -12.115 -0.345  1.00 34.78  ? 320 PHE B O   1 
ATOM 615 C CB  . PHE B 1 30 ? 3.072   -8.958  -0.801  1.00 33.46  ? 320 PHE B CB  1 
ATOM 616 C CG  . PHE B 1 30 ? 4.232   -8.108  -0.327  1.00 35.20  ? 320 PHE B CG  1 
ATOM 617 C CD1 . PHE B 1 30 ? 5.048   -8.523  0.730   1.00 36.23  ? 320 PHE B CD1 1 
ATOM 618 C CD2 . PHE B 1 30 ? 4.524   -6.869  -0.935  1.00 38.33  ? 320 PHE B CD2 1 
ATOM 619 C CE1 . PHE B 1 30 ? 6.115   -7.724  1.175   1.00 37.60  ? 320 PHE B CE1 1 
ATOM 620 C CE2 . PHE B 1 30 ? 5.588   -6.066  -0.486  1.00 36.19  ? 320 PHE B CE2 1 
ATOM 621 C CZ  . PHE B 1 30 ? 6.388   -6.497  0.561   1.00 36.29  ? 320 PHE B CZ  1 
ATOM 622 N N   . ARG B 1 31 ? 1.538   -11.473 -2.317  1.00 38.94  ? 321 ARG B N   1 
ATOM 623 C CA  . ARG B 1 31 ? 0.568   -12.581 -2.461  1.00 43.99  ? 321 ARG B CA  1 
ATOM 624 C C   . ARG B 1 31 ? 1.313   -13.925 -2.452  1.00 43.86  ? 321 ARG B C   1 
ATOM 625 O O   . ARG B 1 31 ? 0.985   -14.818 -1.694  1.00 42.67  ? 321 ARG B O   1 
ATOM 626 C CB  . ARG B 1 31 ? -0.241  -12.407 -3.758  1.00 45.30  ? 321 ARG B CB  1 
ATOM 627 C CG  . ARG B 1 31 ? -1.329  -13.436 -4.025  1.00 56.68  ? 321 ARG B CG  1 
ATOM 628 C CD  . ARG B 1 31 ? -2.217  -13.138 -5.251  1.00 63.13  ? 321 ARG B CD  1 
ATOM 629 N NE  . ARG B 1 31 ? -2.623  -11.722 -5.364  1.00 71.38  ? 321 ARG B NE  1 
ATOM 630 C CZ  . ARG B 1 31 ? -2.415  -10.902 -6.420  1.00 78.57  ? 321 ARG B CZ  1 
ATOM 631 N NH1 . ARG B 1 31 ? -2.838  -9.628  -6.361  1.00 69.29  ? 321 ARG B NH1 1 
ATOM 632 N NH2 . ARG B 1 31 ? -1.798  -11.316 -7.542  1.00 77.70  ? 321 ARG B NH2 1 
ATOM 633 N N   . GLN B 1 32 ? 2.366   -14.020 -3.242  1.00 46.03  ? 322 GLN B N   1 
ATOM 634 C CA  . GLN B 1 32 ? 3.147   -15.261 -3.349  1.00 46.05  ? 322 GLN B CA  1 
ATOM 635 C C   . GLN B 1 32 ? 3.987   -15.513 -2.094  1.00 41.94  ? 322 GLN B C   1 
ATOM 636 O O   . GLN B 1 32 ? 4.037   -16.632 -1.648  1.00 38.48  ? 322 GLN B O   1 
ATOM 637 C CB  . GLN B 1 32 ? 4.001   -15.262 -4.624  1.00 45.38  ? 322 GLN B CB  1 
ATOM 638 C CG  . GLN B 1 32 ? 5.289   -16.066 -4.559  1.00 50.20  ? 322 GLN B CG  1 
ATOM 639 C CD  . GLN B 1 32 ? 6.059   -15.983 -5.860  1.00 51.80  ? 322 GLN B CD  1 
ATOM 640 O OE1 . GLN B 1 32 ? 7.241   -15.615 -5.898  1.00 51.72  ? 322 GLN B OE1 1 
ATOM 641 N NE2 . GLN B 1 32 ? 5.382   -16.318 -6.942  1.00 53.72  ? 322 GLN B NE2 1 
ATOM 642 N N   . THR B 1 33 ? 4.634   -14.488 -1.524  1.00 38.68  ? 323 THR B N   1 
ATOM 643 C CA  . THR B 1 33 ? 5.603   -14.727 -0.426  1.00 36.15  ? 323 THR B CA  1 
ATOM 644 C C   . THR B 1 33 ? 5.016   -14.656 0.964   1.00 34.86  ? 323 THR B C   1 
ATOM 645 O O   . THR B 1 33 ? 5.464   -15.365 1.849   1.00 31.35  ? 323 THR B O   1 
ATOM 646 C CB  . THR B 1 33 ? 6.831   -13.793 -0.521  1.00 39.51  ? 323 THR B CB  1 
ATOM 647 O OG1 . THR B 1 33 ? 6.405   -12.426 -0.628  1.00 41.51  ? 323 THR B OG1 1 
ATOM 648 C CG2 . THR B 1 33 ? 7.675   -14.172 -1.740  1.00 37.94  ? 323 THR B CG2 1 
ATOM 649 N N   . GLU B 1 34 ? 4.040   -13.769 1.168   1.00 35.97  ? 324 GLU B N   1 
ATOM 650 C CA  . GLU B 1 34 ? 3.407   -13.596 2.459   1.00 37.32  ? 324 GLU B CA  1 
ATOM 651 C C   . GLU B 1 34 ? 1.906   -13.548 2.232   1.00 38.23  ? 324 GLU B C   1 
ATOM 652 O O   . GLU B 1 34 ? 1.254   -12.520 2.549   1.00 35.57  ? 324 GLU B O   1 
ATOM 653 C CB  . GLU B 1 34 ? 3.898   -12.308 3.119   1.00 39.53  ? 324 GLU B CB  1 
ATOM 654 C CG  . GLU B 1 34 ? 5.408   -12.247 3.300   1.00 41.46  ? 324 GLU B CG  1 
ATOM 655 C CD  . GLU B 1 34 ? 5.926   -10.887 3.728   1.00 43.03  ? 324 GLU B CD  1 
ATOM 656 O OE1 . GLU B 1 34 ? 5.168   -10.025 4.202   1.00 46.74  ? 324 GLU B OE1 1 
ATOM 657 O OE2 . GLU B 1 34 ? 7.130   -10.680 3.560   1.00 49.59  ? 324 GLU B OE2 1 
ATOM 658 N N   . PRO B 1 35 ? 1.339   -14.665 1.708   1.00 37.43  ? 325 PRO B N   1 
ATOM 659 C CA  . PRO B 1 35 ? -0.069  -14.727 1.336   1.00 36.50  ? 325 PRO B CA  1 
ATOM 660 C C   . PRO B 1 35 ? -0.946  -14.418 2.521   1.00 33.29  ? 325 PRO B C   1 
ATOM 661 O O   . PRO B 1 35 ? -0.641  -14.824 3.639   1.00 31.84  ? 325 PRO B O   1 
ATOM 662 C CB  . PRO B 1 35 ? -0.269  -16.183 0.896   1.00 37.77  ? 325 PRO B CB  1 
ATOM 663 C CG  . PRO B 1 35 ? 0.749   -16.921 1.673   1.00 39.23  ? 325 PRO B CG  1 
ATOM 664 C CD  . PRO B 1 35 ? 1.943   -16.004 1.615   1.00 40.19  ? 325 PRO B CD  1 
ATOM 665 N N   . HIS B 1 36 ? -2.003  -13.647 2.264   1.00 35.50  ? 326 HIS B N   1 
ATOM 666 C CA  . HIS B 1 36 ? -2.974  -13.265 3.301   1.00 38.63  ? 326 HIS B CA  1 
ATOM 667 C C   . HIS B 1 36 ? -2.391  -12.524 4.490   1.00 36.31  ? 326 HIS B C   1 
ATOM 668 O O   . HIS B 1 36 ? -2.912  -12.634 5.587   1.00 39.78  ? 326 HIS B O   1 
ATOM 669 C CB  . HIS B 1 36 ? -3.798  -14.495 3.711   1.00 40.29  ? 326 HIS B CB  1 
ATOM 670 C CG  . HIS B 1 36 ? -4.316  -15.246 2.522   1.00 45.29  ? 326 HIS B CG  1 
ATOM 671 N ND1 . HIS B 1 36 ? -5.217  -14.690 1.630   1.00 49.56  ? 326 HIS B ND1 1 
ATOM 672 C CD2 . HIS B 1 36 ? -3.996  -16.466 2.025   1.00 41.62  ? 326 HIS B CD2 1 
ATOM 673 C CE1 . HIS B 1 36 ? -5.466  -15.556 0.659   1.00 46.54  ? 326 HIS B CE1 1 
ATOM 674 N NE2 . HIS B 1 36 ? -4.742  -16.642 0.879   1.00 46.02  ? 326 HIS B NE2 1 
ATOM 675 N N   . SER B 1 37 ? -1.329  -11.740 4.243   1.00 34.15  ? 327 SER B N   1 
ATOM 676 C CA  . SER B 1 37 ? -0.791  -10.811 5.229   1.00 31.07  ? 327 SER B CA  1 
ATOM 677 C C   . SER B 1 37 ? -1.462  -9.466  4.967   1.00 30.61  ? 327 SER B C   1 
ATOM 678 O O   . SER B 1 37 ? -1.960  -9.238  3.875   1.00 28.83  ? 327 SER B O   1 
ATOM 679 C CB  . SER B 1 37 ? 0.710   -10.636 5.039   1.00 32.15  ? 327 SER B CB  1 
ATOM 680 O OG  . SER B 1 37 ? 0.955   -10.003 3.792   1.00 33.21  ? 327 SER B OG  1 
ATOM 681 N N   . PRO B 1 38 ? -1.449  -8.553  5.951   1.00 29.92  ? 328 PRO B N   1 
ATOM 682 C CA  . PRO B 1 38 ? -1.877  -7.166  5.725   1.00 27.89  ? 328 PRO B CA  1 
ATOM 683 C C   . PRO B 1 38 ? -1.283  -6.508  4.481   1.00 29.37  ? 328 PRO B C   1 
ATOM 684 O O   . PRO B 1 38 ? -1.997  -5.890  3.709   1.00 31.15  ? 328 PRO B O   1 
ATOM 685 C CB  . PRO B 1 38 ? -1.410  -6.458  6.987   1.00 28.32  ? 328 PRO B CB  1 
ATOM 686 C CG  . PRO B 1 38 ? -1.456  -7.504  8.038   1.00 28.14  ? 328 PRO B CG  1 
ATOM 687 C CD  . PRO B 1 38 ? -1.000  -8.759  7.343   1.00 29.88  ? 328 PRO B CD  1 
ATOM 688 N N   . VAL B 1 39 ? 0.003   -6.666  4.245   1.00 30.28  ? 329 VAL B N   1 
ATOM 689 C CA  . VAL B 1 39 ? 0.591   -6.018  3.069   1.00 31.68  ? 329 VAL B CA  1 
ATOM 690 C C   . VAL B 1 39 ? 0.061   -6.582  1.743   1.00 30.96  ? 329 VAL B C   1 
ATOM 691 O O   . VAL B 1 39 ? -0.269  -5.824  0.833   1.00 29.28  ? 329 VAL B O   1 
ATOM 692 C CB  . VAL B 1 39 ? 2.140   -5.978  3.104   1.00 32.21  ? 329 VAL B CB  1 
ATOM 693 C CG1 . VAL B 1 39 ? 2.767   -7.385  3.138   1.00 33.19  ? 329 VAL B CG1 1 
ATOM 694 C CG2 . VAL B 1 39 ? 2.658   -5.175  1.907   1.00 32.69  ? 329 VAL B CG2 1 
ATOM 695 N N   . ALA B 1 40 ? -0.050  -7.899  1.634   1.00 32.90  ? 330 ALA B N   1 
ATOM 696 C CA  . ALA B 1 40 ? -0.603  -8.524  0.411   1.00 33.35  ? 330 ALA B CA  1 
ATOM 697 C C   . ALA B 1 40 ? -2.017  -8.064  0.145   1.00 32.68  ? 330 ALA B C   1 
ATOM 698 O O   . ALA B 1 40 ? -2.347  -7.657  -0.961  1.00 32.35  ? 330 ALA B O   1 
ATOM 699 C CB  . ALA B 1 40 ? -0.577  -10.054 0.510   1.00 35.01  ? 330 ALA B CB  1 
ATOM 700 N N   . TYR B 1 41 ? -2.857  -8.123  1.181   1.00 33.95  ? 331 TYR B N   1 
ATOM 701 C CA  . TYR B 1 41 ? -4.247  -7.659  1.067   1.00 35.24  ? 331 TYR B CA  1 
ATOM 702 C C   . TYR B 1 41 ? -4.399  -6.178  0.596   1.00 34.77  ? 331 TYR B C   1 
ATOM 703 O O   . TYR B 1 41 ? -5.145  -5.876  -0.347  1.00 35.25  ? 331 TYR B O   1 
ATOM 704 C CB  . TYR B 1 41 ? -4.924  -7.841  2.401   1.00 36.55  ? 331 TYR B CB  1 
ATOM 705 C CG  . TYR B 1 41 ? -6.342  -7.329  2.446   1.00 40.10  ? 331 TYR B CG  1 
ATOM 706 C CD1 . TYR B 1 41 ? -7.421  -8.128  1.976   1.00 40.32  ? 331 TYR B CD1 1 
ATOM 707 C CD2 . TYR B 1 41 ? -6.631  -6.080  2.998   1.00 36.29  ? 331 TYR B CD2 1 
ATOM 708 C CE1 . TYR B 1 41 ? -8.732  -7.675  2.062   1.00 37.06  ? 331 TYR B CE1 1 
ATOM 709 C CE2 . TYR B 1 41 ? -7.938  -5.618  3.081   1.00 37.38  ? 331 TYR B CE2 1 
ATOM 710 C CZ  . TYR B 1 41 ? -8.986  -6.409  2.602   1.00 38.60  ? 331 TYR B CZ  1 
ATOM 711 O OH  . TYR B 1 41 ? -10.269 -5.937  2.681   1.00 38.50  ? 331 TYR B OH  1 
ATOM 712 N N   . LEU B 1 42 ? -3.661  -5.286  1.245   1.00 31.11  ? 332 LEU B N   1 
ATOM 713 C CA  . LEU B 1 42 ? -3.758  -3.864  0.998   1.00 30.26  ? 332 LEU B CA  1 
ATOM 714 C C   . LEU B 1 42 ? -3.191  -3.516  -0.339  1.00 30.28  ? 332 LEU B C   1 
ATOM 715 O O   . LEU B 1 42 ? -3.735  -2.663  -1.057  1.00 30.95  ? 332 LEU B O   1 
ATOM 716 C CB  . LEU B 1 42 ? -3.086  -3.075  2.114   1.00 29.24  ? 332 LEU B CB  1 
ATOM 717 C CG  . LEU B 1 42 ? -3.875  -3.167  3.419   1.00 29.28  ? 332 LEU B CG  1 
ATOM 718 C CD1 . LEU B 1 42 ? -3.059  -2.721  4.633   1.00 29.68  ? 332 LEU B CD1 1 
ATOM 719 C CD2 . LEU B 1 42 ? -5.158  -2.365  3.323   1.00 29.82  ? 332 LEU B CD2 1 
ATOM 720 N N   . ALA B 1 43 ? -2.135  -4.209  -0.729  1.00 31.34  ? 333 ALA B N   1 
ATOM 721 C CA  . ALA B 1 43 ? -1.519  -3.908  -2.015  1.00 30.14  ? 333 ALA B CA  1 
ATOM 722 C C   . ALA B 1 43 ? -2.420  -4.442  -3.117  1.00 30.18  ? 333 ALA B C   1 
ATOM 723 O O   . ALA B 1 43 ? -2.614  -3.792  -4.128  1.00 30.62  ? 333 ALA B O   1 
ATOM 724 C CB  . ALA B 1 43 ? -0.119  -4.488  -2.069  1.00 31.25  ? 333 ALA B CB  1 
ATOM 725 N N   . ASP B 1 44 ? -2.977  -5.627  -2.934  1.00 31.87  ? 334 ASP B N   1 
ATOM 726 C CA  . ASP B 1 44 ? -3.974  -6.140  -3.883  1.00 38.51  ? 334 ASP B CA  1 
ATOM 727 C C   . ASP B 1 44 ? -5.202  -5.220  -4.000  1.00 36.63  ? 334 ASP B C   1 
ATOM 728 O O   . ASP B 1 44 ? -5.639  -4.898  -5.081  1.00 36.86  ? 334 ASP B O   1 
ATOM 729 C CB  . ASP B 1 44 ? -4.438  -7.532  -3.463  1.00 44.89  ? 334 ASP B CB  1 
ATOM 730 C CG  . ASP B 1 44 ? -5.540  -8.089  -4.384  1.00 50.67  ? 334 ASP B CG  1 
ATOM 731 O OD1 . ASP B 1 44 ? -5.211  -8.631  -5.454  1.00 49.72  ? 334 ASP B OD1 1 
ATOM 732 O OD2 . ASP B 1 44 ? -6.733  -7.997  -4.017  1.00 56.96  ? 334 ASP B OD2 1 
ATOM 733 N N   . LYS B 1 45 ? -5.724  -4.777  -2.876  1.00 33.91  ? 335 LYS B N   1 
ATOM 734 C CA  . LYS B 1 45 ? -6.862  -3.892  -2.871  1.00 36.87  ? 335 LYS B CA  1 
ATOM 735 C C   . LYS B 1 45 ? -6.563  -2.539  -3.546  1.00 35.70  ? 335 LYS B C   1 
ATOM 736 O O   . LYS B 1 45 ? -7.384  -1.994  -4.297  1.00 33.03  ? 335 LYS B O   1 
ATOM 737 C CB  . LYS B 1 45 ? -7.323  -3.675  -1.432  1.00 39.74  ? 335 LYS B CB  1 
ATOM 738 C CG  . LYS B 1 45 ? -8.684  -3.036  -1.317  1.00 45.44  ? 335 LYS B CG  1 
ATOM 739 C CD  . LYS B 1 45 ? -9.803  -3.976  -1.726  1.00 47.97  ? 335 LYS B CD  1 
ATOM 740 C CE  . LYS B 1 45 ? -10.071 -5.036  -0.674  1.00 48.61  ? 335 LYS B CE  1 
ATOM 741 N NZ  . LYS B 1 45 ? -11.325 -5.722  -1.072  1.00 51.82  ? 335 LYS B NZ  1 
ATOM 742 N N   . ALA B 1 46 ? -5.381  -2.011  -3.292  1.00 36.16  ? 336 ALA B N   1 
ATOM 743 C CA  . ALA B 1 46 ? -4.923  -0.804  -3.986  1.00 37.00  ? 336 ALA B CA  1 
ATOM 744 C C   . ALA B 1 46 ? -4.850  -1.022  -5.489  1.00 38.59  ? 336 ALA B C   1 
ATOM 745 O O   . ALA B 1 46 ? -5.221  -0.139  -6.244  1.00 38.86  ? 336 ALA B O   1 
ATOM 746 C CB  . ALA B 1 46 ? -3.577  -0.347  -3.461  1.00 35.00  ? 336 ALA B CB  1 
ATOM 747 N N   . ALA B 1 47 ? -4.375  -2.189  -5.916  1.00 40.88  ? 337 ALA B N   1 
ATOM 748 C CA  . ALA B 1 47 ? -4.317  -2.541  -7.349  1.00 43.85  ? 337 ALA B CA  1 
ATOM 749 C C   . ALA B 1 47 ? -5.700  -2.624  -7.978  1.00 43.01  ? 337 ALA B C   1 
ATOM 750 O O   . ALA B 1 47 ? -5.898  -2.147  -9.084  1.00 47.53  ? 337 ALA B O   1 
ATOM 751 C CB  . ALA B 1 47 ? -3.561  -3.858  -7.569  1.00 43.89  ? 337 ALA B CB  1 
ATOM 752 N N   . GLU B 1 48 ? -6.642  -3.224  -7.267  1.00 43.27  ? 338 GLU B N   1 
ATOM 753 C CA  . GLU B 1 48 ? -8.066  -3.248  -7.675  1.00 47.58  ? 338 GLU B CA  1 
ATOM 754 C C   . GLU B 1 48 ? -8.666  -1.830  -7.827  1.00 46.20  ? 338 GLU B C   1 
ATOM 755 O O   . GLU B 1 48 ? -9.271  -1.507  -8.841  1.00 50.42  ? 338 GLU B O   1 
ATOM 756 C CB  . GLU B 1 48 ? -8.858  -4.070  -6.648  1.00 48.60  ? 338 GLU B CB  1 
ATOM 757 C CG  . GLU B 1 48 ? -10.348 -4.187  -6.889  1.00 53.61  ? 338 GLU B CG  1 
ATOM 758 C CD  . GLU B 1 48 ? -11.069 -4.921  -5.761  1.00 55.09  ? 338 GLU B CD  1 
ATOM 759 O OE1 . GLU B 1 48 ? -10.453 -5.714  -5.008  1.00 56.35  ? 338 GLU B OE1 1 
ATOM 760 O OE2 . GLU B 1 48 ? -12.282 -4.694  -5.618  1.00 64.05  ? 338 GLU B OE2 1 
ATOM 761 N N   . TRP B 1 49 ? -8.460  -0.983  -6.824  1.00 45.92  ? 339 TRP B N   1 
ATOM 762 C CA  . TRP B 1 49 ? -9.032  0.364   -6.818  1.00 45.41  ? 339 TRP B CA  1 
ATOM 763 C C   . TRP B 1 49 ? -8.307  1.396   -7.686  1.00 46.77  ? 339 TRP B C   1 
ATOM 764 O O   . TRP B 1 49 ? -8.803  2.479   -7.875  1.00 46.71  ? 339 TRP B O   1 
ATOM 765 C CB  . TRP B 1 49 ? -9.197  0.856   -5.376  1.00 44.67  ? 339 TRP B CB  1 
ATOM 766 C CG  . TRP B 1 49 ? -10.416 0.195   -4.738  1.00 48.42  ? 339 TRP B CG  1 
ATOM 767 C CD1 . TRP B 1 49 ? -10.499 -1.084  -4.239  1.00 47.98  ? 339 TRP B CD1 1 
ATOM 768 C CD2 . TRP B 1 49 ? -11.726 0.760   -4.602  1.00 41.80  ? 339 TRP B CD2 1 
ATOM 769 N NE1 . TRP B 1 49 ? -11.765 -1.320  -3.767  1.00 47.05  ? 339 TRP B NE1 1 
ATOM 770 C CE2 . TRP B 1 49 ? -12.539 -0.211  -3.981  1.00 44.04  ? 339 TRP B CE2 1 
ATOM 771 C CE3 . TRP B 1 49 ? -12.283 1.993   -4.923  1.00 45.92  ? 339 TRP B CE3 1 
ATOM 772 C CZ2 . TRP B 1 49 ? -13.902 0.014   -3.686  1.00 43.47  ? 339 TRP B CZ2 1 
ATOM 773 C CZ3 . TRP B 1 49 ? -13.653 2.227   -4.620  1.00 46.29  ? 339 TRP B CZ3 1 
ATOM 774 C CH2 . TRP B 1 49 ? -14.432 1.240   -4.015  1.00 43.22  ? 339 TRP B CH2 1 
ATOM 775 N N   . ALA B 1 50 ? -7.155  1.040   -8.237  1.00 49.01  ? 340 ALA B N   1 
ATOM 776 C CA  . ALA B 1 50 ? -6.399  1.905   -9.116  1.00 46.16  ? 340 ALA B CA  1 
ATOM 777 C C   . ALA B 1 50 ? -7.066  2.142   -10.453 1.00 45.01  ? 340 ALA B C   1 
ATOM 778 O O   . ALA B 1 50 ? -6.792  3.155   -11.093 1.00 43.87  ? 340 ALA B O   1 
ATOM 779 C CB  . ALA B 1 50 ? -5.027  1.294   -9.349  1.00 51.02  ? 340 ALA B CB  1 
ATOM 780 N N   . ASP B 1 51 ? -7.906  1.201   -10.883 1.00 48.08  ? 341 ASP B N   1 
ATOM 781 C CA  . ASP B 1 51 ? -8.637  1.294   -12.156 1.00 50.16  ? 341 ASP B CA  1 
ATOM 782 C C   . ASP B 1 51 ? -9.995  1.998   -11.972 1.00 49.53  ? 341 ASP B C   1 
ATOM 783 O O   . ASP B 1 51 ? -10.678 2.271   -12.959 1.00 51.05  ? 341 ASP B O   1 
ATOM 784 C CB  . ASP B 1 51 ? -8.815  -0.107  -12.795 1.00 53.89  ? 341 ASP B CB  1 
ATOM 785 C CG  . ASP B 1 51 ? -7.486  -0.960  -12.812 1.00 57.89  ? 341 ASP B CG  1 
ATOM 786 O OD1 . ASP B 1 51 ? -6.337  -0.472  -13.016 1.00 57.12  ? 341 ASP B OD1 1 
ATOM 787 O OD2 . ASP B 1 51 ? -7.594  -2.164  -12.607 1.00 60.47  ? 341 ASP B OD2 1 
ATOM 788 N N   . MET B 1 52 ? -10.391 2.294   -10.728 1.00 47.06  ? 342 MET B N   1 
ATOM 789 C CA  . MET B 1 52 ? -11.665 2.995   -10.474 1.00 49.63  ? 342 MET B CA  1 
ATOM 790 C C   . MET B 1 52 ? -11.494 4.481   -10.771 1.00 42.30  ? 342 MET B C   1 
ATOM 791 O O   . MET B 1 52 ? -10.617 5.093   -10.202 1.00 36.14  ? 342 MET B O   1 
ATOM 792 C CB  . MET B 1 52 ? -12.160 2.780   -9.046  1.00 54.25  ? 342 MET B CB  1 
ATOM 793 C CG  . MET B 1 52 ? -12.980 1.505   -8.869  1.00 60.82  ? 342 MET B CG  1 
ATOM 794 S SD  . MET B 1 52 ? -14.666 1.811   -9.403  1.00 72.48  ? 342 MET B SD  1 
ATOM 795 C CE  . MET B 1 52 ? -15.302 2.778   -8.012  1.00 71.42  ? 342 MET B CE  1 
ATOM 796 N N   . PRO B 1 53 ? -12.296 5.046   -11.711 1.00 41.19  ? 343 PRO B N   1 
ATOM 797 C CA  . PRO B 1 53 ? -12.143 6.473   -12.019 1.00 41.46  ? 343 PRO B CA  1 
ATOM 798 C C   . PRO B 1 53 ? -12.737 7.401   -10.935 1.00 35.93  ? 343 PRO B C   1 
ATOM 799 O O   . PRO B 1 53 ? -13.599 6.998   -10.167 1.00 32.52  ? 343 PRO B O   1 
ATOM 800 C CB  . PRO B 1 53 ? -12.894 6.640   -13.353 1.00 41.77  ? 343 PRO B CB  1 
ATOM 801 C CG  . PRO B 1 53 ? -13.914 5.555   -13.316 1.00 42.77  ? 343 PRO B CG  1 
ATOM 802 C CD  . PRO B 1 53 ? -13.305 4.406   -12.578 1.00 42.07  ? 343 PRO B CD  1 
ATOM 803 N N   . LEU B 1 54 ? -12.222 8.625   -10.921 1.00 36.96  ? 344 LEU B N   1 
ATOM 804 C CA  . LEU B 1 54 ? -12.655 9.728   -10.058 1.00 38.16  ? 344 LEU B CA  1 
ATOM 805 C C   . LEU B 1 54 ? -14.169 9.840   -9.979  1.00 39.08  ? 344 LEU B C   1 
ATOM 806 O O   . LEU B 1 54 ? -14.738 9.825   -8.885  1.00 38.45  ? 344 LEU B O   1 
ATOM 807 C CB  . LEU B 1 54 ? -12.044 11.042  -10.532 1.00 34.51  ? 344 LEU B CB  1 
ATOM 808 C CG  . LEU B 1 54 ? -12.503 12.285  -9.770  1.00 38.66  ? 344 LEU B CG  1 
ATOM 809 C CD1 . LEU B 1 54 ? -12.337 12.168  -8.268  1.00 38.08  ? 344 LEU B CD1 1 
ATOM 810 C CD2 . LEU B 1 54 ? -11.743 13.506  -10.249 1.00 39.16  ? 344 LEU B CD2 1 
ATOM 811 N N   . HIS B 1 55 ? -14.827 9.913   -11.126 1.00 40.36  ? 345 HIS B N   1 
ATOM 812 C CA  . HIS B 1 55 ? -16.305 9.977   -11.126 1.00 42.20  ? 345 HIS B CA  1 
ATOM 813 C C   . HIS B 1 55 ? -16.994 8.816   -10.438 1.00 39.24  ? 345 HIS B C   1 
ATOM 814 O O   . HIS B 1 55 ? -18.111 8.969   -9.975  1.00 42.76  ? 345 HIS B O   1 
ATOM 815 C CB  . HIS B 1 55 ? -16.883 10.191  -12.529 1.00 46.86  ? 345 HIS B CB  1 
ATOM 816 C CG  . HIS B 1 55 ? -16.574 9.103   -13.511 1.00 45.91  ? 345 HIS B CG  1 
ATOM 817 N ND1 . HIS B 1 55 ? -17.423 8.033   -13.729 1.00 47.03  ? 345 HIS B ND1 1 
ATOM 818 C CD2 . HIS B 1 55 ? -15.527 8.942   -14.359 1.00 43.84  ? 345 HIS B CD2 1 
ATOM 819 C CE1 . HIS B 1 55 ? -16.912 7.257   -14.666 1.00 45.15  ? 345 HIS B CE1 1 
ATOM 820 N NE2 . HIS B 1 55 ? -15.762 7.786   -15.062 1.00 47.21  ? 345 HIS B NE2 1 
ATOM 821 N N   . LYS B 1 56 ? -16.346 7.669   -10.335 1.00 40.50  ? 346 LYS B N   1 
ATOM 822 C CA  . LYS B 1 56 ? -16.914 6.576   -9.536  1.00 45.30  ? 346 LYS B CA  1 
ATOM 823 C C   . LYS B 1 56 ? -16.607 6.666   -8.024  1.00 43.64  ? 346 LYS B C   1 
ATOM 824 O O   . LYS B 1 56 ? -17.530 6.574   -7.222  1.00 45.69  ? 346 LYS B O   1 
ATOM 825 C CB  . LYS B 1 56 ? -16.496 5.223   -10.116 1.00 49.13  ? 346 LYS B CB  1 
ATOM 826 C CG  . LYS B 1 56 ? -17.083 4.980   -11.508 1.00 54.54  ? 346 LYS B CG  1 
ATOM 827 C CD  . LYS B 1 56 ? -18.589 4.743   -11.455 1.00 55.96  ? 346 LYS B CD  1 
ATOM 828 C CE  . LYS B 1 56 ? -19.132 4.219   -12.780 1.00 61.36  ? 346 LYS B CE  1 
ATOM 829 N NZ  . LYS B 1 56 ? -20.622 4.316   -12.830 1.00 63.08  ? 346 LYS B NZ  1 
ATOM 830 N N   . TRP B 1 57 ? -15.341 6.862   -7.642  1.00 38.70  ? 347 TRP B N   1 
ATOM 831 C CA  . TRP B 1 57 ? -14.957 6.741   -6.233  1.00 37.41  ? 347 TRP B CA  1 
ATOM 832 C C   . TRP B 1 57 ? -15.355 7.917   -5.358  1.00 36.30  ? 347 TRP B C   1 
ATOM 833 O O   . TRP B 1 57 ? -15.638 7.765   -4.174  1.00 36.25  ? 347 TRP B O   1 
ATOM 834 C CB  . TRP B 1 57 ? -13.471 6.370   -6.021  1.00 35.88  ? 347 TRP B CB  1 
ATOM 835 C CG  . TRP B 1 57 ? -12.381 7.254   -6.528  1.00 32.36  ? 347 TRP B CG  1 
ATOM 836 C CD1 . TRP B 1 57 ? -11.590 7.004   -7.611  1.00 30.98  ? 347 TRP B CD1 1 
ATOM 837 C CD2 . TRP B 1 57 ? -11.885 8.476   -5.943  1.00 29.05  ? 347 TRP B CD2 1 
ATOM 838 N NE1 . TRP B 1 57 ? -10.671 8.001   -7.759  1.00 28.91  ? 347 TRP B NE1 1 
ATOM 839 C CE2 . TRP B 1 57 ? -10.823 8.914   -6.746  1.00 29.50  ? 347 TRP B CE2 1 
ATOM 840 C CE3 . TRP B 1 57 ? -12.240 9.237   -4.814  1.00 30.80  ? 347 TRP B CE3 1 
ATOM 841 C CZ2 . TRP B 1 57 ? -10.095 10.086  -6.462  1.00 28.95  ? 347 TRP B CZ2 1 
ATOM 842 C CZ3 . TRP B 1 57 ? -11.534 10.411  -4.531  1.00 29.67  ? 347 TRP B CZ3 1 
ATOM 843 C CH2 . TRP B 1 57 ? -10.478 10.830  -5.362  1.00 30.84  ? 347 TRP B CH2 1 
ATOM 844 N N   . LEU B 1 58 ? -15.399 9.083   -5.958  1.00 36.15  ? 348 LEU B N   1 
ATOM 845 C CA  . LEU B 1 58 ? -15.935 10.260  -5.291  1.00 38.90  ? 348 LEU B CA  1 
ATOM 846 C C   . LEU B 1 58 ? -17.324 10.048  -4.651  1.00 36.35  ? 348 LEU B C   1 
ATOM 847 O O   . LEU B 1 58 ? -17.588 10.588  -3.573  1.00 39.99  ? 348 LEU B O   1 
ATOM 848 C CB  . LEU B 1 58 ? -15.960 11.438  -6.254  1.00 37.28  ? 348 LEU B CB  1 
ATOM 849 C CG  . LEU B 1 58 ? -16.041 12.807  -5.635  1.00 38.75  ? 348 LEU B CG  1 
ATOM 850 C CD1 . LEU B 1 58 ? -14.757 13.226  -4.945  1.00 39.50  ? 348 LEU B CD1 1 
ATOM 851 C CD2 . LEU B 1 58 ? -16.380 13.786  -6.733  1.00 42.91  ? 348 LEU B CD2 1 
ATOM 852 N N   . GLU B 1 59 ? -18.184 9.261   -5.276  1.00 39.85  ? 349 GLU B N   1 
ATOM 853 C CA  . GLU B 1 59 ? -19.471 8.907   -4.657  1.00 44.37  ? 349 GLU B CA  1 
ATOM 854 C C   . GLU B 1 59 ? -19.348 7.647   -3.816  1.00 42.80  ? 349 GLU B C   1 
ATOM 855 O O   . GLU B 1 59 ? -19.940 7.601   -2.735  1.00 43.14  ? 349 GLU B O   1 
ATOM 856 C CB  . GLU B 1 59 ? -20.626 8.759   -5.683  1.00 49.36  ? 349 GLU B CB  1 
ATOM 857 C CG  . GLU B 1 59 ? -21.813 7.814   -5.274  1.00 55.11  ? 349 GLU B CG  1 
ATOM 858 C CD  . GLU B 1 59 ? -22.622 8.217   -4.001  1.00 62.42  ? 349 GLU B CD  1 
ATOM 859 O OE1 . GLU B 1 59 ? -22.320 9.259   -3.328  1.00 62.76  ? 349 GLU B OE1 1 
ATOM 860 O OE2 . GLU B 1 59 ? -23.580 7.460   -3.654  1.00 62.63  ? 349 GLU B OE2 1 
ATOM 861 N N   . SER B 1 60 ? -18.641 6.624   -4.308  1.00 39.90  ? 350 SER B N   1 
ATOM 862 C CA  . SER B 1 60 ? -18.707 5.295   -3.661  1.00 42.85  ? 350 SER B CA  1 
ATOM 863 C C   . SER B 1 60 ? -18.026 5.263   -2.282  1.00 42.68  ? 350 SER B C   1 
ATOM 864 O O   . SER B 1 60 ? -18.482 4.601   -1.370  1.00 35.75  ? 350 SER B O   1 
ATOM 865 C CB  . SER B 1 60 ? -18.163 4.181   -4.565  1.00 44.07  ? 350 SER B CB  1 
ATOM 866 O OG  . SER B 1 60 ? -16.787 4.332   -4.784  1.00 44.86  ? 350 SER B OG  1 
ATOM 867 N N   . VAL B 1 61 ? -16.978 6.049   -2.109  1.00 41.57  ? 351 VAL B N   1 
ATOM 868 C CA  . VAL B 1 61 ? -16.325 6.121   -0.814  1.00 38.73  ? 351 VAL B CA  1 
ATOM 869 C C   . VAL B 1 61 ? -17.254 6.602   0.308   1.00 38.02  ? 351 VAL B C   1 
ATOM 870 O O   . VAL B 1 61 ? -17.086 6.205   1.459   1.00 37.29  ? 351 VAL B O   1 
ATOM 871 C CB  . VAL B 1 61 ? -15.066 7.014   -0.911  1.00 41.19  ? 351 VAL B CB  1 
ATOM 872 C CG1 . VAL B 1 61 ? -14.486 7.334   0.460   1.00 38.78  ? 351 VAL B CG1 1 
ATOM 873 C CG2 . VAL B 1 61 ? -14.027 6.336   -1.809  1.00 42.98  ? 351 VAL B CG2 1 
ATOM 874 N N   . VAL B 1 62 ? -18.193 7.482   -0.027  1.00 38.42  ? 352 VAL B N   1 
ATOM 875 C CA  . VAL B 1 62 ? -19.118 8.071   0.931   1.00 38.79  ? 352 VAL B CA  1 
ATOM 876 C C   . VAL B 1 62 ? -20.573 7.670   0.628   1.00 45.26  ? 352 VAL B C   1 
ATOM 877 O O   . VAL B 1 62 ? -21.505 8.352   1.029   1.00 45.05  ? 352 VAL B O   1 
ATOM 878 C CB  . VAL B 1 62 ? -19.001 9.623   0.964   1.00 37.79  ? 352 VAL B CB  1 
ATOM 879 C CG1 . VAL B 1 62 ? -17.600 10.030  1.360   1.00 37.94  ? 352 VAL B CG1 1 
ATOM 880 C CG2 . VAL B 1 62 ? -19.375 10.279  -0.378  1.00 37.08  ? 352 VAL B CG2 1 
ATOM 881 N N   . LYS B 1 63 ? -20.784 6.566   -0.071  1.00 53.05  ? 353 LYS B N   1 
ATOM 882 C CA  . LYS B 1 63 ? -22.133 6.093   -0.291  1.00 60.73  ? 353 LYS B CA  1 
ATOM 883 C C   . LYS B 1 63 ? -22.792 5.899   1.077   1.00 62.48  ? 353 LYS B C   1 
ATOM 884 O O   . LYS B 1 63 ? -22.210 5.258   1.948   1.00 53.70  ? 353 LYS B O   1 
ATOM 885 C CB  . LYS B 1 63 ? -22.126 4.790   -1.099  1.00 69.86  ? 353 LYS B CB  1 
ATOM 886 C CG  . LYS B 1 63 ? -23.418 4.003   -1.001  1.00 78.83  ? 353 LYS B CG  1 
ATOM 887 C CD  . LYS B 1 63 ? -23.546 2.963   -2.092  1.00 87.54  ? 353 LYS B CD  1 
ATOM 888 C CE  . LYS B 1 63 ? -24.854 2.194   -1.925  1.00 92.68  ? 353 LYS B CE  1 
ATOM 889 N NZ  . LYS B 1 63 ? -25.701 2.293   -3.146  1.00 92.10  ? 353 LYS B NZ  1 
ATOM 890 N N   . ASP B 1 64 ? -23.969 6.507   1.255   1.00 73.69  ? 354 ASP B N   1 
ATOM 891 C CA  . ASP B 1 64 ? -24.850 6.232   2.387   1.00 84.45  ? 354 ASP B CA  1 
ATOM 892 C C   . ASP B 1 64 ? -26.093 5.469   1.923   1.00 82.08  ? 354 ASP B C   1 
ATOM 893 O O   . ASP B 1 64 ? -26.249 4.290   2.239   1.00 79.18  ? 354 ASP B O   1 
ATOM 894 C CB  . ASP B 1 64 ? -25.256 7.536   3.078   1.00 90.44  ? 354 ASP B CB  1 
ATOM 895 C CG  . ASP B 1 64 ? -26.015 7.294   4.380   1.00 92.31  ? 354 ASP B CG  1 
ATOM 896 O OD1 . ASP B 1 64 ? -27.115 7.872   4.527   1.00 88.25  ? 354 ASP B OD1 1 
ATOM 897 O OD2 . ASP B 1 64 ? -25.521 6.513   5.233   1.00 82.90  ? 354 ASP B OD2 1 
# 
